data_6WR3
# 
_entry.id   6WR3 
# 
_audit_conform.dict_name       mmcif_pdbx.dic 
_audit_conform.dict_version    5.380 
_audit_conform.dict_location   http://mmcif.pdb.org/dictionaries/ascii/mmcif_pdbx.dic 
# 
loop_
_database_2.database_id 
_database_2.database_code 
_database_2.pdbx_database_accession 
_database_2.pdbx_DOI 
PDB   6WR3         pdb_00006wr3 10.2210/pdb6wr3/pdb 
WWPDB D_1000248852 ?            ?                   
# 
_pdbx_database_status.status_code                     REL 
_pdbx_database_status.status_code_sf                  REL 
_pdbx_database_status.status_code_mr                  ? 
_pdbx_database_status.entry_id                        6WR3 
_pdbx_database_status.recvd_initial_deposition_date   2020-04-29 
_pdbx_database_status.SG_entry                        N 
_pdbx_database_status.deposit_site                    RCSB 
_pdbx_database_status.process_site                    RCSB 
_pdbx_database_status.status_code_cs                  ? 
_pdbx_database_status.status_code_nmr_data            ? 
_pdbx_database_status.methods_development_category    ? 
_pdbx_database_status.pdb_format_compatible           Y 
# 
loop_
_audit_author.name 
_audit_author.pdbx_ordinal 
_audit_author.identifier_ORCID 
'Simmons, C.R.'      1 0000-0002-2290-6132 
'MacCulloch, T.'     2 0000-0001-5875-3361 
'Stephanopoulos, N.' 3 0000-0001-7859-410X 
'Yan, H.'            4 0000-0001-7397-9852 
# 
_citation.abstract                  ? 
_citation.abstract_id_CAS           ? 
_citation.book_id_ISBN              ? 
_citation.book_publisher            ? 
_citation.book_publisher_city       ? 
_citation.book_title                ? 
_citation.coordinate_linkage        ? 
_citation.country                   UK 
_citation.database_id_Medline       ? 
_citation.details                   ? 
_citation.id                        primary 
_citation.journal_abbrev            'Nat Commun' 
_citation.journal_id_ASTM           ? 
_citation.journal_id_CSD            ? 
_citation.journal_id_ISSN           2041-1723 
_citation.journal_full              ? 
_citation.journal_issue             ? 
_citation.journal_volume            13 
_citation.language                  ? 
_citation.page_first                3112 
_citation.page_last                 3112 
_citation.title                     'The influence of Holliday junction sequence and dynamics on DNA crystal self-assembly.' 
_citation.year                      2022 
_citation.database_id_CSD           ? 
_citation.pdbx_database_id_DOI      10.1038/s41467-022-30779-6 
_citation.pdbx_database_id_PubMed   35662248 
_citation.unpublished_flag          ? 
# 
loop_
_citation_author.citation_id 
_citation_author.name 
_citation_author.ordinal 
_citation_author.identifier_ORCID 
primary 'Simmons, C.R.'      1  ?                   
primary 'MacCulloch, T.'     2  ?                   
primary 'Krepl, M.'          3  0000-0002-9833-4281 
primary 'Matthies, M.'       4  ?                   
primary 'Buchberger, A.'     5  ?                   
primary 'Crawford, I.'       6  ?                   
primary 'Sponer, J.'         7  0000-0001-6558-6186 
primary 'Sulc, P.'           8  0000-0003-1565-6769 
primary 'Stephanopoulos, N.' 9  0000-0001-7859-410X 
primary 'Yan, H.'            10 0000-0001-7397-9852 
# 
_cell.angle_alpha                  90.000 
_cell.angle_alpha_esd              ? 
_cell.angle_beta                   90.000 
_cell.angle_beta_esd               ? 
_cell.angle_gamma                  120.000 
_cell.angle_gamma_esd              ? 
_cell.entry_id                     6WR3 
_cell.details                      ? 
_cell.formula_units_Z              ? 
_cell.length_a                     68.816 
_cell.length_a_esd                 ? 
_cell.length_b                     68.816 
_cell.length_b_esd                 ? 
_cell.length_c                     60.564 
_cell.length_c_esd                 ? 
_cell.volume                       ? 
_cell.volume_esd                   ? 
_cell.Z_PDB                        3 
_cell.reciprocal_angle_alpha       ? 
_cell.reciprocal_angle_beta        ? 
_cell.reciprocal_angle_gamma       ? 
_cell.reciprocal_angle_alpha_esd   ? 
_cell.reciprocal_angle_beta_esd    ? 
_cell.reciprocal_angle_gamma_esd   ? 
_cell.reciprocal_length_a          ? 
_cell.reciprocal_length_b          ? 
_cell.reciprocal_length_c          ? 
_cell.reciprocal_length_a_esd      ? 
_cell.reciprocal_length_b_esd      ? 
_cell.reciprocal_length_c_esd      ? 
_cell.pdbx_unique_axis             ? 
# 
_symmetry.entry_id                         6WR3 
_symmetry.cell_setting                     ? 
_symmetry.Int_Tables_number                145 
_symmetry.space_group_name_Hall            ? 
_symmetry.space_group_name_H-M             'P 32' 
_symmetry.pdbx_full_space_group_name_H-M   ? 
# 
loop_
_entity.id 
_entity.type 
_entity.src_method 
_entity.pdbx_description 
_entity.formula_weight 
_entity.pdbx_number_of_molecules 
_entity.pdbx_ec 
_entity.pdbx_mutation 
_entity.pdbx_fragment 
_entity.details 
1 polymer     syn 
;DNA (5'-D(*GP*AP*GP*CP*AP*GP*AP*CP*GP*TP*GP*AP*CP*AP*CP*CP*AP*CP*TP*CP*A)-3')
;
6426.176 1 ? ? ? ? 
2 polymer     syn 
;DNA (5'-D(P*TP*GP*TP*CP*A)-3')
;
1495.023 1 ? ? ? ? 
3 polymer     syn 
;DNA (5'-D(*TP*CP*TP*GP*AP*GP*TP*GP*G)-3')
;
2786.833 1 ? ? ? ? 
4 polymer     syn 
;DNA (5'-D(P*CP*GP*TP*CP*TP*GP*C)-3')
;
2089.385 1 ? ? ? ? 
5 non-polymer syn 'CACODYLATE ION'                                                                136.989  3 ? ? ? ? 
# 
loop_
_entity_poly.entity_id 
_entity_poly.type 
_entity_poly.nstd_linkage 
_entity_poly.nstd_monomer 
_entity_poly.pdbx_seq_one_letter_code 
_entity_poly.pdbx_seq_one_letter_code_can 
_entity_poly.pdbx_strand_id 
_entity_poly.pdbx_target_identifier 
1 polydeoxyribonucleotide no no 
;(DG)(DA)(DG)(DC)(DA)(DG)(DA)(DC)(DG)(DT)(DG)(DA)(DC)(DA)(DC)(DC)(DA)(DC)(DT)(DC)
(DA)
;
GAGCAGACGTGACACCACTCA A ? 
2 polydeoxyribonucleotide no no '(DT)(DG)(DT)(DC)(DA)'                                                                  TGTCA B ? 
3 polydeoxyribonucleotide no no '(DT)(DC)(DT)(DG)(DA)(DG)(DT)(DG)(DG)'                                                  TCTGAGTGG 
C ? 
4 polydeoxyribonucleotide no no '(DC)(DG)(DT)(DC)(DT)(DG)(DC)'                                                          CGTCTGC D 
? 
# 
loop_
_entity_poly_seq.entity_id 
_entity_poly_seq.num 
_entity_poly_seq.mon_id 
_entity_poly_seq.hetero 
1 1  DG n 
1 2  DA n 
1 3  DG n 
1 4  DC n 
1 5  DA n 
1 6  DG n 
1 7  DA n 
1 8  DC n 
1 9  DG n 
1 10 DT n 
1 11 DG n 
1 12 DA n 
1 13 DC n 
1 14 DA n 
1 15 DC n 
1 16 DC n 
1 17 DA n 
1 18 DC n 
1 19 DT n 
1 20 DC n 
1 21 DA n 
2 1  DT n 
2 2  DG n 
2 3  DT n 
2 4  DC n 
2 5  DA n 
3 1  DT n 
3 2  DC n 
3 3  DT n 
3 4  DG n 
3 5  DA n 
3 6  DG n 
3 7  DT n 
3 8  DG n 
3 9  DG n 
4 1  DC n 
4 2  DG n 
4 3  DT n 
4 4  DC n 
4 5  DT n 
4 6  DG n 
4 7  DC n 
# 
loop_
_pdbx_entity_src_syn.entity_id 
_pdbx_entity_src_syn.pdbx_src_id 
_pdbx_entity_src_syn.pdbx_alt_source_flag 
_pdbx_entity_src_syn.pdbx_beg_seq_num 
_pdbx_entity_src_syn.pdbx_end_seq_num 
_pdbx_entity_src_syn.organism_scientific 
_pdbx_entity_src_syn.organism_common_name 
_pdbx_entity_src_syn.ncbi_taxonomy_id 
_pdbx_entity_src_syn.details 
1 1 sample 1 21 'synthetic construct' ? 32630 ? 
2 1 sample 1 5  'synthetic construct' ? 32630 ? 
3 1 sample 1 9  'synthetic construct' ? 32630 ? 
4 1 sample 1 7  'synthetic construct' ? 32630 ? 
# 
loop_
_struct_ref.id 
_struct_ref.db_name 
_struct_ref.db_code 
_struct_ref.pdbx_db_accession 
_struct_ref.pdbx_db_isoform 
_struct_ref.entity_id 
_struct_ref.pdbx_seq_one_letter_code 
_struct_ref.pdbx_align_begin 
1 PDB 6WR3 6WR3 ? 1 ? 1 
2 PDB 6WR3 6WR3 ? 2 ? 1 
3 PDB 6WR3 6WR3 ? 3 ? 1 
4 PDB 6WR3 6WR3 ? 4 ? 1 
# 
loop_
_struct_ref_seq.align_id 
_struct_ref_seq.ref_id 
_struct_ref_seq.pdbx_PDB_id_code 
_struct_ref_seq.pdbx_strand_id 
_struct_ref_seq.seq_align_beg 
_struct_ref_seq.pdbx_seq_align_beg_ins_code 
_struct_ref_seq.seq_align_end 
_struct_ref_seq.pdbx_seq_align_end_ins_code 
_struct_ref_seq.pdbx_db_accession 
_struct_ref_seq.db_align_beg 
_struct_ref_seq.pdbx_db_align_beg_ins_code 
_struct_ref_seq.db_align_end 
_struct_ref_seq.pdbx_db_align_end_ins_code 
_struct_ref_seq.pdbx_auth_seq_align_beg 
_struct_ref_seq.pdbx_auth_seq_align_end 
1 1 6WR3 A 1 ? 21 ? 6WR3 1  ? 21 ? 1  21 
2 2 6WR3 B 1 ? 5  ? 6WR3 1  ? 5  ? 1  5  
3 3 6WR3 C 1 ? 9  ? 6WR3 1  ? 9  ? 1  9  
4 4 6WR3 D 1 ? 7  ? 6WR3 10 ? 16 ? 10 16 
# 
loop_
_chem_comp.id 
_chem_comp.type 
_chem_comp.mon_nstd_flag 
_chem_comp.name 
_chem_comp.pdbx_synonyms 
_chem_comp.formula 
_chem_comp.formula_weight 
CAC non-polymer   . 'CACODYLATE ION'                     dimethylarsinate 'C2 H6 As O2 -1'  136.989 
DA  'DNA linking' y "2'-DEOXYADENOSINE-5'-MONOPHOSPHATE" ?                'C10 H14 N5 O6 P' 331.222 
DC  'DNA linking' y "2'-DEOXYCYTIDINE-5'-MONOPHOSPHATE"  ?                'C9 H14 N3 O7 P'  307.197 
DG  'DNA linking' y "2'-DEOXYGUANOSINE-5'-MONOPHOSPHATE" ?                'C10 H14 N5 O7 P' 347.221 
DT  'DNA linking' y "THYMIDINE-5'-MONOPHOSPHATE"         ?                'C10 H15 N2 O8 P' 322.208 
# 
_exptl.absorpt_coefficient_mu     ? 
_exptl.absorpt_correction_T_max   ? 
_exptl.absorpt_correction_T_min   ? 
_exptl.absorpt_correction_type    ? 
_exptl.absorpt_process_details    ? 
_exptl.entry_id                   6WR3 
_exptl.crystals_number            1 
_exptl.details                    ? 
_exptl.method                     'X-RAY DIFFRACTION' 
_exptl.method_details             ? 
# 
_exptl_crystal.colour                      ? 
_exptl_crystal.density_diffrn              ? 
_exptl_crystal.density_Matthews            6.47 
_exptl_crystal.density_method              ? 
_exptl_crystal.density_percent_sol         80.99 
_exptl_crystal.description                 ? 
_exptl_crystal.F_000                       ? 
_exptl_crystal.id                          1 
_exptl_crystal.preparation                 ? 
_exptl_crystal.size_max                    ? 
_exptl_crystal.size_mid                    ? 
_exptl_crystal.size_min                    ? 
_exptl_crystal.size_rad                    ? 
_exptl_crystal.colour_lustre               ? 
_exptl_crystal.colour_modifier             ? 
_exptl_crystal.colour_primary              ? 
_exptl_crystal.density_meas                ? 
_exptl_crystal.density_meas_esd            ? 
_exptl_crystal.density_meas_gt             ? 
_exptl_crystal.density_meas_lt             ? 
_exptl_crystal.density_meas_temp           ? 
_exptl_crystal.density_meas_temp_esd       ? 
_exptl_crystal.density_meas_temp_gt        ? 
_exptl_crystal.density_meas_temp_lt        ? 
_exptl_crystal.pdbx_crystal_image_url      ? 
_exptl_crystal.pdbx_crystal_image_format   ? 
_exptl_crystal.pdbx_mosaicity              ? 
_exptl_crystal.pdbx_mosaicity_esd          ? 
# 
_exptl_crystal_grow.apparatus       ? 
_exptl_crystal_grow.atmosphere      ? 
_exptl_crystal_grow.crystal_id      1 
_exptl_crystal_grow.details         ? 
_exptl_crystal_grow.method          'VAPOR DIFFUSION, SITTING DROP' 
_exptl_crystal_grow.method_ref      ? 
_exptl_crystal_grow.pH              ? 
_exptl_crystal_grow.pressure        ? 
_exptl_crystal_grow.pressure_esd    ? 
_exptl_crystal_grow.seeding         ? 
_exptl_crystal_grow.seeding_ref     ? 
_exptl_crystal_grow.temp            298 
_exptl_crystal_grow.temp_details    'temperature gradient generated from 60 to 25 C at 0.3 degrees per hour' 
_exptl_crystal_grow.temp_esd        ? 
_exptl_crystal_grow.time            ? 
_exptl_crystal_grow.pdbx_details    
;0.5 mL of 0.05 M Cacodylate pH 7.0 with20 mM MgCl2, 1.0 mM spermine, 1.0 mM CoH18N6, and 15% Ethanol was added to the reservoir with 2 uL added to the drop containing 4 uL of DNA stock
;
_exptl_crystal_grow.pdbx_pH_range   ? 
# 
_diffrn.ambient_environment              ? 
_diffrn.ambient_temp                     100 
_diffrn.ambient_temp_details             ? 
_diffrn.ambient_temp_esd                 ? 
_diffrn.crystal_id                       1 
_diffrn.crystal_support                  ? 
_diffrn.crystal_treatment                ? 
_diffrn.details                          ? 
_diffrn.id                               1 
_diffrn.ambient_pressure                 ? 
_diffrn.ambient_pressure_esd             ? 
_diffrn.ambient_pressure_gt              ? 
_diffrn.ambient_pressure_lt              ? 
_diffrn.ambient_temp_gt                  ? 
_diffrn.ambient_temp_lt                  ? 
_diffrn.pdbx_serial_crystal_experiment   N 
# 
_diffrn_detector.details                      ? 
_diffrn_detector.detector                     PIXEL 
_diffrn_detector.diffrn_id                    1 
_diffrn_detector.type                         'DECTRIS PILATUS3 S 6M' 
_diffrn_detector.area_resol_mean              ? 
_diffrn_detector.dtime                        ? 
_diffrn_detector.pdbx_frames_total            ? 
_diffrn_detector.pdbx_collection_time_total   ? 
_diffrn_detector.pdbx_collection_date         2018-04-15 
_diffrn_detector.pdbx_frequency               ? 
# 
_diffrn_radiation.collimation                      ? 
_diffrn_radiation.diffrn_id                        1 
_diffrn_radiation.filter_edge                      ? 
_diffrn_radiation.inhomogeneity                    ? 
_diffrn_radiation.monochromator                    ? 
_diffrn_radiation.polarisn_norm                    ? 
_diffrn_radiation.polarisn_ratio                   ? 
_diffrn_radiation.probe                            ? 
_diffrn_radiation.type                             ? 
_diffrn_radiation.xray_symbol                      ? 
_diffrn_radiation.wavelength_id                    1 
_diffrn_radiation.pdbx_monochromatic_or_laue_m_l   M 
_diffrn_radiation.pdbx_wavelength_list             ? 
_diffrn_radiation.pdbx_wavelength                  ? 
_diffrn_radiation.pdbx_diffrn_protocol             'SINGLE WAVELENGTH' 
_diffrn_radiation.pdbx_analyzer                    ? 
_diffrn_radiation.pdbx_scattering_type             x-ray 
# 
_diffrn_radiation_wavelength.id           1 
_diffrn_radiation_wavelength.wavelength   0.92 
_diffrn_radiation_wavelength.wt           1.0 
# 
_diffrn_source.current                     ? 
_diffrn_source.details                     ? 
_diffrn_source.diffrn_id                   1 
_diffrn_source.power                       ? 
_diffrn_source.size                        ? 
_diffrn_source.source                      SYNCHROTRON 
_diffrn_source.target                      ? 
_diffrn_source.type                        'ALS BEAMLINE 5.0.2' 
_diffrn_source.voltage                     ? 
_diffrn_source.take-off_angle              ? 
_diffrn_source.pdbx_wavelength_list        0.92 
_diffrn_source.pdbx_wavelength             ? 
_diffrn_source.pdbx_synchrotron_beamline   5.0.2 
_diffrn_source.pdbx_synchrotron_site       ALS 
# 
_reflns.B_iso_Wilson_estimate            105.680 
_reflns.entry_id                         6WR3 
_reflns.data_reduction_details           ? 
_reflns.data_reduction_method            ? 
_reflns.d_resolution_high                3.150 
_reflns.d_resolution_low                 50.000 
_reflns.details                          ? 
_reflns.limit_h_max                      ? 
_reflns.limit_h_min                      ? 
_reflns.limit_k_max                      ? 
_reflns.limit_k_min                      ? 
_reflns.limit_l_max                      ? 
_reflns.limit_l_min                      ? 
_reflns.number_all                       ? 
_reflns.number_obs                       4722 
_reflns.observed_criterion               ? 
_reflns.observed_criterion_F_max         ? 
_reflns.observed_criterion_F_min         ? 
_reflns.observed_criterion_I_max         ? 
_reflns.observed_criterion_I_min         ? 
_reflns.observed_criterion_sigma_F       ? 
_reflns.observed_criterion_sigma_I       ? 
_reflns.percent_possible_obs             87.300 
_reflns.R_free_details                   ? 
_reflns.Rmerge_F_all                     ? 
_reflns.Rmerge_F_obs                     ? 
_reflns.Friedel_coverage                 ? 
_reflns.number_gt                        ? 
_reflns.threshold_expression             ? 
_reflns.pdbx_redundancy                  8.900 
_reflns.pdbx_Rmerge_I_obs                0.119 
_reflns.pdbx_Rmerge_I_all                ? 
_reflns.pdbx_Rsym_value                  ? 
_reflns.pdbx_netI_over_av_sigmaI         ? 
_reflns.pdbx_netI_over_sigmaI            6.000 
_reflns.pdbx_res_netI_over_av_sigmaI_2   ? 
_reflns.pdbx_res_netI_over_sigmaI_2      ? 
_reflns.pdbx_chi_squared                 2.194 
_reflns.pdbx_scaling_rejects             ? 
_reflns.pdbx_d_res_high_opt              ? 
_reflns.pdbx_d_res_low_opt               ? 
_reflns.pdbx_d_res_opt_method            ? 
_reflns.phase_calculation_details        ? 
_reflns.pdbx_Rrim_I_all                  0.127 
_reflns.pdbx_Rpim_I_all                  0.042 
_reflns.pdbx_d_opt                       ? 
_reflns.pdbx_number_measured_all         ? 
_reflns.pdbx_diffrn_id                   1 
_reflns.pdbx_ordinal                     1 
_reflns.pdbx_CC_half                     0.996 
_reflns.pdbx_CC_star                     ? 
_reflns.pdbx_R_split                     ? 
# 
loop_
_reflns_shell.d_res_high 
_reflns_shell.d_res_low 
_reflns_shell.meanI_over_sigI_all 
_reflns_shell.meanI_over_sigI_obs 
_reflns_shell.number_measured_all 
_reflns_shell.number_measured_obs 
_reflns_shell.number_possible 
_reflns_shell.number_unique_all 
_reflns_shell.number_unique_obs 
_reflns_shell.percent_possible_all 
_reflns_shell.percent_possible_obs 
_reflns_shell.Rmerge_F_all 
_reflns_shell.Rmerge_F_obs 
_reflns_shell.Rmerge_I_all 
_reflns_shell.Rmerge_I_obs 
_reflns_shell.meanI_over_sigI_gt 
_reflns_shell.meanI_over_uI_all 
_reflns_shell.meanI_over_uI_gt 
_reflns_shell.number_measured_gt 
_reflns_shell.number_unique_gt 
_reflns_shell.percent_possible_gt 
_reflns_shell.Rmerge_F_gt 
_reflns_shell.Rmerge_I_gt 
_reflns_shell.pdbx_redundancy 
_reflns_shell.pdbx_Rsym_value 
_reflns_shell.pdbx_chi_squared 
_reflns_shell.pdbx_netI_over_sigmaI_all 
_reflns_shell.pdbx_netI_over_sigmaI_obs 
_reflns_shell.pdbx_Rrim_I_all 
_reflns_shell.pdbx_Rpim_I_all 
_reflns_shell.pdbx_rejects 
_reflns_shell.pdbx_ordinal 
_reflns_shell.pdbx_diffrn_id 
_reflns_shell.pdbx_CC_half 
_reflns_shell.pdbx_CC_star 
_reflns_shell.pdbx_R_split 
3.150 3.200  ? ? ? ? ? ? 154 55.000  ? ? ? ? 0.382 ? ? ? ? ? ? ? ? 5.600  ? 0.621 ? ? 0.414 0.154 ? 1  1 0.930 ? ? 
3.200 3.260  ? ? ? ? ? ? 163 60.400  ? ? ? ? 0.209 ? ? ? ? ? ? ? ? 6.400  ? 1.271 ? ? 0.224 0.078 ? 2  1 0.974 ? ? 
3.260 3.330  ? ? ? ? ? ? 170 63.900  ? ? ? ? 0.392 ? ? ? ? ? ? ? ? 6.100  ? 0.742 ? ? 0.421 0.148 ? 3  1 0.913 ? ? 
3.330 3.390  ? ? ? ? ? ? 205 70.700  ? ? ? ? 0.316 ? ? ? ? ? ? ? ? 6.600  ? 0.865 ? ? 0.339 0.118 ? 4  1 0.966 ? ? 
3.390 3.470  ? ? ? ? ? ? 194 72.700  ? ? ? ? 0.463 ? ? ? ? ? ? ? ? 7.000  ? 0.923 ? ? 0.496 0.175 ? 5  1 0.942 ? ? 
3.470 3.550  ? ? ? ? ? ? 189 73.800  ? ? ? ? 0.465 ? ? ? ? ? ? ? ? 7.000  ? 0.645 ? ? 0.496 0.170 ? 6  1 0.933 ? ? 
3.550 3.640  ? ? ? ? ? ? 223 79.100  ? ? ? ? 0.554 ? ? ? ? ? ? ? ? 7.300  ? 0.726 ? ? 0.595 0.210 ? 7  1 0.885 ? ? 
3.640 3.730  ? ? ? ? ? ? 221 83.700  ? ? ? ? 0.787 ? ? ? ? ? ? ? ? 7.900  ? 0.656 ? ? 0.841 0.289 ? 8  1 0.771 ? ? 
3.730 3.840  ? ? ? ? ? ? 236 92.500  ? ? ? ? 0.605 ? ? ? ? ? ? ? ? 7.700  ? 0.693 ? ? 0.647 0.222 ? 9  1 0.881 ? ? 
3.840 3.970  ? ? ? ? ? ? 288 99.000  ? ? ? ? 0.582 ? ? ? ? ? ? ? ? 8.200  ? 0.950 ? ? 0.621 0.211 ? 10 1 0.896 ? ? 
3.970 4.110  ? ? ? ? ? ? 263 100.000 ? ? ? ? 0.482 ? ? ? ? ? ? ? ? 9.800  ? 0.946 ? ? 0.508 0.161 ? 11 1 0.935 ? ? 
4.110 4.270  ? ? ? ? ? ? 281 100.000 ? ? ? ? 0.464 ? ? ? ? ? ? ? ? 10.300 ? 0.913 ? ? 0.489 0.152 ? 12 1 0.946 ? ? 
4.270 4.470  ? ? ? ? ? ? 248 100.000 ? ? ? ? 0.434 ? ? ? ? ? ? ? ? 10.500 ? 1.059 ? ? 0.457 0.141 ? 13 1 0.949 ? ? 
4.470 4.700  ? ? ? ? ? ? 272 100.000 ? ? ? ? 0.353 ? ? ? ? ? ? ? ? 10.500 ? 1.335 ? ? 0.371 0.114 ? 14 1 0.957 ? ? 
4.700 5.000  ? ? ? ? ? ? 273 100.000 ? ? ? ? 0.268 ? ? ? ? ? ? ? ? 10.000 ? 1.974 ? ? 0.283 0.090 ? 15 1 0.977 ? ? 
5.000 5.380  ? ? ? ? ? ? 273 100.000 ? ? ? ? 0.188 ? ? ? ? ? ? ? ? 10.300 ? 3.281 ? ? 0.198 0.061 ? 16 1 0.981 ? ? 
5.380 5.930  ? ? ? ? ? ? 275 100.000 ? ? ? ? 0.161 ? ? ? ? ? ? ? ? 11.000 ? 4.287 ? ? 0.169 0.051 ? 17 1 0.980 ? ? 
5.930 6.780  ? ? ? ? ? ? 267 100.000 ? ? ? ? 0.151 ? ? ? ? ? ? ? ? 10.600 ? 4.607 ? ? 0.159 0.049 ? 18 1 0.986 ? ? 
6.780 8.540  ? ? ? ? ? ? 266 99.600  ? ? ? ? 0.101 ? ? ? ? ? ? ? ? 9.900  ? 5.165 ? ? 0.108 0.035 ? 19 1 0.991 ? ? 
8.540 50.000 ? ? ? ? ? ? 261 96.000  ? ? ? ? 0.074 ? ? ? ? ? ? ? ? 9.500  ? 5.471 ? ? 0.080 0.028 ? 20 1 0.995 ? ? 
# 
_refine.aniso_B[1][1]                            ? 
_refine.aniso_B[1][2]                            ? 
_refine.aniso_B[1][3]                            ? 
_refine.aniso_B[2][2]                            ? 
_refine.aniso_B[2][3]                            ? 
_refine.aniso_B[3][3]                            ? 
_refine.B_iso_max                                212.470 
_refine.B_iso_mean                               116.7166 
_refine.B_iso_min                                65.070 
_refine.correlation_coeff_Fo_to_Fc               ? 
_refine.correlation_coeff_Fo_to_Fc_free          ? 
_refine.details                                  ? 
_refine.diff_density_max                         ? 
_refine.diff_density_max_esd                     ? 
_refine.diff_density_min                         ? 
_refine.diff_density_min_esd                     ? 
_refine.diff_density_rms                         ? 
_refine.diff_density_rms_esd                     ? 
_refine.entry_id                                 6WR3 
_refine.pdbx_refine_id                           'X-RAY DIFFRACTION' 
_refine.ls_abs_structure_details                 ? 
_refine.ls_abs_structure_Flack                   ? 
_refine.ls_abs_structure_Flack_esd               ? 
_refine.ls_abs_structure_Rogers                  ? 
_refine.ls_abs_structure_Rogers_esd              ? 
_refine.ls_d_res_high                            3.1730 
_refine.ls_d_res_low                             34.4080 
_refine.ls_extinction_coef                       ? 
_refine.ls_extinction_coef_esd                   ? 
_refine.ls_extinction_expression                 ? 
_refine.ls_extinction_method                     ? 
_refine.ls_goodness_of_fit_all                   ? 
_refine.ls_goodness_of_fit_all_esd               ? 
_refine.ls_goodness_of_fit_obs                   ? 
_refine.ls_goodness_of_fit_obs_esd               ? 
_refine.ls_hydrogen_treatment                    ? 
_refine.ls_matrix_type                           ? 
_refine.ls_number_constraints                    ? 
_refine.ls_number_parameters                     ? 
_refine.ls_number_reflns_all                     ? 
_refine.ls_number_reflns_obs                     4706 
_refine.ls_number_reflns_R_free                  558 
_refine.ls_number_reflns_R_work                  ? 
_refine.ls_number_restraints                     ? 
_refine.ls_percent_reflns_obs                    86.4600 
_refine.ls_percent_reflns_R_free                 11.8600 
_refine.ls_R_factor_all                          ? 
_refine.ls_R_factor_obs                          0.2485 
_refine.ls_R_factor_R_free                       0.2552 
_refine.ls_R_factor_R_free_error                 ? 
_refine.ls_R_factor_R_free_error_details         ? 
_refine.ls_R_factor_R_work                       0.2475 
_refine.ls_R_Fsqd_factor_obs                     ? 
_refine.ls_R_I_factor_obs                        ? 
_refine.ls_redundancy_reflns_all                 ? 
_refine.ls_redundancy_reflns_obs                 ? 
_refine.ls_restrained_S_all                      ? 
_refine.ls_restrained_S_obs                      ? 
_refine.ls_shift_over_esd_max                    ? 
_refine.ls_shift_over_esd_mean                   ? 
_refine.ls_structure_factor_coef                 ? 
_refine.ls_weighting_details                     ? 
_refine.ls_weighting_scheme                      ? 
_refine.ls_wR_factor_all                         ? 
_refine.ls_wR_factor_obs                         ? 
_refine.ls_wR_factor_R_free                      ? 
_refine.ls_wR_factor_R_work                      ? 
_refine.occupancy_max                            ? 
_refine.occupancy_min                            ? 
_refine.solvent_model_details                    ? 
_refine.solvent_model_param_bsol                 ? 
_refine.solvent_model_param_ksol                 ? 
_refine.pdbx_R_complete                          ? 
_refine.ls_R_factor_gt                           ? 
_refine.ls_goodness_of_fit_gt                    ? 
_refine.ls_goodness_of_fit_ref                   ? 
_refine.ls_shift_over_su_max                     ? 
_refine.ls_shift_over_su_max_lt                  ? 
_refine.ls_shift_over_su_mean                    ? 
_refine.ls_shift_over_su_mean_lt                 ? 
_refine.pdbx_ls_sigma_I                          ? 
_refine.pdbx_ls_sigma_F                          1.980 
_refine.pdbx_ls_sigma_Fsqd                       ? 
_refine.pdbx_data_cutoff_high_absF               ? 
_refine.pdbx_data_cutoff_high_rms_absF           ? 
_refine.pdbx_data_cutoff_low_absF                ? 
_refine.pdbx_isotropic_thermal_model             ? 
_refine.pdbx_ls_cross_valid_method               THROUGHOUT 
_refine.pdbx_method_to_determine_struct          'MOLECULAR REPLACEMENT' 
_refine.pdbx_starting_model                      5KEK 
_refine.pdbx_stereochemistry_target_values       ? 
_refine.pdbx_R_Free_selection_details            ? 
_refine.pdbx_stereochem_target_val_spec_case     ? 
_refine.pdbx_overall_ESU_R                       ? 
_refine.pdbx_overall_ESU_R_Free                  ? 
_refine.pdbx_solvent_vdw_probe_radii             1.1100 
_refine.pdbx_solvent_ion_probe_radii             ? 
_refine.pdbx_solvent_shrinkage_radii             0.9000 
_refine.pdbx_real_space_R                        ? 
_refine.pdbx_density_correlation                 ? 
_refine.pdbx_pd_number_of_powder_patterns        ? 
_refine.pdbx_pd_number_of_points                 ? 
_refine.pdbx_pd_meas_number_of_points            ? 
_refine.pdbx_pd_proc_ls_prof_R_factor            ? 
_refine.pdbx_pd_proc_ls_prof_wR_factor           ? 
_refine.pdbx_pd_Marquardt_correlation_coeff      ? 
_refine.pdbx_pd_Fsqrd_R_factor                   ? 
_refine.pdbx_pd_ls_matrix_band_width             ? 
_refine.pdbx_overall_phase_error                 52.4300 
_refine.pdbx_overall_SU_R_free_Cruickshank_DPI   ? 
_refine.pdbx_overall_SU_R_free_Blow_DPI          ? 
_refine.pdbx_overall_SU_R_Blow_DPI               ? 
_refine.pdbx_TLS_residual_ADP_flag               ? 
_refine.pdbx_diffrn_id                           1 
_refine.overall_SU_B                             ? 
_refine.overall_SU_ML                            0.5300 
_refine.overall_SU_R_Cruickshank_DPI             ? 
_refine.overall_SU_R_free                        ? 
_refine.overall_FOM_free_R_set                   ? 
_refine.overall_FOM_work_R_set                   ? 
_refine.pdbx_average_fsc_overall                 ? 
_refine.pdbx_average_fsc_work                    ? 
_refine.pdbx_average_fsc_free                    ? 
# 
_refine_hist.pdbx_refine_id                   'X-RAY DIFFRACTION' 
_refine_hist.cycle_id                         final 
_refine_hist.details                          ? 
_refine_hist.d_res_high                       3.1730 
_refine_hist.d_res_low                        34.4080 
_refine_hist.number_atoms_solvent             0 
_refine_hist.number_atoms_total               858 
_refine_hist.number_reflns_all                ? 
_refine_hist.number_reflns_obs                ? 
_refine_hist.number_reflns_R_free             ? 
_refine_hist.number_reflns_R_work             ? 
_refine_hist.R_factor_all                     ? 
_refine_hist.R_factor_obs                     ? 
_refine_hist.R_factor_R_free                  ? 
_refine_hist.R_factor_R_work                  ? 
_refine_hist.pdbx_number_residues_total       42 
_refine_hist.pdbx_B_iso_mean_ligand           195.71 
_refine_hist.pdbx_B_iso_mean_solvent          ? 
_refine_hist.pdbx_number_atoms_protein        0 
_refine_hist.pdbx_number_atoms_nucleic_acid   855 
_refine_hist.pdbx_number_atoms_ligand         3 
_refine_hist.pdbx_number_atoms_lipid          ? 
_refine_hist.pdbx_number_atoms_carb           ? 
_refine_hist.pdbx_pseudo_atom_details         ? 
# 
loop_
_refine_ls_restr.pdbx_refine_id 
_refine_ls_restr.criterion 
_refine_ls_restr.dev_ideal 
_refine_ls_restr.dev_ideal_target 
_refine_ls_restr.number 
_refine_ls_restr.rejects 
_refine_ls_restr.type 
_refine_ls_restr.weight 
_refine_ls_restr.pdbx_restraint_function 
'X-RAY DIFFRACTION' ? 0.005  ? 956  ? f_bond_d           ? ? 
'X-RAY DIFFRACTION' ? 0.710  ? 1467 ? f_angle_d          ? ? 
'X-RAY DIFFRACTION' ? 0.033  ? 166  ? f_chiral_restr     ? ? 
'X-RAY DIFFRACTION' ? 0.003  ? 42   ? f_plane_restr      ? ? 
'X-RAY DIFFRACTION' ? 36.236 ? 406  ? f_dihedral_angle_d ? ? 
# 
loop_
_refine_ls_shell.pdbx_refine_id 
_refine_ls_shell.d_res_high 
_refine_ls_shell.d_res_low 
_refine_ls_shell.number_reflns_all 
_refine_ls_shell.number_reflns_obs 
_refine_ls_shell.number_reflns_R_free 
_refine_ls_shell.number_reflns_R_work 
_refine_ls_shell.percent_reflns_obs 
_refine_ls_shell.percent_reflns_R_free 
_refine_ls_shell.R_factor_all 
_refine_ls_shell.R_factor_obs 
_refine_ls_shell.R_factor_R_free 
_refine_ls_shell.R_factor_R_free_error 
_refine_ls_shell.R_factor_R_work 
_refine_ls_shell.redundancy_reflns_all 
_refine_ls_shell.redundancy_reflns_obs 
_refine_ls_shell.wR_factor_all 
_refine_ls_shell.wR_factor_obs 
_refine_ls_shell.wR_factor_R_free 
_refine_ls_shell.wR_factor_R_work 
_refine_ls_shell.pdbx_R_complete 
_refine_ls_shell.pdbx_total_number_of_bins_used 
_refine_ls_shell.pdbx_phase_error 
_refine_ls_shell.pdbx_fsc_work 
_refine_ls_shell.pdbx_fsc_free 
'X-RAY DIFFRACTION' 3.1730 3.4916  . . 87  779  63.0000  . . . 0.3356 0.0000 0.3740 . . . . . . . . . . . 
'X-RAY DIFFRACTION' 3.4916 3.9961  . . 163 985  84.0000  . . . 0.4605 0.0000 0.3930 . . . . . . . . . . . 
'X-RAY DIFFRACTION' 3.9961 5.0322  . . 143 1203 100.0000 . . . 0.3837 0.0000 0.3567 . . . . . . . . . . . 
'X-RAY DIFFRACTION' 5.0322 34.4080 . . 165 1181 99.0000  . . . 0.2006 0.0000 0.1837 . . . . . . . . . . . 
# 
_struct.entry_id                     6WR3 
_struct.title                        
'Self-assembly of a 3D DNA crystal lattice (4x5 duplex version) containing the J36 immobile Holliday junction' 
_struct.pdbx_model_details           ? 
_struct.pdbx_formula_weight          ? 
_struct.pdbx_formula_weight_method   ? 
_struct.pdbx_model_type_details      ? 
_struct.pdbx_CASP_flag               N 
# 
_struct_keywords.entry_id        6WR3 
_struct_keywords.text            
'Structural DNA nanotechnology, immobile Holliday junctions, 3D DNA self-assembly, designer DNA crystals, DNA' 
_struct_keywords.pdbx_keywords   DNA 
# 
loop_
_struct_asym.id 
_struct_asym.pdbx_blank_PDB_chainid_flag 
_struct_asym.pdbx_modified 
_struct_asym.entity_id 
_struct_asym.details 
A N N 1 ? 
B N N 2 ? 
C N N 3 ? 
D N N 4 ? 
E N N 5 ? 
F N N 5 ? 
G N N 5 ? 
# 
loop_
_struct_conn.id 
_struct_conn.conn_type_id 
_struct_conn.pdbx_leaving_atom_flag 
_struct_conn.pdbx_PDB_id 
_struct_conn.ptnr1_label_asym_id 
_struct_conn.ptnr1_label_comp_id 
_struct_conn.ptnr1_label_seq_id 
_struct_conn.ptnr1_label_atom_id 
_struct_conn.pdbx_ptnr1_label_alt_id 
_struct_conn.pdbx_ptnr1_PDB_ins_code 
_struct_conn.pdbx_ptnr1_standard_comp_id 
_struct_conn.ptnr1_symmetry 
_struct_conn.ptnr2_label_asym_id 
_struct_conn.ptnr2_label_comp_id 
_struct_conn.ptnr2_label_seq_id 
_struct_conn.ptnr2_label_atom_id 
_struct_conn.pdbx_ptnr2_label_alt_id 
_struct_conn.pdbx_ptnr2_PDB_ins_code 
_struct_conn.ptnr1_auth_asym_id 
_struct_conn.ptnr1_auth_comp_id 
_struct_conn.ptnr1_auth_seq_id 
_struct_conn.ptnr2_auth_asym_id 
_struct_conn.ptnr2_auth_comp_id 
_struct_conn.ptnr2_auth_seq_id 
_struct_conn.ptnr2_symmetry 
_struct_conn.pdbx_ptnr3_label_atom_id 
_struct_conn.pdbx_ptnr3_label_seq_id 
_struct_conn.pdbx_ptnr3_label_comp_id 
_struct_conn.pdbx_ptnr3_label_asym_id 
_struct_conn.pdbx_ptnr3_label_alt_id 
_struct_conn.pdbx_ptnr3_PDB_ins_code 
_struct_conn.details 
_struct_conn.pdbx_dist_value 
_struct_conn.pdbx_value_order 
_struct_conn.pdbx_role 
hydrog1  hydrog ? ? A DG 3  N1 ? ? ? 1_555 D DC 7 N3 ? ? A DG 3  D DC 16 1_555 ? ? ? ? ? ? WATSON-CRICK ? ? ? 
hydrog2  hydrog ? ? A DG 3  N2 ? ? ? 1_555 D DC 7 O2 ? ? A DG 3  D DC 16 1_555 ? ? ? ? ? ? WATSON-CRICK ? ? ? 
hydrog3  hydrog ? ? A DG 3  O6 ? ? ? 1_555 D DC 7 N4 ? ? A DG 3  D DC 16 1_555 ? ? ? ? ? ? WATSON-CRICK ? ? ? 
hydrog4  hydrog ? ? A DC 4  N3 ? ? ? 1_555 D DG 6 N1 ? ? A DC 4  D DG 15 1_555 ? ? ? ? ? ? WATSON-CRICK ? ? ? 
hydrog5  hydrog ? ? A DC 4  N4 ? ? ? 1_555 D DG 6 O6 ? ? A DC 4  D DG 15 1_555 ? ? ? ? ? ? WATSON-CRICK ? ? ? 
hydrog6  hydrog ? ? A DC 4  O2 ? ? ? 1_555 D DG 6 N2 ? ? A DC 4  D DG 15 1_555 ? ? ? ? ? ? WATSON-CRICK ? ? ? 
hydrog7  hydrog ? ? A DA 5  N1 ? ? ? 1_555 D DT 5 N3 ? ? A DA 5  D DT 14 1_555 ? ? ? ? ? ? WATSON-CRICK ? ? ? 
hydrog8  hydrog ? ? A DA 5  N6 ? ? ? 1_555 D DT 5 O4 ? ? A DA 5  D DT 14 1_555 ? ? ? ? ? ? WATSON-CRICK ? ? ? 
hydrog9  hydrog ? ? A DG 6  N1 ? ? ? 1_555 D DC 4 N3 ? ? A DG 6  D DC 13 1_555 ? ? ? ? ? ? WATSON-CRICK ? ? ? 
hydrog10 hydrog ? ? A DG 6  N2 ? ? ? 1_555 D DC 4 O2 ? ? A DG 6  D DC 13 1_555 ? ? ? ? ? ? WATSON-CRICK ? ? ? 
hydrog11 hydrog ? ? A DG 6  O6 ? ? ? 1_555 D DC 4 N4 ? ? A DG 6  D DC 13 1_555 ? ? ? ? ? ? WATSON-CRICK ? ? ? 
hydrog12 hydrog ? ? A DA 7  N1 ? ? ? 1_555 D DT 3 N3 ? ? A DA 7  D DT 12 1_555 ? ? ? ? ? ? WATSON-CRICK ? ? ? 
hydrog13 hydrog ? ? A DA 7  N6 ? ? ? 1_555 D DT 3 O4 ? ? A DA 7  D DT 12 1_555 ? ? ? ? ? ? WATSON-CRICK ? ? ? 
hydrog14 hydrog ? ? A DC 8  N3 ? ? ? 1_555 D DG 2 N1 ? ? A DC 8  D DG 11 1_555 ? ? ? ? ? ? WATSON-CRICK ? ? ? 
hydrog15 hydrog ? ? A DC 8  N4 ? ? ? 1_555 D DG 2 O6 ? ? A DC 8  D DG 11 1_555 ? ? ? ? ? ? WATSON-CRICK ? ? ? 
hydrog16 hydrog ? ? A DC 8  O2 ? ? ? 1_555 D DG 2 N2 ? ? A DC 8  D DG 11 1_555 ? ? ? ? ? ? WATSON-CRICK ? ? ? 
hydrog17 hydrog ? ? A DG 9  N1 ? ? ? 1_555 D DC 1 N3 ? ? A DG 9  D DC 10 1_555 ? ? ? ? ? ? WATSON-CRICK ? ? ? 
hydrog18 hydrog ? ? A DG 9  N2 ? ? ? 1_555 D DC 1 O2 ? ? A DG 9  D DC 10 1_555 ? ? ? ? ? ? WATSON-CRICK ? ? ? 
hydrog19 hydrog ? ? A DG 9  O6 ? ? ? 1_555 D DC 1 N4 ? ? A DG 9  D DC 10 1_555 ? ? ? ? ? ? WATSON-CRICK ? ? ? 
hydrog20 hydrog ? ? A DT 10 N3 ? ? ? 1_555 B DA 5 N1 ? ? A DT 10 B DA 5  1_555 ? ? ? ? ? ? WATSON-CRICK ? ? ? 
hydrog21 hydrog ? ? A DT 10 O4 ? ? ? 1_555 B DA 5 N6 ? ? A DT 10 B DA 5  1_555 ? ? ? ? ? ? WATSON-CRICK ? ? ? 
hydrog22 hydrog ? ? A DG 11 N1 ? ? ? 1_555 B DC 4 N3 ? ? A DG 11 B DC 4  1_555 ? ? ? ? ? ? WATSON-CRICK ? ? ? 
hydrog23 hydrog ? ? A DG 11 N2 ? ? ? 1_555 B DC 4 O2 ? ? A DG 11 B DC 4  1_555 ? ? ? ? ? ? WATSON-CRICK ? ? ? 
hydrog24 hydrog ? ? A DG 11 O6 ? ? ? 1_555 B DC 4 N4 ? ? A DG 11 B DC 4  1_555 ? ? ? ? ? ? WATSON-CRICK ? ? ? 
hydrog25 hydrog ? ? A DA 12 N1 ? ? ? 1_555 B DT 3 N3 ? ? A DA 12 B DT 3  1_555 ? ? ? ? ? ? WATSON-CRICK ? ? ? 
hydrog26 hydrog ? ? A DA 12 N6 ? ? ? 1_555 B DT 3 O4 ? ? A DA 12 B DT 3  1_555 ? ? ? ? ? ? WATSON-CRICK ? ? ? 
hydrog27 hydrog ? ? A DC 13 N3 ? ? ? 1_555 B DG 2 N1 ? ? A DC 13 B DG 2  1_555 ? ? ? ? ? ? WATSON-CRICK ? ? ? 
hydrog28 hydrog ? ? A DC 13 N4 ? ? ? 1_555 B DG 2 O6 ? ? A DC 13 B DG 2  1_555 ? ? ? ? ? ? WATSON-CRICK ? ? ? 
hydrog29 hydrog ? ? A DC 13 O2 ? ? ? 1_555 B DG 2 N2 ? ? A DC 13 B DG 2  1_555 ? ? ? ? ? ? WATSON-CRICK ? ? ? 
hydrog30 hydrog ? ? A DA 14 N1 ? ? ? 1_555 B DT 1 N3 ? ? A DA 14 B DT 1  1_555 ? ? ? ? ? ? WATSON-CRICK ? ? ? 
hydrog31 hydrog ? ? A DA 14 N6 ? ? ? 1_555 B DT 1 O4 ? ? A DA 14 B DT 1  1_555 ? ? ? ? ? ? WATSON-CRICK ? ? ? 
hydrog32 hydrog ? ? A DC 15 N3 ? ? ? 1_555 C DG 9 N1 ? ? A DC 15 C DG 9  1_555 ? ? ? ? ? ? WATSON-CRICK ? ? ? 
hydrog33 hydrog ? ? A DC 15 N4 ? ? ? 1_555 C DG 9 O6 ? ? A DC 15 C DG 9  1_555 ? ? ? ? ? ? WATSON-CRICK ? ? ? 
hydrog34 hydrog ? ? A DC 15 O2 ? ? ? 1_555 C DG 9 N2 ? ? A DC 15 C DG 9  1_555 ? ? ? ? ? ? WATSON-CRICK ? ? ? 
hydrog35 hydrog ? ? A DC 16 N3 ? ? ? 1_555 C DG 8 N1 ? ? A DC 16 C DG 8  1_555 ? ? ? ? ? ? WATSON-CRICK ? ? ? 
hydrog36 hydrog ? ? A DC 16 N4 ? ? ? 1_555 C DG 8 O6 ? ? A DC 16 C DG 8  1_555 ? ? ? ? ? ? WATSON-CRICK ? ? ? 
hydrog37 hydrog ? ? A DC 16 O2 ? ? ? 1_555 C DG 8 N2 ? ? A DC 16 C DG 8  1_555 ? ? ? ? ? ? WATSON-CRICK ? ? ? 
hydrog38 hydrog ? ? A DA 17 N1 ? ? ? 1_555 C DT 7 N3 ? ? A DA 17 C DT 7  1_555 ? ? ? ? ? ? WATSON-CRICK ? ? ? 
hydrog39 hydrog ? ? A DA 17 N6 ? ? ? 1_555 C DT 7 O4 ? ? A DA 17 C DT 7  1_555 ? ? ? ? ? ? WATSON-CRICK ? ? ? 
hydrog40 hydrog ? ? A DC 18 N3 ? ? ? 1_555 C DG 6 N1 ? ? A DC 18 C DG 6  1_555 ? ? ? ? ? ? WATSON-CRICK ? ? ? 
hydrog41 hydrog ? ? A DC 18 N4 ? ? ? 1_555 C DG 6 O6 ? ? A DC 18 C DG 6  1_555 ? ? ? ? ? ? WATSON-CRICK ? ? ? 
hydrog42 hydrog ? ? A DC 18 O2 ? ? ? 1_555 C DG 6 N2 ? ? A DC 18 C DG 6  1_555 ? ? ? ? ? ? WATSON-CRICK ? ? ? 
hydrog43 hydrog ? ? A DT 19 N3 ? ? ? 1_555 C DA 5 N1 ? ? A DT 19 C DA 5  1_555 ? ? ? ? ? ? WATSON-CRICK ? ? ? 
hydrog44 hydrog ? ? A DT 19 O4 ? ? ? 1_555 C DA 5 N6 ? ? A DT 19 C DA 5  1_555 ? ? ? ? ? ? WATSON-CRICK ? ? ? 
hydrog45 hydrog ? ? A DC 20 N3 ? ? ? 1_555 C DG 4 N1 ? ? A DC 20 C DG 4  1_555 ? ? ? ? ? ? WATSON-CRICK ? ? ? 
hydrog46 hydrog ? ? A DC 20 N4 ? ? ? 1_555 C DG 4 O6 ? ? A DC 20 C DG 4  1_555 ? ? ? ? ? ? WATSON-CRICK ? ? ? 
hydrog47 hydrog ? ? A DC 20 O2 ? ? ? 1_555 C DG 4 N2 ? ? A DC 20 C DG 4  1_555 ? ? ? ? ? ? WATSON-CRICK ? ? ? 
hydrog48 hydrog ? ? A DA 21 N1 ? ? ? 1_555 C DT 3 N3 ? ? A DA 21 C DT 3  1_555 ? ? ? ? ? ? WATSON-CRICK ? ? ? 
hydrog49 hydrog ? ? A DA 21 N6 ? ? ? 1_555 C DT 3 O4 ? ? A DA 21 C DT 3  1_555 ? ? ? ? ? ? WATSON-CRICK ? ? ? 
# 
_struct_conn_type.id          hydrog 
_struct_conn_type.criteria    ? 
_struct_conn_type.reference   ? 
# 
_atom_sites.entry_id                    6WR3 
_atom_sites.Cartn_transf_matrix[1][1]   ? 
_atom_sites.Cartn_transf_matrix[1][2]   ? 
_atom_sites.Cartn_transf_matrix[1][3]   ? 
_atom_sites.Cartn_transf_matrix[2][1]   ? 
_atom_sites.Cartn_transf_matrix[2][2]   ? 
_atom_sites.Cartn_transf_matrix[2][3]   ? 
_atom_sites.Cartn_transf_matrix[3][1]   ? 
_atom_sites.Cartn_transf_matrix[3][2]   ? 
_atom_sites.Cartn_transf_matrix[3][3]   ? 
_atom_sites.Cartn_transf_vector[1]      ? 
_atom_sites.Cartn_transf_vector[2]      ? 
_atom_sites.Cartn_transf_vector[3]      ? 
_atom_sites.fract_transf_matrix[1][1]   -0.00042075 
_atom_sites.fract_transf_matrix[1][2]   -0.00067380 
_atom_sites.fract_transf_matrix[1][3]   -0.01676127 
_atom_sites.fract_transf_matrix[2][1]   -0.00117718 
_atom_sites.fract_transf_matrix[2][2]   -0.01482393 
_atom_sites.fract_transf_matrix[2][3]   -0.00777391 
_atom_sites.fract_transf_matrix[3][1]   -0.01646922 
_atom_sites.fract_transf_matrix[3][2]   0.00111453 
_atom_sites.fract_transf_matrix[3][3]   0.00036861 
_atom_sites.fract_transf_vector[1]      0.261874 
_atom_sites.fract_transf_vector[2]      0.641638 
_atom_sites.fract_transf_vector[3]      0.091812 
_atom_sites.solution_primary            ? 
_atom_sites.solution_secondary          ? 
_atom_sites.solution_hydrogens          ? 
_atom_sites.special_details             ? 
# 
loop_
_atom_type.symbol 
AS 
C  
N  
O  
P  
# 
loop_
_atom_site.group_PDB 
_atom_site.id 
_atom_site.type_symbol 
_atom_site.label_atom_id 
_atom_site.label_alt_id 
_atom_site.label_comp_id 
_atom_site.label_asym_id 
_atom_site.label_entity_id 
_atom_site.label_seq_id 
_atom_site.pdbx_PDB_ins_code 
_atom_site.Cartn_x 
_atom_site.Cartn_y 
_atom_site.Cartn_z 
_atom_site.occupancy 
_atom_site.B_iso_or_equiv 
_atom_site.pdbx_formal_charge 
_atom_site.auth_seq_id 
_atom_site.auth_comp_id 
_atom_site.auth_asym_id 
_atom_site.auth_atom_id 
_atom_site.pdbx_PDB_model_num 
ATOM   1   O  "O5'" . DG  A 1 1  ? -0.276  -34.076 -7.561  1.00 148.08 ? 1   DG  A "O5'" 1 
ATOM   2   C  "C5'" . DG  A 1 1  ? 0.227   -35.027 -6.626  1.00 142.54 ? 1   DG  A "C5'" 1 
ATOM   3   C  "C4'" . DG  A 1 1  ? -0.907  -35.801 -5.979  1.00 138.79 ? 1   DG  A "C4'" 1 
ATOM   4   O  "O4'" . DG  A 1 1  ? -0.400  -36.531 -4.845  1.00 131.12 ? 1   DG  A "O4'" 1 
ATOM   5   C  "C3'" . DG  A 1 1  ? -2.025  -34.938 -5.427  1.00 137.52 ? 1   DG  A "C3'" 1 
ATOM   6   O  "O3'" . DG  A 1 1  ? -2.995  -34.715 -6.442  1.00 144.18 ? 1   DG  A "O3'" 1 
ATOM   7   C  "C2'" . DG  A 1 1  ? -2.595  -35.787 -4.288  1.00 129.54 ? 1   DG  A "C2'" 1 
ATOM   8   C  "C1'" . DG  A 1 1  ? -1.422  -36.689 -3.883  1.00 128.38 ? 1   DG  A "C1'" 1 
ATOM   9   N  N9    . DG  A 1 1  ? -0.855  -36.411 -2.561  1.00 124.82 ? 1   DG  A N9    1 
ATOM   10  C  C8    . DG  A 1 1  ? 0.478   -36.286 -2.255  1.00 120.80 ? 1   DG  A C8    1 
ATOM   11  N  N7    . DG  A 1 1  ? 0.705   -36.059 -0.993  1.00 118.56 ? 1   DG  A N7    1 
ATOM   12  C  C5    . DG  A 1 1  ? -0.556  -36.034 -0.417  1.00 118.70 ? 1   DG  A C5    1 
ATOM   13  C  C6    . DG  A 1 1  ? -0.939  -35.831 0.929   1.00 119.74 ? 1   DG  A C6    1 
ATOM   14  O  O6    . DG  A 1 1  ? -0.210  -35.620 1.910   1.00 117.84 ? 1   DG  A O6    1 
ATOM   15  N  N1    . DG  A 1 1  ? -2.320  -35.886 1.087   1.00 123.40 ? 1   DG  A N1    1 
ATOM   16  C  C2    . DG  A 1 1  ? -3.221  -36.112 0.072   1.00 121.76 ? 1   DG  A C2    1 
ATOM   17  N  N2    . DG  A 1 1  ? -4.516  -36.131 0.418   1.00 116.51 ? 1   DG  A N2    1 
ATOM   18  N  N3    . DG  A 1 1  ? -2.878  -36.308 -1.194  1.00 121.58 ? 1   DG  A N3    1 
ATOM   19  C  C4    . DG  A 1 1  ? -1.534  -36.254 -1.367  1.00 123.29 ? 1   DG  A C4    1 
ATOM   20  P  P     . DA  A 1 2  ? -3.410  -33.218 -6.851  1.00 151.31 ? 2   DA  A P     1 
ATOM   21  O  OP1   . DA  A 1 2  ? -3.993  -33.262 -8.211  1.00 154.12 ? 2   DA  A OP1   1 
ATOM   22  O  OP2   . DA  A 1 2  ? -2.259  -32.330 -6.571  1.00 140.52 ? 2   DA  A OP2   1 
ATOM   23  O  "O5'" . DA  A 1 2  ? -4.566  -32.849 -5.816  1.00 141.39 ? 2   DA  A "O5'" 1 
ATOM   24  C  "C5'" . DA  A 1 2  ? -5.543  -33.815 -5.462  1.00 132.36 ? 2   DA  A "C5'" 1 
ATOM   25  C  "C4'" . DA  A 1 2  ? -6.035  -33.570 -4.052  1.00 131.28 ? 2   DA  A "C4'" 1 
ATOM   26  O  "O4'" . DA  A 1 2  ? -4.985  -33.919 -3.109  1.00 129.28 ? 2   DA  A "O4'" 1 
ATOM   27  C  "C3'" . DA  A 1 2  ? -6.404  -32.116 -3.754  1.00 135.79 ? 2   DA  A "C3'" 1 
ATOM   28  O  "O3'" . DA  A 1 2  ? -7.552  -32.062 -2.928  1.00 142.77 ? 2   DA  A "O3'" 1 
ATOM   29  C  "C2'" . DA  A 1 2  ? -5.177  -31.596 -3.024  1.00 129.14 ? 2   DA  A "C2'" 1 
ATOM   30  C  "C1'" . DA  A 1 2  ? -4.740  -32.827 -2.255  1.00 122.96 ? 2   DA  A "C1'" 1 
ATOM   31  N  N9    . DA  A 1 2  ? -3.327  -32.796 -1.925  1.00 124.62 ? 2   DA  A N9    1 
ATOM   32  C  C8    . DA  A 1 2  ? -2.275  -32.850 -2.794  1.00 125.40 ? 2   DA  A C8    1 
ATOM   33  N  N7    . DA  A 1 2  ? -1.103  -32.778 -2.213  1.00 120.88 ? 2   DA  A N7    1 
ATOM   34  C  C5    . DA  A 1 2  ? -1.411  -32.650 -0.870  1.00 122.23 ? 2   DA  A C5    1 
ATOM   35  C  C6    . DA  A 1 2  ? -0.609  -32.524 0.278   1.00 121.73 ? 2   DA  A C6    1 
ATOM   36  N  N6    . DA  A 1 2  ? 0.727   -32.506 0.242   1.00 120.93 ? 2   DA  A N6    1 
ATOM   37  N  N1    . DA  A 1 2  ? -1.236  -32.416 1.468   1.00 121.02 ? 2   DA  A N1    1 
ATOM   38  C  C2    . DA  A 1 2  ? -2.574  -32.439 1.500   1.00 121.38 ? 2   DA  A C2    1 
ATOM   39  N  N3    . DA  A 1 2  ? -3.432  -32.548 0.488   1.00 121.20 ? 2   DA  A N3    1 
ATOM   40  C  C4    . DA  A 1 2  ? -2.778  -32.654 -0.679  1.00 123.82 ? 2   DA  A C4    1 
ATOM   41  P  P     . DG  A 1 3  ? -8.404  -30.704 -2.818  1.00 150.34 ? 3   DG  A P     1 
ATOM   42  O  OP1   . DG  A 1 3  ? -9.334  -30.680 -3.970  1.00 149.09 ? 3   DG  A OP1   1 
ATOM   43  O  OP2   . DG  A 1 3  ? -7.469  -29.576 -2.596  1.00 141.38 ? 3   DG  A OP2   1 
ATOM   44  O  "O5'" . DG  A 1 3  ? -9.253  -30.899 -1.478  1.00 145.02 ? 3   DG  A "O5'" 1 
ATOM   45  C  "C5'" . DG  A 1 3  ? -8.692  -31.610 -0.381  1.00 141.53 ? 3   DG  A "C5'" 1 
ATOM   46  C  "C4'" . DG  A 1 3  ? -8.257  -30.663 0.725   1.00 138.68 ? 3   DG  A "C4'" 1 
ATOM   47  O  "O4'" . DG  A 1 3  ? -6.831  -30.766 0.922   1.00 134.32 ? 3   DG  A "O4'" 1 
ATOM   48  C  "C3'" . DG  A 1 3  ? -8.554  -29.181 0.476   1.00 138.72 ? 3   DG  A "C3'" 1 
ATOM   49  O  "O3'" . DG  A 1 3  ? -9.452  -28.705 1.479   1.00 141.37 ? 3   DG  A "O3'" 1 
ATOM   50  C  "C2'" . DG  A 1 3  ? -7.179  -28.492 0.547   1.00 132.97 ? 3   DG  A "C2'" 1 
ATOM   51  C  "C1'" . DG  A 1 3  ? -6.325  -29.511 1.286   1.00 129.20 ? 3   DG  A "C1'" 1 
ATOM   52  N  N9    . DG  A 1 3  ? -4.916  -29.481 0.908   1.00 126.91 ? 3   DG  A N9    1 
ATOM   53  C  C8    . DG  A 1 3  ? -4.394  -29.703 -0.341  1.00 125.29 ? 3   DG  A C8    1 
ATOM   54  N  N7    . DG  A 1 3  ? -3.094  -29.629 -0.382  1.00 121.43 ? 3   DG  A N7    1 
ATOM   55  C  C5    . DG  A 1 3  ? -2.728  -29.344 0.924   1.00 123.91 ? 3   DG  A C5    1 
ATOM   56  C  C6    . DG  A 1 3  ? -1.446  -29.156 1.493   1.00 123.45 ? 3   DG  A C6    1 
ATOM   57  O  O6    . DG  A 1 3  ? -0.345  -29.201 0.929   1.00 119.08 ? 3   DG  A O6    1 
ATOM   58  N  N1    . DG  A 1 3  ? -1.518  -28.891 2.858   1.00 124.62 ? 3   DG  A N1    1 
ATOM   59  C  C2    . DG  A 1 3  ? -2.683  -28.822 3.586   1.00 123.28 ? 3   DG  A C2    1 
ATOM   60  N  N2    . DG  A 1 3  ? -2.557  -28.553 4.893   1.00 122.22 ? 3   DG  A N2    1 
ATOM   61  N  N3    . DG  A 1 3  ? -3.892  -28.999 3.064   1.00 118.84 ? 3   DG  A N3    1 
ATOM   62  C  C4    . DG  A 1 3  ? -3.838  -29.261 1.739   1.00 122.32 ? 3   DG  A C4    1 
ATOM   63  P  P     . DC  A 1 4  ? -9.823  -27.146 1.594   1.00 140.25 ? 4   DC  A P     1 
ATOM   64  O  OP1   . DC  A 1 4  ? -11.197 -27.061 2.138   1.00 142.64 ? 4   DC  A OP1   1 
ATOM   65  O  OP2   . DC  A 1 4  ? -9.522  -26.485 0.305   1.00 134.48 ? 4   DC  A OP2   1 
ATOM   66  O  "O5'" . DC  A 1 4  ? -8.808  -26.612 2.705   1.00 136.99 ? 4   DC  A "O5'" 1 
ATOM   67  C  "C5'" . DC  A 1 4  ? -8.595  -27.385 3.885   1.00 136.09 ? 4   DC  A "C5'" 1 
ATOM   68  C  "C4'" . DC  A 1 4  ? -7.741  -26.631 4.890   1.00 135.41 ? 4   DC  A "C4'" 1 
ATOM   69  O  "O4'" . DC  A 1 4  ? -6.334  -26.825 4.584   1.00 133.77 ? 4   DC  A "O4'" 1 
ATOM   70  C  "C3'" . DC  A 1 4  ? -7.960  -25.120 4.923   1.00 136.75 ? 4   DC  A "C3'" 1 
ATOM   71  O  "O3'" . DC  A 1 4  ? -7.828  -24.638 6.260   1.00 138.24 ? 4   DC  A "O3'" 1 
ATOM   72  C  "C2'" . DC  A 1 4  ? -6.836  -24.609 4.030   1.00 133.64 ? 4   DC  A "C2'" 1 
ATOM   73  C  "C1'" . DC  A 1 4  ? -5.711  -25.573 4.380   1.00 132.45 ? 4   DC  A "C1'" 1 
ATOM   74  N  N1    . DC  A 1 4  ? -4.698  -25.735 3.295   1.00 129.64 ? 4   DC  A N1    1 
ATOM   75  C  C2    . DC  A 1 4  ? -3.328  -25.626 3.590   1.00 126.58 ? 4   DC  A C2    1 
ATOM   76  O  O2    . DC  A 1 4  ? -2.979  -25.390 4.754   1.00 124.20 ? 4   DC  A O2    1 
ATOM   77  N  N3    . DC  A 1 4  ? -2.425  -25.785 2.583   1.00 127.13 ? 4   DC  A N3    1 
ATOM   78  C  C4    . DC  A 1 4  ? -2.853  -26.040 1.341   1.00 125.52 ? 4   DC  A C4    1 
ATOM   79  N  N4    . DC  A 1 4  ? -1.940  -26.187 0.377   1.00 122.63 ? 4   DC  A N4    1 
ATOM   80  C  C5    . DC  A 1 4  ? -4.240  -26.149 1.028   1.00 128.96 ? 4   DC  A C5    1 
ATOM   81  C  C6    . DC  A 1 4  ? -5.115  -25.995 2.024   1.00 128.87 ? 4   DC  A C6    1 
ATOM   82  P  P     . DA  A 1 5  ? -8.439  -23.208 6.672   1.00 139.34 ? 5   DA  A P     1 
ATOM   83  O  OP1   . DA  A 1 5  ? -9.565  -23.447 7.602   1.00 145.89 ? 5   DA  A OP1   1 
ATOM   84  O  OP2   . DA  A 1 5  ? -8.668  -22.441 5.429   1.00 136.70 ? 5   DA  A OP2   1 
ATOM   85  O  "O5'" . DA  A 1 5  ? -7.252  -22.501 7.479   1.00 135.84 ? 5   DA  A "O5'" 1 
ATOM   86  C  "C5'" . DA  A 1 5  ? -6.747  -23.092 8.677   1.00 135.15 ? 5   DA  A "C5'" 1 
ATOM   87  C  "C4'" . DA  A 1 5  ? -5.406  -22.488 9.076   1.00 134.23 ? 5   DA  A "C4'" 1 
ATOM   88  O  "O4'" . DA  A 1 5  ? -4.413  -22.776 8.060   1.00 129.04 ? 5   DA  A "O4'" 1 
ATOM   89  C  "C3'" . DA  A 1 5  ? -5.388  -20.975 9.243   1.00 136.68 ? 5   DA  A "C3'" 1 
ATOM   90  O  "O3'" . DA  A 1 5  ? -4.417  -20.618 10.219  1.00 141.05 ? 5   DA  A "O3'" 1 
ATOM   91  C  "C2'" . DA  A 1 5  ? -4.983  -20.495 7.853   1.00 132.80 ? 5   DA  A "C2'" 1 
ATOM   92  C  "C1'" . DA  A 1 5  ? -3.997  -21.580 7.425   1.00 128.48 ? 5   DA  A "C1'" 1 
ATOM   93  N  N9    . DA  A 1 5  ? -3.982  -21.831 5.989   1.00 125.98 ? 5   DA  A N9    1 
ATOM   94  C  C8    . DA  A 1 5  ? -5.066  -22.037 5.186   1.00 125.19 ? 5   DA  A C8    1 
ATOM   95  N  N7    . DA  A 1 5  ? -4.760  -22.261 3.931   1.00 125.00 ? 5   DA  A N7    1 
ATOM   96  C  C5    . DA  A 1 5  ? -3.381  -22.208 3.910   1.00 128.04 ? 5   DA  A C5    1 
ATOM   97  C  C6    . DA  A 1 5  ? -2.447  -22.367 2.869   1.00 125.10 ? 5   DA  A C6    1 
ATOM   98  N  N6    . DA  A 1 5  ? -2.797  -22.621 1.604   1.00 122.82 ? 5   DA  A N6    1 
ATOM   99  N  N1    . DA  A 1 5  ? -1.140  -22.250 3.178   1.00 122.71 ? 5   DA  A N1    1 
ATOM   100 C  C2    . DA  A 1 5  ? -0.798  -21.994 4.449   1.00 124.32 ? 5   DA  A C2    1 
ATOM   101 N  N3    . DA  A 1 5  ? -1.586  -21.825 5.513   1.00 125.21 ? 5   DA  A N3    1 
ATOM   102 C  C4    . DA  A 1 5  ? -2.880  -21.947 5.170   1.00 128.22 ? 5   DA  A C4    1 
ATOM   103 P  P     . DG  A 1 6  ? -4.741  -19.492 11.319  1.00 153.59 ? 6   DG  A P     1 
ATOM   104 O  OP1   . DG  A 1 6  ? -4.696  -20.135 12.650  1.00 150.33 ? 6   DG  A OP1   1 
ATOM   105 O  OP2   . DG  A 1 6  ? -5.956  -18.769 10.880  1.00 150.44 ? 6   DG  A OP2   1 
ATOM   106 O  "O5'" . DG  A 1 6  ? -3.500  -18.491 11.216  1.00 143.53 ? 6   DG  A "O5'" 1 
ATOM   107 C  "C5'" . DG  A 1 6  ? -3.112  -17.979 9.953   1.00 136.57 ? 6   DG  A "C5'" 1 
ATOM   108 C  "C4'" . DG  A 1 6  ? -1.616  -18.125 9.748   1.00 133.84 ? 6   DG  A "C4'" 1 
ATOM   109 O  "O4'" . DG  A 1 6  ? -1.373  -18.942 8.574   1.00 131.44 ? 6   DG  A "O4'" 1 
ATOM   110 C  "C3'" . DG  A 1 6  ? -0.875  -16.820 9.493   1.00 135.56 ? 6   DG  A "C3'" 1 
ATOM   111 O  "O3'" . DG  A 1 6  ? 0.478   -16.929 9.925   1.00 143.49 ? 6   DG  A "O3'" 1 
ATOM   112 C  "C2'" . DG  A 1 6  ? -0.964  -16.693 7.981   1.00 131.82 ? 6   DG  A "C2'" 1 
ATOM   113 C  "C1'" . DG  A 1 6  ? -0.823  -18.147 7.540   1.00 129.69 ? 6   DG  A "C1'" 1 
ATOM   114 N  N9    . DG  A 1 6  ? -1.536  -18.441 6.301   1.00 127.67 ? 6   DG  A N9    1 
ATOM   115 C  C8    . DG  A 1 6  ? -2.896  -18.529 6.129   1.00 123.57 ? 6   DG  A C8    1 
ATOM   116 N  N7    . DG  A 1 6  ? -3.248  -18.804 4.904   1.00 121.51 ? 6   DG  A N7    1 
ATOM   117 C  C5    . DG  A 1 6  ? -2.045  -18.897 4.218   1.00 122.62 ? 6   DG  A C5    1 
ATOM   118 C  C6    . DG  A 1 6  ? -1.791  -19.174 2.853   1.00 121.24 ? 6   DG  A C6    1 
ATOM   119 O  O6    . DG  A 1 6  ? -2.610  -19.399 1.950   1.00 122.25 ? 6   DG  A O6    1 
ATOM   120 N  N1    . DG  A 1 6  ? -0.428  -19.179 2.572   1.00 124.94 ? 6   DG  A N1    1 
ATOM   121 C  C2    . DG  A 1 6  ? 0.567   -18.946 3.495   1.00 125.00 ? 6   DG  A C2    1 
ATOM   122 N  N2    . DG  A 1 6  ? 1.829   -18.990 3.040   1.00 120.53 ? 6   DG  A N2    1 
ATOM   123 N  N3    . DG  A 1 6  ? 0.342   -18.685 4.777   1.00 123.04 ? 6   DG  A N3    1 
ATOM   124 C  C4    . DG  A 1 6  ? -0.981  -18.678 5.066   1.00 124.81 ? 6   DG  A C4    1 
ATOM   125 P  P     . DA  A 1 7  ? 1.425   -15.628 9.952   1.00 148.72 ? 7   DA  A P     1 
ATOM   126 O  OP1   . DA  A 1 7  ? 2.453   -15.840 10.992  1.00 142.96 ? 7   DA  A OP1   1 
ATOM   127 O  OP2   . DA  A 1 7  ? 0.555   -14.433 10.004  1.00 146.95 ? 7   DA  A OP2   1 
ATOM   128 O  "O5'" . DA  A 1 7  ? 2.139   -15.639 8.524   1.00 128.90 ? 7   DA  A "O5'" 1 
ATOM   129 C  "C5'" . DA  A 1 7  ? 3.022   -16.691 8.186   1.00 126.88 ? 7   DA  A "C5'" 1 
ATOM   130 C  "C4'" . DA  A 1 7  ? 3.848   -16.333 6.964   1.00 130.77 ? 7   DA  A "C4'" 1 
ATOM   131 O  "O4'" . DA  A 1 7  ? 3.129   -16.704 5.760   1.00 125.55 ? 7   DA  A "O4'" 1 
ATOM   132 C  "C3'" . DA  A 1 7  ? 4.192   -14.854 6.821   1.00 130.91 ? 7   DA  A "C3'" 1 
ATOM   133 O  "O3'" . DA  A 1 7  ? 5.519   -14.719 6.319   1.00 137.93 ? 7   DA  A "O3'" 1 
ATOM   134 C  "C2'" . DA  A 1 7  ? 3.149   -14.350 5.823   1.00 123.87 ? 7   DA  A "C2'" 1 
ATOM   135 C  "C1'" . DA  A 1 7  ? 2.928   -15.572 4.938   1.00 123.89 ? 7   DA  A "C1'" 1 
ATOM   136 N  N9    . DA  A 1 7  ? 1.578   -15.656 4.390   1.00 126.71 ? 7   DA  A N9    1 
ATOM   137 C  C8    . DA  A 1 7  ? 0.408   -15.581 5.087   1.00 122.06 ? 7   DA  A C8    1 
ATOM   138 N  N7    . DA  A 1 7  ? -0.664  -15.697 4.342   1.00 120.39 ? 7   DA  A N7    1 
ATOM   139 C  C5    . DA  A 1 7  ? -0.164  -15.864 3.064   1.00 121.79 ? 7   DA  A C5    1 
ATOM   140 C  C6    . DA  A 1 7  ? -0.795  -16.043 1.818   1.00 121.44 ? 7   DA  A C6    1 
ATOM   141 N  N6    . DA  A 1 7  ? -2.123  -16.083 1.666   1.00 116.50 ? 7   DA  A N6    1 
ATOM   142 N  N1    . DA  A 1 7  ? -0.005  -16.180 0.732   1.00 120.13 ? 7   DA  A N1    1 
ATOM   143 C  C2    . DA  A 1 7  ? 1.325   -16.139 0.895   1.00 121.08 ? 7   DA  A C2    1 
ATOM   144 N  N3    . DA  A 1 7  ? 2.031   -15.977 2.015   1.00 121.86 ? 7   DA  A N3    1 
ATOM   145 C  C4    . DA  A 1 7  ? 1.218   -15.846 3.073   1.00 123.88 ? 7   DA  A C4    1 
ATOM   146 P  P     . DC  A 1 8  ? 6.207   -13.272 6.201   1.00 136.28 ? 8   DC  A P     1 
ATOM   147 O  OP1   . DC  A 1 8  ? 7.649   -13.430 6.496   1.00 137.24 ? 8   DC  A OP1   1 
ATOM   148 O  OP2   . DC  A 1 8  ? 5.394   -12.316 6.984   1.00 135.50 ? 8   DC  A OP2   1 
ATOM   149 O  "O5'" . DC  A 1 8  ? 6.054   -12.914 4.651   1.00 134.34 ? 8   DC  A "O5'" 1 
ATOM   150 C  "C5'" . DC  A 1 8  ? 6.583   -13.795 3.672   1.00 130.70 ? 8   DC  A "C5'" 1 
ATOM   151 C  "C4'" . DC  A 1 8  ? 6.017   -13.486 2.298   1.00 127.44 ? 8   DC  A "C4'" 1 
ATOM   152 O  "O4'" . DC  A 1 8  ? 4.600   -13.757 2.278   1.00 122.99 ? 8   DC  A "O4'" 1 
ATOM   153 C  "C3'" . DC  A 1 8  ? 6.176   -12.034 1.841   1.00 125.86 ? 8   DC  A "C3'" 1 
ATOM   154 O  "O3'" . DC  A 1 8  ? 7.053   -11.982 0.732   1.00 124.85 ? 8   DC  A "O3'" 1 
ATOM   155 C  "C2'" . DC  A 1 8  ? 4.749   -11.585 1.465   1.00 126.18 ? 8   DC  A "C2'" 1 
ATOM   156 C  "C1'" . DC  A 1 8  ? 4.006   -12.906 1.338   1.00 122.96 ? 8   DC  A "C1'" 1 
ATOM   157 N  N1    . DC  A 1 8  ? 2.548   -12.817 1.639   1.00 125.49 ? 8   DC  A N1    1 
ATOM   158 C  C2    . DC  A 1 8  ? 1.620   -12.896 0.595   1.00 122.01 ? 8   DC  A C2    1 
ATOM   159 O  O2    . DC  A 1 8  ? 2.031   -13.032 -0.562  1.00 118.69 ? 8   DC  A O2    1 
ATOM   160 N  N3    . DC  A 1 8  ? 0.295   -12.825 0.884   1.00 118.10 ? 8   DC  A N3    1 
ATOM   161 C  C4    . DC  A 1 8  ? -0.103  -12.682 2.150   1.00 118.89 ? 8   DC  A C4    1 
ATOM   162 N  N4    . DC  A 1 8  ? -1.418  -12.615 2.388   1.00 124.60 ? 8   DC  A N4    1 
ATOM   163 C  C5    . DC  A 1 8  ? 0.828   -12.601 3.228   1.00 119.95 ? 8   DC  A C5    1 
ATOM   164 C  C6    . DC  A 1 8  ? 2.130   -12.674 2.929   1.00 123.54 ? 8   DC  A C6    1 
ATOM   165 P  P     . DG  A 1 9  ? 7.393   -10.579 0.031   1.00 131.64 ? 9   DG  A P     1 
ATOM   166 O  OP1   . DG  A 1 9  ? 8.753   -10.699 -0.540  1.00 135.25 ? 9   DG  A OP1   1 
ATOM   167 O  OP2   . DG  A 1 9  ? 7.090   -9.495  0.991   1.00 123.04 ? 9   DG  A OP2   1 
ATOM   168 O  "O5'" . DG  A 1 9  ? 6.342   -10.493 -1.167  1.00 123.63 ? 9   DG  A "O5'" 1 
ATOM   169 C  "C5'" . DG  A 1 9  ? 6.259   -11.554 -2.106  1.00 124.75 ? 9   DG  A "C5'" 1 
ATOM   170 C  "C4'" . DG  A 1 9  ? 5.425   -11.151 -3.309  1.00 124.09 ? 9   DG  A "C4'" 1 
ATOM   171 O  "O4'" . DG  A 1 9  ? 4.015   -11.300 -3.000  1.00 131.17 ? 9   DG  A "O4'" 1 
ATOM   172 C  "C3'" . DG  A 1 9  ? 5.611   -9.712  -3.777  1.00 124.25 ? 9   DG  A "C3'" 1 
ATOM   173 O  "O3'" . DG  A 1 9  ? 5.595   -9.674  -5.198  1.00 125.51 ? 9   DG  A "O3'" 1 
ATOM   174 C  "C2'" . DG  A 1 9  ? 4.402   -8.991  -3.175  1.00 124.70 ? 9   DG  A "C2'" 1 
ATOM   175 C  "C1'" . DG  A 1 9  ? 3.338   -10.079 -3.223  1.00 125.35 ? 9   DG  A "C1'" 1 
ATOM   176 N  N9    . DG  A 1 9  ? 2.309   -9.952  -2.193  1.00 117.01 ? 9   DG  A N9    1 
ATOM   177 C  C8    . DG  A 1 9  ? 2.501   -9.968  -0.833  1.00 115.87 ? 9   DG  A C8    1 
ATOM   178 N  N7    . DG  A 1 9  ? 1.395   -9.857  -0.151  1.00 118.76 ? 9   DG  A N7    1 
ATOM   179 C  C5    . DG  A 1 9  ? 0.403   -9.773  -1.117  1.00 115.85 ? 9   DG  A C5    1 
ATOM   180 C  C6    . DG  A 1 9  ? -0.998  -9.634  -0.973  1.00 106.64 ? 9   DG  A C6    1 
ATOM   181 O  O6    . DG  A 1 9  ? -1.654  -9.565  0.075   1.00 105.33 ? 9   DG  A O6    1 
ATOM   182 N  N1    . DG  A 1 9  ? -1.643  -9.585  -2.205  1.00 99.86  ? 9   DG  A N1    1 
ATOM   183 C  C2    . DG  A 1 9  ? -1.012  -9.653  -3.426  1.00 106.16 ? 9   DG  A C2    1 
ATOM   184 N  N2    . DG  A 1 9  ? -1.799  -9.591  -4.511  1.00 101.63 ? 9   DG  A N2    1 
ATOM   185 N  N3    . DG  A 1 9  ? 0.303   -9.782  -3.576  1.00 110.73 ? 9   DG  A N3    1 
ATOM   186 C  C4    . DG  A 1 9  ? 0.945   -9.828  -2.382  1.00 113.25 ? 9   DG  A C4    1 
ATOM   187 P  P     . DT  A 1 10 ? 5.885   -8.304  -5.983  1.00 134.68 ? 10  DT  A P     1 
ATOM   188 O  OP1   . DT  A 1 10 ? 6.534   -8.649  -7.268  1.00 122.64 ? 10  DT  A OP1   1 
ATOM   189 O  OP2   . DT  A 1 10 ? 6.560   -7.383  -5.042  1.00 132.35 ? 10  DT  A OP2   1 
ATOM   190 O  "O5'" . DT  A 1 10 ? 4.426   -7.728  -6.285  1.00 127.66 ? 10  DT  A "O5'" 1 
ATOM   191 C  "C5'" . DT  A 1 10 ? 3.447   -8.556  -6.916  1.00 123.50 ? 10  DT  A "C5'" 1 
ATOM   192 C  "C4'" . DT  A 1 10 ? 2.277   -7.722  -7.401  1.00 122.11 ? 10  DT  A "C4'" 1 
ATOM   193 O  "O4'" . DT  A 1 10 ? 1.187   -7.802  -6.443  1.00 114.60 ? 10  DT  A "O4'" 1 
ATOM   194 C  "C3'" . DT  A 1 10 ? 2.591   -6.236  -7.571  1.00 124.15 ? 10  DT  A "C3'" 1 
ATOM   195 O  "O3'" . DT  A 1 10 ? 2.062   -5.756  -8.795  1.00 123.88 ? 10  DT  A "O3'" 1 
ATOM   196 C  "C2'" . DT  A 1 10 ? 1.912   -5.587  -6.367  1.00 121.40 ? 10  DT  A "C2'" 1 
ATOM   197 C  "C1'" . DT  A 1 10 ? 0.724   -6.505  -6.149  1.00 112.44 ? 10  DT  A "C1'" 1 
ATOM   198 N  N1    . DT  A 1 10 ? 0.211   -6.495  -4.747  1.00 112.28 ? 10  DT  A N1    1 
ATOM   199 C  C2    . DT  A 1 10 ? -1.144  -6.421  -4.531  1.00 111.98 ? 10  DT  A C2    1 
ATOM   200 O  O2    . DT  A 1 10 ? -1.958  -6.361  -5.434  1.00 105.50 ? 10  DT  A O2    1 
ATOM   201 N  N3    . DT  A 1 10 ? -1.514  -6.422  -3.213  1.00 109.13 ? 10  DT  A N3    1 
ATOM   202 C  C4    . DT  A 1 10 ? -0.680  -6.486  -2.111  1.00 110.25 ? 10  DT  A C4    1 
ATOM   203 O  O4    . DT  A 1 10 ? -1.107  -6.481  -0.963  1.00 109.86 ? 10  DT  A O4    1 
ATOM   204 C  C5    . DT  A 1 10 ? 0.730   -6.560  -2.406  1.00 112.91 ? 10  DT  A C5    1 
ATOM   205 C  C7    . DT  A 1 10 ? 1.732   -6.631  -1.290  1.00 111.46 ? 10  DT  A C7    1 
ATOM   206 C  C6    . DT  A 1 10 ? 1.104   -6.561  -3.696  1.00 113.40 ? 10  DT  A C6    1 
ATOM   207 P  P     . DG  A 1 11 ? 2.859   -4.632  -9.621  1.00 128.88 ? 11  DG  A P     1 
ATOM   208 O  OP1   . DG  A 1 11 ? 3.519   -5.302  -10.764 1.00 136.58 ? 11  DG  A OP1   1 
ATOM   209 O  OP2   . DG  A 1 11 ? 3.672   -3.861  -8.657  1.00 122.75 ? 11  DG  A OP2   1 
ATOM   210 O  "O5'" . DG  A 1 11 ? 1.707   -3.664  -10.162 1.00 118.69 ? 11  DG  A "O5'" 1 
ATOM   211 C  "C5'" . DG  A 1 11 ? 0.725   -4.165  -11.058 1.00 122.01 ? 11  DG  A "C5'" 1 
ATOM   212 C  "C4'" . DG  A 1 11 ? -0.568  -3.376  -10.948 1.00 121.21 ? 11  DG  A "C4'" 1 
ATOM   213 O  "O4'" . DG  A 1 11 ? -1.156  -3.585  -9.638  1.00 115.14 ? 11  DG  A "O4'" 1 
ATOM   214 C  "C3'" . DG  A 1 11 ? -0.429  -1.867  -11.126 1.00 122.81 ? 11  DG  A "C3'" 1 
ATOM   215 O  "O3'" . DG  A 1 11 ? -1.519  -1.374  -11.895 1.00 120.47 ? 11  DG  A "O3'" 1 
ATOM   216 C  "C2'" . DG  A 1 11 ? -0.453  -1.339  -9.692  1.00 117.55 ? 11  DG  A "C2'" 1 
ATOM   217 C  "C1'" . DG  A 1 11 ? -1.345  -2.350  -8.982  1.00 115.75 ? 11  DG  A "C1'" 1 
ATOM   218 N  N9    . DG  A 1 11 ? -0.999  -2.532  -7.575  1.00 115.49 ? 11  DG  A N9    1 
ATOM   219 C  C8    . DG  A 1 11 ? 0.259   -2.715  -7.054  1.00 113.14 ? 11  DG  A C8    1 
ATOM   220 N  N7    . DG  A 1 11 ? 0.271   -2.855  -5.758  1.00 108.85 ? 11  DG  A N7    1 
ATOM   221 C  C5    . DG  A 1 11 ? -1.064  -2.760  -5.392  1.00 109.21 ? 11  DG  A C5    1 
ATOM   222 C  C6    . DG  A 1 11 ? -1.661  -2.837  -4.113  1.00 110.82 ? 11  DG  A C6    1 
ATOM   223 O  O6    . DG  A 1 11 ? -1.107  -3.010  -3.018  1.00 107.79 ? 11  DG  A O6    1 
ATOM   224 N  N1    . DG  A 1 11 ? -3.046  -2.687  -4.181  1.00 110.83 ? 11  DG  A N1    1 
ATOM   225 C  C2    . DG  A 1 11 ? -3.761  -2.491  -5.342  1.00 108.21 ? 11  DG  A C2    1 
ATOM   226 N  N2    . DG  A 1 11 ? -5.091  -2.368  -5.215  1.00 107.40 ? 11  DG  A N2    1 
ATOM   227 N  N3    . DG  A 1 11 ? -3.210  -2.416  -6.550  1.00 110.11 ? 11  DG  A N3    1 
ATOM   228 C  C4    . DG  A 1 11 ? -1.862  -2.560  -6.498  1.00 113.48 ? 11  DG  A C4    1 
ATOM   229 P  P     . DA  A 1 12 ? -1.655  0.194   -12.224 1.00 126.29 ? 12  DA  A P     1 
ATOM   230 O  OP1   . DA  A 1 12 ? -2.146  0.311   -13.615 1.00 119.78 ? 12  DA  A OP1   1 
ATOM   231 O  OP2   . DA  A 1 12 ? -0.403  0.882   -11.841 1.00 132.65 ? 12  DA  A OP2   1 
ATOM   232 O  "O5'" . DA  A 1 12 ? -2.806  0.682   -11.228 1.00 124.56 ? 12  DA  A "O5'" 1 
ATOM   233 C  "C5'" . DA  A 1 12 ? -4.013  -0.067  -11.126 1.00 126.80 ? 12  DA  A "C5'" 1 
ATOM   234 C  "C4'" . DA  A 1 12 ? -4.816  0.373   -9.916  1.00 120.92 ? 12  DA  A "C4'" 1 
ATOM   235 O  "O4'" . DA  A 1 12 ? -4.174  -0.116  -8.705  1.00 117.64 ? 12  DA  A "O4'" 1 
ATOM   236 C  "C3'" . DA  A 1 12 ? -4.948  1.891   -9.755  1.00 116.38 ? 12  DA  A "C3'" 1 
ATOM   237 O  "O3'" . DA  A 1 12 ? -6.310  2.256   -9.556  1.00 122.08 ? 12  DA  A "O3'" 1 
ATOM   238 C  "C2'" . DA  A 1 12 ? -4.101  2.194   -8.522  1.00 111.09 ? 12  DA  A "C2'" 1 
ATOM   239 C  "C1'" . DA  A 1 12 ? -4.206  0.900   -7.735  1.00 110.40 ? 12  DA  A "C1'" 1 
ATOM   240 N  N9    . DA  A 1 12 ? -3.092  0.715   -6.807  1.00 112.55 ? 12  DA  A N9    1 
ATOM   241 C  C8    . DA  A 1 12 ? -1.767  0.642   -7.126  1.00 115.29 ? 12  DA  A C8    1 
ATOM   242 N  N7    . DA  A 1 12 ? -0.977  0.499   -6.089  1.00 109.24 ? 12  DA  A N7    1 
ATOM   243 C  C5    . DA  A 1 12 ? -1.842  0.489   -5.008  1.00 111.95 ? 12  DA  A C5    1 
ATOM   244 C  C6    . DA  A 1 12 ? -1.622  0.368   -3.622  1.00 111.73 ? 12  DA  A C6    1 
ATOM   245 N  N6    . DA  A 1 12 ? -0.407  0.226   -3.083  1.00 106.36 ? 12  DA  A N6    1 
ATOM   246 N  N1    . DA  A 1 12 ? -2.702  0.395   -2.810  1.00 107.52 ? 12  DA  A N1    1 
ATOM   247 C  C2    . DA  A 1 12 ? -3.917  0.532   -3.360  1.00 106.53 ? 12  DA  A C2    1 
ATOM   248 N  N3    . DA  A 1 12 ? -4.247  0.659   -4.650  1.00 106.43 ? 12  DA  A N3    1 
ATOM   249 C  C4    . DA  A 1 12 ? -3.152  0.628   -5.429  1.00 109.67 ? 12  DA  A C4    1 
ATOM   250 P  P     . DC  A 1 13 ? -6.794  3.763   -9.844  1.00 126.70 ? 13  DC  A P     1 
ATOM   251 O  OP1   . DC  A 1 13 ? -8.190  3.884   -9.372  1.00 112.54 ? 13  DC  A OP1   1 
ATOM   252 O  OP2   . DC  A 1 13 ? -6.452  4.088   -11.246 1.00 121.06 ? 13  DC  A OP2   1 
ATOM   253 O  "O5'" . DC  A 1 13 ? -5.868  4.656   -8.898  1.00 113.28 ? 13  DC  A "O5'" 1 
ATOM   254 C  "C5'" . DC  A 1 13 ? -6.454  5.534   -7.950  1.00 113.94 ? 13  DC  A "C5'" 1 
ATOM   255 C  "C4'" . DC  A 1 13 ? -6.701  4.829   -6.630  1.00 112.51 ? 13  DC  A "C4'" 1 
ATOM   256 O  "O4'" . DC  A 1 13 ? -5.632  3.897   -6.373  1.00 113.83 ? 13  DC  A "O4'" 1 
ATOM   257 C  "C3'" . DC  A 1 13 ? -6.731  5.747   -5.423  1.00 113.10 ? 13  DC  A "C3'" 1 
ATOM   258 O  "O3'" . DC  A 1 13 ? -8.058  6.212   -5.209  1.00 120.26 ? 13  DC  A "O3'" 1 
ATOM   259 C  "C2'" . DC  A 1 13 ? -6.267  4.844   -4.279  1.00 106.09 ? 13  DC  A "C2'" 1 
ATOM   260 C  "C1'" . DC  A 1 13 ? -5.445  3.750   -4.979  1.00 112.69 ? 13  DC  A "C1'" 1 
ATOM   261 N  N1    . DC  A 1 13 ? -3.955  3.774   -4.690  1.00 109.27 ? 13  DC  A N1    1 
ATOM   262 C  C2    . DC  A 1 13 ? -3.475  3.713   -3.367  1.00 107.65 ? 13  DC  A C2    1 
ATOM   263 O  O2    . DC  A 1 13 ? -4.273  3.666   -2.424  1.00 112.15 ? 13  DC  A O2    1 
ATOM   264 N  N3    . DC  A 1 13 ? -2.133  3.725   -3.159  1.00 107.59 ? 13  DC  A N3    1 
ATOM   265 C  C4    . DC  A 1 13 ? -1.293  3.775   -4.192  1.00 111.23 ? 13  DC  A C4    1 
ATOM   266 N  N4    . DC  A 1 13 ? 0.019   3.781   -3.934  1.00 102.84 ? 13  DC  A N4    1 
ATOM   267 C  C5    . DC  A 1 13 ? -1.759  3.824   -5.535  1.00 109.57 ? 13  DC  A C5    1 
ATOM   268 C  C6    . DC  A 1 13 ? -3.079  3.820   -5.735  1.00 106.29 ? 13  DC  A C6    1 
ATOM   269 P  P     . DA  A 1 14 ? -8.319  7.689   -4.637  1.00 129.78 ? 14  DA  A P     1 
ATOM   270 O  OP1   . DA  A 1 14 ? -9.760  7.980   -4.791  1.00 134.06 ? 14  DA  A OP1   1 
ATOM   271 O  OP2   . DA  A 1 14 ? -7.317  8.588   -5.250  1.00 126.52 ? 14  DA  A OP2   1 
ATOM   272 O  "O5'" . DA  A 1 14 ? -7.973  7.568   -3.081  1.00 112.61 ? 14  DA  A "O5'" 1 
ATOM   273 C  "C5'" . DA  A 1 14 ? -8.654  6.617   -2.272  1.00 113.56 ? 14  DA  A "C5'" 1 
ATOM   274 C  "C4'" . DA  A 1 14 ? -8.063  6.577   -0.872  1.00 110.65 ? 14  DA  A "C4'" 1 
ATOM   275 O  "O4'" . DA  A 1 14 ? -6.740  5.979   -0.916  1.00 116.52 ? 14  DA  A "O4'" 1 
ATOM   276 C  "C3'" . DA  A 1 14 ? -7.893  7.940   -0.203  1.00 110.96 ? 14  DA  A "C3'" 1 
ATOM   277 O  "O3'" . DA  A 1 14 ? -8.255  7.855   1.166   1.00 110.59 ? 14  DA  A "O3'" 1 
ATOM   278 C  "C2'" . DA  A 1 14 ? -6.403  8.230   -0.371  1.00 117.99 ? 14  DA  A "C2'" 1 
ATOM   279 C  "C1'" . DA  A 1 14 ? -5.806  6.833   -0.293  1.00 111.33 ? 14  DA  A "C1'" 1 
ATOM   280 N  N9    . DA  A 1 14 ? -4.534  6.703   -0.996  1.00 98.85  ? 14  DA  A N9    1 
ATOM   281 C  C8    . DA  A 1 14 ? -4.349  6.659   -2.347  1.00 104.90 ? 14  DA  A C8    1 
ATOM   282 N  N7    . DA  A 1 14 ? -3.097  6.535   -2.710  1.00 106.62 ? 14  DA  A N7    1 
ATOM   283 C  C5    . DA  A 1 14 ? -2.408  6.489   -1.513  1.00 103.68 ? 14  DA  A C5    1 
ATOM   284 C  C6    . DA  A 1 14 ? -1.039  6.366   -1.216  1.00 91.32  ? 14  DA  A C6    1 
ATOM   285 N  N6    . DA  A 1 14 ? -0.095  6.258   -2.155  1.00 87.87  ? 14  DA  A N6    1 
ATOM   286 N  N1    . DA  A 1 14 ? -0.679  6.360   0.083   1.00 86.89  ? 14  DA  A N1    1 
ATOM   287 C  C2    . DA  A 1 14 ? -1.633  6.470   1.018   1.00 93.23  ? 14  DA  A C2    1 
ATOM   288 N  N3    . DA  A 1 14 ? -2.953  6.590   0.860   1.00 103.64 ? 14  DA  A N3    1 
ATOM   289 C  C4    . DA  A 1 14 ? -3.278  6.588   -0.443  1.00 104.21 ? 14  DA  A C4    1 
ATOM   290 P  P     . DC  A 1 15 ? -8.710  9.173   1.963   1.00 131.55 ? 15  DC  A P     1 
ATOM   291 O  OP1   . DC  A 1 15 ? -9.774  8.773   2.906   1.00 131.86 ? 15  DC  A OP1   1 
ATOM   292 O  OP2   . DC  A 1 15 ? -8.951  10.248  0.973   1.00 125.78 ? 15  DC  A OP2   1 
ATOM   293 O  "O5'" . DC  A 1 15 ? -7.419  9.574   2.809   1.00 111.06 ? 15  DC  A "O5'" 1 
ATOM   294 C  "C5'" . DC  A 1 15 ? -6.951  8.717   3.838   1.00 110.91 ? 15  DC  A "C5'" 1 
ATOM   295 C  "C4'" . DC  A 1 15 ? -5.669  9.265   4.425   1.00 115.35 ? 15  DC  A "C4'" 1 
ATOM   296 O  "O4'" . DC  A 1 15 ? -4.547  8.873   3.590   1.00 111.23 ? 15  DC  A "O4'" 1 
ATOM   297 C  "C3'" . DC  A 1 15 ? -5.627  10.793  4.513   1.00 114.53 ? 15  DC  A "C3'" 1 
ATOM   298 O  "O3'" . DC  A 1 15 ? -5.284  11.206  5.826   1.00 115.85 ? 15  DC  A "O3'" 1 
ATOM   299 C  "C2'" . DC  A 1 15 ? -4.556  11.194  3.496   1.00 109.93 ? 15  DC  A "C2'" 1 
ATOM   300 C  "C1'" . DC  A 1 15 ? -3.669  9.963   3.467   1.00 102.60 ? 15  DC  A "C1'" 1 
ATOM   301 N  N1    . DC  A 1 15 ? -2.891  9.830   2.193   1.00 104.06 ? 15  DC  A N1    1 
ATOM   302 C  C2    . DC  A 1 15 ? -1.492  9.759   2.240   1.00 94.37  ? 15  DC  A C2    1 
ATOM   303 O  O2    . DC  A 1 15 ? -0.929  9.787   3.341   1.00 88.44  ? 15  DC  A O2    1 
ATOM   304 N  N3    . DC  A 1 15 ? -0.799  9.651   1.075   1.00 82.99  ? 15  DC  A N3    1 
ATOM   305 C  C4    . DC  A 1 15 ? -1.454  9.625   -0.089  1.00 82.99  ? 15  DC  A C4    1 
ATOM   306 N  N4    . DC  A 1 15 ? -0.736  9.518   -1.214  1.00 82.99  ? 15  DC  A N4    1 
ATOM   307 C  C5    . DC  A 1 15 ? -2.877  9.709   -0.154  1.00 102.26 ? 15  DC  A C5    1 
ATOM   308 C  C6    . DC  A 1 15 ? -3.548  9.809   0.998   1.00 101.05 ? 15  DC  A C6    1 
ATOM   309 P  P     . DC  A 1 16 ? -5.737  12.654  6.356   1.00 111.32 ? 16  DC  A P     1 
ATOM   310 O  OP1   . DC  A 1 16 ? -7.168  12.566  6.719   1.00 120.31 ? 16  DC  A OP1   1 
ATOM   311 O  OP2   . DC  A 1 16 ? -5.290  13.668  5.376   1.00 101.43 ? 16  DC  A OP2   1 
ATOM   312 O  "O5'" . DC  A 1 16 ? -4.884  12.858  7.692   1.00 112.23 ? 16  DC  A "O5'" 1 
ATOM   313 C  "C5'" . DC  A 1 16 ? -3.706  12.089  7.911   1.00 111.85 ? 16  DC  A "C5'" 1 
ATOM   314 C  "C4'" . DC  A 1 16 ? -2.462  12.888  7.569   1.00 102.92 ? 16  DC  A "C4'" 1 
ATOM   315 O  "O4'" . DC  A 1 16 ? -2.106  12.669  6.183   1.00 92.34  ? 16  DC  A "O4'" 1 
ATOM   316 C  "C3'" . DC  A 1 16 ? -2.585  14.414  7.738   1.00 106.37 ? 16  DC  A "C3'" 1 
ATOM   317 O  "O3'" . DC  A 1 16 ? -1.706  14.879  8.816   1.00 109.10 ? 16  DC  A "O3'" 1 
ATOM   318 C  "C2'" . DC  A 1 16 ? -2.198  14.976  6.347   1.00 98.76  ? 16  DC  A "C2'" 1 
ATOM   319 C  "C1'" . DC  A 1 16 ? -1.422  13.806  5.750   1.00 94.41  ? 16  DC  A "C1'" 1 
ATOM   320 N  N1    . DC  A 1 16 ? -1.302  13.795  4.250   1.00 98.03  ? 16  DC  A N1    1 
ATOM   321 C  C2    . DC  A 1 16 ? -0.028  13.742  3.663   1.00 90.15  ? 16  DC  A C2    1 
ATOM   322 O  O2    . DC  A 1 16 ? 0.973   13.711  4.394   1.00 83.55  ? 16  DC  A O2    1 
ATOM   323 N  N3    . DC  A 1 16 ? 0.077   13.722  2.310   1.00 83.59  ? 16  DC  A N3    1 
ATOM   324 C  C4    . DC  A 1 16 ? -1.025  13.757  1.555   1.00 91.14  ? 16  DC  A C4    1 
ATOM   325 N  N4    . DC  A 1 16 ? -0.873  13.738  0.225   1.00 89.42  ? 16  DC  A N4    1 
ATOM   326 C  C5    . DC  A 1 16 ? -2.329  13.810  2.132   1.00 96.70  ? 16  DC  A C5    1 
ATOM   327 C  C6    . DC  A 1 16 ? -2.419  13.829  3.470   1.00 96.51  ? 16  DC  A C6    1 
ATOM   328 P  P     . DA  A 1 17 ? -0.420  15.793  8.493   1.00 109.68 ? 17  DA  A P     1 
ATOM   329 O  OP1   . DA  A 1 17 ? -0.905  17.143  8.124   1.00 82.09  ? 17  DA  A OP1   1 
ATOM   330 O  OP2   . DA  A 1 17 ? 0.451   14.971  7.632   1.00 110.11 ? 17  DA  A OP2   1 
ATOM   331 O  "O5'" . DA  A 1 17 ? 0.408   15.907  9.860   1.00 108.44 ? 17  DA  A "O5'" 1 
ATOM   332 C  "C5'" . DA  A 1 17 ? 1.743   15.347  9.948   1.00 106.00 ? 17  DA  A "C5'" 1 
ATOM   333 C  "C4'" . DA  A 1 17 ? 2.796   16.186  9.205   1.00 95.66  ? 17  DA  A "C4'" 1 
ATOM   334 O  "O4'" . DA  A 1 17 ? 2.754   15.912  7.776   1.00 90.00  ? 17  DA  A "O4'" 1 
ATOM   335 C  "C3'" . DA  A 1 17 ? 2.680   17.701  9.370   1.00 94.52  ? 17  DA  A "C3'" 1 
ATOM   336 O  "O3'" . DA  A 1 17 ? 3.847   18.270  10.040  1.00 107.39 ? 17  DA  A "O3'" 1 
ATOM   337 C  "C2'" . DA  A 1 17 ? 2.483   18.255  7.953   1.00 89.36  ? 17  DA  A "C2'" 1 
ATOM   338 C  "C1'" . DA  A 1 17 ? 2.891   17.106  7.033   1.00 88.46  ? 17  DA  A "C1'" 1 
ATOM   339 N  N9    . DA  A 1 17 ? 2.045   17.023  5.839   1.00 90.57  ? 17  DA  A N9    1 
ATOM   340 C  C8    . DA  A 1 17 ? 0.688   17.143  5.800   1.00 95.26  ? 17  DA  A C8    1 
ATOM   341 N  N7    . DA  A 1 17 ? 0.170   17.041  4.609   1.00 90.77  ? 17  DA  A N7    1 
ATOM   342 C  C5    . DA  A 1 17 ? 1.262   16.859  3.790   1.00 87.93  ? 17  DA  A C5    1 
ATOM   343 C  C6    . DA  A 1 17 ? 1.368   16.695  2.404   1.00 87.02  ? 17  DA  A C6    1 
ATOM   344 N  N6    . DA  A 1 17 ? 0.308   16.688  1.592   1.00 83.87  ? 17  DA  A N6    1 
ATOM   345 N  N1    . DA  A 1 17 ? 2.601   16.538  1.883   1.00 92.27  ? 17  DA  A N1    1 
ATOM   346 C  C2    . DA  A 1 17 ? 3.658   16.544  2.712   1.00 89.37  ? 17  DA  A C2    1 
ATOM   347 N  N3    . DA  A 1 17 ? 3.682   16.696  4.043   1.00 89.73  ? 17  DA  A N3    1 
ATOM   348 C  C4    . DA  A 1 17 ? 2.436   16.846  4.524   1.00 89.38  ? 17  DA  A C4    1 
ATOM   349 P  P     . DC  A 1 18 ? 5.373   17.878  9.677   1.00 120.75 ? 18  DC  A P     1 
ATOM   350 O  OP1   . DC  A 1 18 ? 5.530   16.950  8.540   1.00 104.64 ? 18  DC  A OP1   1 
ATOM   351 O  OP2   . DC  A 1 18 ? 5.990   17.533  10.974  1.00 105.98 ? 18  DC  A OP2   1 
ATOM   352 O  "O5'" . DC  A 1 18 ? 5.999   19.254  9.164   1.00 101.43 ? 18  DC  A "O5'" 1 
ATOM   353 C  "C5'" . DC  A 1 18 ? 5.541   19.820  7.941   1.00 96.26  ? 18  DC  A "C5'" 1 
ATOM   354 C  "C4'" . DC  A 1 18 ? 6.477   19.480  6.799   1.00 99.99  ? 18  DC  A "C4'" 1 
ATOM   355 O  "O4'" . DC  A 1 18 ? 5.721   18.890  5.708   1.00 94.33  ? 18  DC  A "O4'" 1 
ATOM   356 C  "C3'" . DC  A 1 18 ? 7.192   20.678  6.204   1.00 111.07 ? 18  DC  A "C3'" 1 
ATOM   357 O  "O3'" . DC  A 1 18 ? 8.471   20.307  5.730   1.00 112.31 ? 18  DC  A "O3'" 1 
ATOM   358 C  "C2'" . DC  A 1 18 ? 6.272   21.086  5.067   1.00 104.61 ? 18  DC  A "C2'" 1 
ATOM   359 C  "C1'" . DC  A 1 18 ? 5.731   19.747  4.582   1.00 94.42  ? 18  DC  A "C1'" 1 
ATOM   360 N  N1    . DC  A 1 18 ? 4.332   19.831  4.050   1.00 90.78  ? 18  DC  A N1    1 
ATOM   361 C  C2    . DC  A 1 18 ? 4.089   19.751  2.663   1.00 93.37  ? 18  DC  A C2    1 
ATOM   362 O  O2    . DC  A 1 18 ? 5.041   19.609  1.882   1.00 90.14  ? 18  DC  A O2    1 
ATOM   363 N  N3    . DC  A 1 18 ? 2.802   19.828  2.220   1.00 96.90  ? 18  DC  A N3    1 
ATOM   364 C  C4    . DC  A 1 18 ? 1.802   19.979  3.095   1.00 90.79  ? 18  DC  A C4    1 
ATOM   365 N  N4    . DC  A 1 18 ? 0.553   20.053  2.621   1.00 85.31  ? 18  DC  A N4    1 
ATOM   366 C  C5    . DC  A 1 18 ? 2.035   20.065  4.499   1.00 88.25  ? 18  DC  A C5    1 
ATOM   367 C  C6    . DC  A 1 18 ? 3.298   19.984  4.926   1.00 92.09  ? 18  DC  A C6    1 
ATOM   368 P  P     . DT  A 1 19 ? 9.710   21.309  5.932   1.00 132.43 ? 19  DT  A P     1 
ATOM   369 O  OP1   . DT  A 1 19 ? 10.817  20.535  6.535   1.00 143.11 ? 19  DT  A OP1   1 
ATOM   370 O  OP2   . DT  A 1 19 ? 9.195   22.518  6.615   1.00 129.90 ? 19  DT  A OP2   1 
ATOM   371 O  "O5'" . DT  A 1 19 ? 10.119  21.722  4.443   1.00 126.08 ? 19  DT  A "O5'" 1 
ATOM   372 C  "C5'" . DT  A 1 19 ? 9.171   22.361  3.597   1.00 113.16 ? 19  DT  A "C5'" 1 
ATOM   373 C  "C4'" . DT  A 1 19 ? 9.367   21.937  2.158   1.00 116.84 ? 19  DT  A "C4'" 1 
ATOM   374 O  "O4'" . DT  A 1 19 ? 8.101   21.490  1.606   1.00 108.09 ? 19  DT  A "O4'" 1 
ATOM   375 C  "C3'" . DT  A 1 19 ? 9.838   23.038  1.230   1.00 118.85 ? 19  DT  A "C3'" 1 
ATOM   376 O  "O3'" . DT  A 1 19 ? 10.546  22.461  0.129   1.00 115.85 ? 19  DT  A "O3'" 1 
ATOM   377 C  "C2'" . DT  A 1 19 ? 8.512   23.663  0.804   1.00 117.86 ? 19  DT  A "C2'" 1 
ATOM   378 C  "C1'" . DT  A 1 19 ? 7.628   22.434  0.658   1.00 107.44 ? 19  DT  A "C1'" 1 
ATOM   379 N  N1    . DT  A 1 19 ? 6.151   22.661  0.918   1.00 107.40 ? 19  DT  A N1    1 
ATOM   380 C  C2    . DT  A 1 19 ? 5.260   22.626  -0.140  1.00 108.53 ? 19  DT  A C2    1 
ATOM   381 O  O2    . DT  A 1 19 ? 5.602   22.456  -1.298  1.00 113.62 ? 19  DT  A O2    1 
ATOM   382 N  N3    . DT  A 1 19 ? 3.943   22.811  0.215   1.00 101.58 ? 19  DT  A N3    1 
ATOM   383 C  C4    . DT  A 1 19 ? 3.441   23.010  1.487   1.00 101.19 ? 19  DT  A C4    1 
ATOM   384 O  O4    . DT  A 1 19 ? 2.244   23.168  1.710   1.00 99.30  ? 19  DT  A O4    1 
ATOM   385 C  C5    . DT  A 1 19 ? 4.417   23.024  2.543   1.00 99.48  ? 19  DT  A C5    1 
ATOM   386 C  C7    . DT  A 1 19 ? 3.970   23.242  3.957   1.00 99.38  ? 19  DT  A C7    1 
ATOM   387 C  C6    . DT  A 1 19 ? 5.711   22.847  2.216   1.00 103.28 ? 19  DT  A C6    1 
ATOM   388 P  P     . DC  A 1 20 ? 10.965  23.354  -1.140  1.00 131.83 ? 20  DC  A P     1 
ATOM   389 O  OP1   . DC  A 1 20 ? 12.066  22.653  -1.841  1.00 131.70 ? 20  DC  A OP1   1 
ATOM   390 O  OP2   . DC  A 1 20 ? 11.181  24.736  -0.661  1.00 132.58 ? 20  DC  A OP2   1 
ATOM   391 O  "O5'" . DC  A 1 20 ? 9.656   23.322  -2.060  1.00 132.77 ? 20  DC  A "O5'" 1 
ATOM   392 C  "C5'" . DC  A 1 20 ? 9.721   23.713  -3.420  1.00 134.39 ? 20  DC  A "C5'" 1 
ATOM   393 C  "C4'" . DC  A 1 20 ? 9.042   25.053  -3.629  1.00 133.87 ? 20  DC  A "C4'" 1 
ATOM   394 O  "O4'" . DC  A 1 20 ? 7.843   25.135  -2.812  1.00 129.49 ? 20  DC  A "O4'" 1 
ATOM   395 C  "C3'" . DC  A 1 20 ? 9.893   26.282  -3.263  1.00 136.10 ? 20  DC  A "C3'" 1 
ATOM   396 O  "O3'" . DC  A 1 20 ? 9.875   27.229  -4.335  1.00 142.04 ? 20  DC  A "O3'" 1 
ATOM   397 C  "C2'" . DC  A 1 20 ? 9.188   26.837  -2.021  1.00 132.78 ? 20  DC  A "C2'" 1 
ATOM   398 C  "C1'" . DC  A 1 20 ? 7.753   26.442  -2.317  1.00 130.14 ? 20  DC  A "C1'" 1 
ATOM   399 N  N1    . DC  A 1 20 ? 6.833   26.478  -1.135  1.00 123.14 ? 20  DC  A N1    1 
ATOM   400 C  C2    . DC  A 1 20 ? 5.451   26.434  -1.342  1.00 118.76 ? 20  DC  A C2    1 
ATOM   401 O  O2    . DC  A 1 20 ? 5.026   26.350  -2.499  1.00 120.65 ? 20  DC  A O2    1 
ATOM   402 N  N3    . DC  A 1 20 ? 4.621   26.480  -0.268  1.00 116.79 ? 20  DC  A N3    1 
ATOM   403 C  C4    . DC  A 1 20 ? 5.128   26.572  0.963   1.00 114.09 ? 20  DC  A C4    1 
ATOM   404 N  N4    . DC  A 1 20 ? 4.274   26.613  1.994   1.00 109.30 ? 20  DC  A N4    1 
ATOM   405 C  C5    . DC  A 1 20 ? 6.535   26.628  1.192   1.00 115.97 ? 20  DC  A C5    1 
ATOM   406 C  C6    . DC  A 1 20 ? 7.341   26.594  0.124   1.00 121.88 ? 20  DC  A C6    1 
ATOM   407 P  P     . DA  A 1 21 ? 10.846  27.062  -5.608  1.00 153.49 ? 21  DA  A P     1 
ATOM   408 O  OP1   . DA  A 1 21 ? 11.343  25.668  -5.649  1.00 151.05 ? 21  DA  A OP1   1 
ATOM   409 O  OP2   . DA  A 1 21 ? 11.812  28.185  -5.576  1.00 154.47 ? 21  DA  A OP2   1 
ATOM   410 O  "O5'" . DA  A 1 21 ? 9.870   27.295  -6.856  1.00 143.73 ? 21  DA  A "O5'" 1 
ATOM   411 C  "C5'" . DA  A 1 21 ? 8.616   26.609  -6.923  1.00 138.75 ? 21  DA  A "C5'" 1 
ATOM   412 C  "C4'" . DA  A 1 21 ? 7.503   27.542  -7.380  1.00 136.71 ? 21  DA  A "C4'" 1 
ATOM   413 O  "O4'" . DA  A 1 21 ? 6.599   27.811  -6.272  1.00 130.32 ? 21  DA  A "O4'" 1 
ATOM   414 C  "C3'" . DA  A 1 21 ? 7.963   28.905  -7.881  1.00 134.39 ? 21  DA  A "C3'" 1 
ATOM   415 O  "O3'" . DA  A 1 21 ? 7.109   29.347  -8.930  1.00 128.92 ? 21  DA  A "O3'" 1 
ATOM   416 C  "C2'" . DA  A 1 21 ? 7.831   29.784  -6.638  1.00 131.36 ? 21  DA  A "C2'" 1 
ATOM   417 C  "C1'" . DA  A 1 21 ? 6.594   29.197  -5.968  1.00 125.24 ? 21  DA  A "C1'" 1 
ATOM   418 N  N9    . DA  A 1 21 ? 6.589   29.345  -4.510  1.00 126.55 ? 21  DA  A N9    1 
ATOM   419 C  C8    . DA  A 1 21 ? 7.677   29.463  -3.690  1.00 127.29 ? 21  DA  A C8    1 
ATOM   420 N  N7    . DA  A 1 21 ? 7.375   29.574  -2.416  1.00 122.85 ? 21  DA  A N7    1 
ATOM   421 C  C5    . DA  A 1 21 ? 5.989   29.523  -2.395  1.00 127.61 ? 21  DA  A C5    1 
ATOM   422 C  C6    . DA  A 1 21 ? 5.049   29.592  -1.342  1.00 122.33 ? 21  DA  A C6    1 
ATOM   423 N  N6    . DA  A 1 21 ? 5.392   29.724  -0.055  1.00 119.75 ? 21  DA  A N6    1 
ATOM   424 N  N1    . DA  A 1 21 ? 3.739   29.515  -1.663  1.00 118.52 ? 21  DA  A N1    1 
ATOM   425 C  C2    . DA  A 1 21 ? 3.400   29.377  -2.952  1.00 118.87 ? 21  DA  A C2    1 
ATOM   426 N  N3    . DA  A 1 21 ? 4.191   29.306  -4.027  1.00 124.76 ? 21  DA  A N3    1 
ATOM   427 C  C4    . DA  A 1 21 ? 5.486   29.384  -3.676  1.00 128.75 ? 21  DA  A C4    1 
ATOM   428 P  P     . DT  B 2 1  ? 8.051   2.344   3.462   1.00 107.03 ? 1   DT  B P     1 
ATOM   429 O  OP1   . DT  B 2 1  ? 9.417   2.791   3.807   1.00 106.87 ? 1   DT  B OP1   1 
ATOM   430 O  OP2   . DT  B 2 1  ? 7.803   1.697   2.153   1.00 94.72  ? 1   DT  B OP2   1 
ATOM   431 O  "O5'" . DT  B 2 1  ? 7.045   3.583   3.588   1.00 96.94  ? 1   DT  B "O5'" 1 
ATOM   432 C  "C5'" . DT  B 2 1  ? 7.261   4.585   4.577   1.00 96.96  ? 1   DT  B "C5'" 1 
ATOM   433 C  "C4'" . DT  B 2 1  ? 5.941   5.183   5.029   1.00 94.90  ? 1   DT  B "C4'" 1 
ATOM   434 O  "O4'" . DT  B 2 1  ? 5.492   6.151   4.060   1.00 91.07  ? 1   DT  B "O4'" 1 
ATOM   435 C  "C3'" . DT  B 2 1  ? 4.806   4.187   5.156   1.00 99.48  ? 1   DT  B "C3'" 1 
ATOM   436 O  "O3'" . DT  B 2 1  ? 4.789   3.656   6.477   1.00 103.70 ? 1   DT  B "O3'" 1 
ATOM   437 C  "C2'" . DT  B 2 1  ? 3.562   5.034   4.883   1.00 92.96  ? 1   DT  B "C2'" 1 
ATOM   438 C  "C1'" . DT  B 2 1  ? 4.082   6.183   4.015   1.00 87.70  ? 1   DT  B "C1'" 1 
ATOM   439 N  N1    . DT  B 2 1  ? 3.660   6.104   2.586   1.00 85.78  ? 1   DT  B N1    1 
ATOM   440 C  C2    . DT  B 2 1  ? 2.326   6.216   2.261   1.00 85.87  ? 1   DT  B C2    1 
ATOM   441 O  O2    . DT  B 2 1  ? 1.444   6.368   3.089   1.00 88.54  ? 1   DT  B O2    1 
ATOM   442 N  N3    . DT  B 2 1  ? 2.058   6.138   0.917   1.00 80.22  ? 1   DT  B N3    1 
ATOM   443 C  C4    . DT  B 2 1  ? 2.972   5.968   -0.108  1.00 78.81  ? 1   DT  B C4    1 
ATOM   444 O  O4    . DT  B 2 1  ? 2.639   5.909   -1.287  1.00 81.51  ? 1   DT  B O4    1 
ATOM   445 C  C5    . DT  B 2 1  ? 4.346   5.866   0.305   1.00 89.02  ? 1   DT  B C5    1 
ATOM   446 C  C7    . DT  B 2 1  ? 5.422   5.681   -0.720  1.00 88.60  ? 1   DT  B C7    1 
ATOM   447 C  C6    . DT  B 2 1  ? 4.621   5.940   1.614   1.00 85.66  ? 1   DT  B C6    1 
ATOM   448 P  P     . DG  B 2 2  ? 4.490   2.097   6.717   1.00 112.58 ? 2   DG  B P     1 
ATOM   449 O  OP1   . DG  B 2 2  ? 4.845   1.770   8.116   1.00 118.00 ? 2   DG  B OP1   1 
ATOM   450 O  OP2   . DG  B 2 2  ? 5.104   1.350   5.595   1.00 116.33 ? 2   DG  B OP2   1 
ATOM   451 O  "O5'" . DG  B 2 2  ? 2.905   1.997   6.574   1.00 102.48 ? 2   DG  B "O5'" 1 
ATOM   452 C  "C5'" . DG  B 2 2  ? 2.078   2.904   7.280   1.00 100.58 ? 2   DG  B "C5'" 1 
ATOM   453 C  "C4'" . DG  B 2 2  ? 0.714   2.989   6.630   1.00 98.61  ? 2   DG  B "C4'" 1 
ATOM   454 O  "O4'" . DG  B 2 2  ? 0.819   3.676   5.371   1.00 95.64  ? 2   DG  B "O4'" 1 
ATOM   455 C  "C3'" . DG  B 2 2  ? 0.113   1.649   6.279   1.00 108.63 ? 2   DG  B "C3'" 1 
ATOM   456 O  "O3'" . DG  B 2 2  ? -0.600  1.141   7.401   1.00 121.55 ? 2   DG  B "O3'" 1 
ATOM   457 C  "C2'" . DG  B 2 2  ? -0.823  1.979   5.110   1.00 107.17 ? 2   DG  B "C2'" 1 
ATOM   458 C  "C1'" . DG  B 2 2  ? -0.224  3.254   4.513   1.00 99.38  ? 2   DG  B "C1'" 1 
ATOM   459 N  N9    . DG  B 2 2  ? 0.324   3.088   3.165   1.00 96.13  ? 2   DG  B N9    1 
ATOM   460 C  C8    . DG  B 2 2  ? 1.645   2.919   2.829   1.00 97.03  ? 2   DG  B C8    1 
ATOM   461 N  N7    . DG  B 2 2  ? 1.847   2.819   1.543   1.00 94.50  ? 2   DG  B N7    1 
ATOM   462 C  C5    . DG  B 2 2  ? 0.581   2.938   0.988   1.00 94.33  ? 2   DG  B C5    1 
ATOM   463 C  C6    . DG  B 2 2  ? 0.173   2.907   -0.369  1.00 99.43  ? 2   DG  B C6    1 
ATOM   464 O  O6    . DG  B 2 2  ? 0.878   2.765   -1.379  1.00 94.21  ? 2   DG  B O6    1 
ATOM   465 N  N1    . DG  B 2 2  ? -1.206  3.066   -0.502  1.00 105.11 ? 2   DG  B N1    1 
ATOM   466 C  C2    . DG  B 2 2  ? -2.084  3.233   0.545   1.00 103.01 ? 2   DG  B C2    1 
ATOM   467 N  N2    . DG  B 2 2  ? -3.379  3.371   0.221   1.00 98.94  ? 2   DG  B N2    1 
ATOM   468 N  N3    . DG  B 2 2  ? -1.717  3.264   1.824   1.00 100.83 ? 2   DG  B N3    1 
ATOM   469 C  C4    . DG  B 2 2  ? -0.374  3.112   1.970   1.00 99.71  ? 2   DG  B C4    1 
ATOM   470 P  P     . DT  B 2 3  ? -1.546  -0.149  7.250   1.00 131.27 ? 3   DT  B P     1 
ATOM   471 O  OP1   . DT  B 2 3  ? -1.713  -0.741  8.598   1.00 132.23 ? 3   DT  B OP1   1 
ATOM   472 O  OP2   . DT  B 2 3  ? -1.046  -0.988  6.132   1.00 117.19 ? 3   DT  B OP2   1 
ATOM   473 O  "O5'" . DT  B 2 3  ? -2.948  0.462   6.792   1.00 112.10 ? 3   DT  B "O5'" 1 
ATOM   474 C  "C5'" . DT  B 2 3  ? -4.005  -0.402  6.455   1.00 106.38 ? 3   DT  B "C5'" 1 
ATOM   475 C  "C4'" . DT  B 2 3  ? -4.921  0.240   5.441   1.00 104.53 ? 3   DT  B "C4'" 1 
ATOM   476 O  "O4'" . DT  B 2 3  ? -4.136  0.790   4.345   1.00 105.26 ? 3   DT  B "O4'" 1 
ATOM   477 C  "C3'" . DT  B 2 3  ? -5.907  -0.724  4.804   1.00 106.57 ? 3   DT  B "C3'" 1 
ATOM   478 O  "O3'" . DT  B 2 3  ? -7.133  -0.069  4.566   1.00 109.84 ? 3   DT  B "O3'" 1 
ATOM   479 C  "C2'" . DT  B 2 3  ? -5.211  -1.093  3.504   1.00 102.59 ? 3   DT  B "C2'" 1 
ATOM   480 C  "C1'" . DT  B 2 3  ? -4.588  0.237   3.127   1.00 107.05 ? 3   DT  B "C1'" 1 
ATOM   481 N  N1    . DT  B 2 3  ? -3.431  0.103   2.208   1.00 110.37 ? 3   DT  B N1    1 
ATOM   482 C  C2    . DT  B 2 3  ? -3.633  0.169   0.846   1.00 109.81 ? 3   DT  B C2    1 
ATOM   483 O  O2    . DT  B 2 3  ? -4.729  0.339   0.339   1.00 108.89 ? 3   DT  B O2    1 
ATOM   484 N  N3    . DT  B 2 3  ? -2.493  0.027   0.093   1.00 106.20 ? 3   DT  B N3    1 
ATOM   485 C  C4    . DT  B 2 3  ? -1.204  -0.170  0.561   1.00 109.05 ? 3   DT  B C4    1 
ATOM   486 O  O4    . DT  B 2 3  ? -0.241  -0.287  -0.189  1.00 108.71 ? 3   DT  B O4    1 
ATOM   487 C  C5    . DT  B 2 3  ? -1.070  -0.230  1.997   1.00 109.89 ? 3   DT  B C5    1 
ATOM   488 C  C7    . DT  B 2 3  ? 0.279   -0.439  2.618   1.00 106.35 ? 3   DT  B C7    1 
ATOM   489 C  C6    . DT  B 2 3  ? -2.176  -0.094  2.739   1.00 109.05 ? 3   DT  B C6    1 
ATOM   490 P  P     . DC  B 2 4  ? -8.504  -0.899  4.642   1.00 109.01 ? 4   DC  B P     1 
ATOM   491 O  OP1   . DC  B 2 4  ? -9.351  -0.270  5.683   1.00 99.32  ? 4   DC  B OP1   1 
ATOM   492 O  OP2   . DC  B 2 4  ? -8.132  -2.331  4.748   1.00 101.98 ? 4   DC  B OP2   1 
ATOM   493 O  "O5'" . DC  B 2 4  ? -9.165  -0.670  3.206   1.00 102.43 ? 4   DC  B "O5'" 1 
ATOM   494 C  "C5'" . DC  B 2 4  ? -8.335  -0.446  2.082   1.00 104.02 ? 4   DC  B "C5'" 1 
ATOM   495 C  "C4'" . DC  B 2 4  ? -9.091  -0.699  0.799   1.00 101.61 ? 4   DC  B "C4'" 1 
ATOM   496 O  "O4'" . DC  B 2 4  ? -8.147  -0.855  -0.287  1.00 110.62 ? 4   DC  B "O4'" 1 
ATOM   497 C  "C3'" . DC  B 2 4  ? -9.890  -1.978  0.777   1.00 99.67  ? 4   DC  B "C3'" 1 
ATOM   498 O  "O3'" . DC  B 2 4  ? -10.827 -1.903  -0.274  1.00 103.07 ? 4   DC  B "O3'" 1 
ATOM   499 C  "C2'" . DC  B 2 4  ? -8.797  -2.994  0.469   1.00 95.04  ? 4   DC  B "C2'" 1 
ATOM   500 C  "C1'" . DC  B 2 4  ? -7.979  -2.234  -0.575  1.00 100.14 ? 4   DC  B "C1'" 1 
ATOM   501 N  N1    . DC  B 2 4  ? -6.525  -2.524  -0.536  1.00 104.18 ? 4   DC  B N1    1 
ATOM   502 C  C2    . DC  B 2 4  ? -5.788  -2.490  -1.723  1.00 106.18 ? 4   DC  B C2    1 
ATOM   503 O  O2    . DC  B 2 4  ? -6.373  -2.231  -2.782  1.00 110.39 ? 4   DC  B O2    1 
ATOM   504 N  N3    . DC  B 2 4  ? -4.456  -2.739  -1.676  1.00 102.96 ? 4   DC  B N3    1 
ATOM   505 C  C4    . DC  B 2 4  ? -3.871  -3.010  -0.508  1.00 108.18 ? 4   DC  B C4    1 
ATOM   506 N  N4    . DC  B 2 4  ? -2.558  -3.251  -0.506  1.00 107.21 ? 4   DC  B N4    1 
ATOM   507 C  C5    . DC  B 2 4  ? -4.609  -3.047  0.712   1.00 105.15 ? 4   DC  B C5    1 
ATOM   508 C  C6    . DC  B 2 4  ? -5.920  -2.798  0.651   1.00 101.12 ? 4   DC  B C6    1 
ATOM   509 P  P     . DA  B 2 5  ? -12.337 -2.406  -0.067  1.00 100.51 ? 5   DA  B P     1 
ATOM   510 O  OP1   . DA  B 2 5  ? -13.240 -1.254  -0.299  1.00 100.61 ? 5   DA  B OP1   1 
ATOM   511 O  OP2   . DA  B 2 5  ? -12.403 -3.132  1.220   1.00 103.02 ? 5   DA  B OP2   1 
ATOM   512 O  "O5'" . DA  B 2 5  ? -12.521 -3.472  -1.240  1.00 90.97  ? 5   DA  B "O5'" 1 
ATOM   513 C  "C5'" . DA  B 2 5  ? -11.949 -3.220  -2.514  1.00 103.05 ? 5   DA  B "C5'" 1 
ATOM   514 C  "C4'" . DA  B 2 5  ? -11.336 -4.484  -3.082  1.00 107.41 ? 5   DA  B "C4'" 1 
ATOM   515 O  "O4'" . DA  B 2 5  ? -9.899  -4.411  -3.014  1.00 108.82 ? 5   DA  B "O4'" 1 
ATOM   516 C  "C3'" . DA  B 2 5  ? -11.655 -5.744  -2.314  1.00 97.87  ? 5   DA  B "C3'" 1 
ATOM   517 O  "O3'" . DA  B 2 5  ? -12.949 -6.217  -2.669  1.00 102.52 ? 5   DA  B "O3'" 1 
ATOM   518 C  "C2'" . DA  B 2 5  ? -10.545 -6.690  -2.789  1.00 97.12  ? 5   DA  B "C2'" 1 
ATOM   519 C  "C1'" . DA  B 2 5  ? -9.385  -5.727  -3.106  1.00 97.79  ? 5   DA  B "C1'" 1 
ATOM   520 N  N9    . DA  B 2 5  ? -8.238  -5.861  -2.206  1.00 96.32  ? 5   DA  B N9    1 
ATOM   521 C  C8    . DA  B 2 5  ? -8.265  -5.981  -0.843  1.00 96.97  ? 5   DA  B C8    1 
ATOM   522 N  N7    . DA  B 2 5  ? -7.076  -6.091  -0.296  1.00 98.97  ? 5   DA  B N7    1 
ATOM   523 C  C5    . DA  B 2 5  ? -6.208  -6.049  -1.376  1.00 101.71 ? 5   DA  B C5    1 
ATOM   524 C  C6    . DA  B 2 5  ? -4.802  -6.120  -1.466  1.00 100.70 ? 5   DA  B C6    1 
ATOM   525 N  N6    . DA  B 2 5  ? -4.003  -6.256  -0.403  1.00 98.34  ? 5   DA  B N6    1 
ATOM   526 N  N1    . DA  B 2 5  ? -4.251  -6.047  -2.695  1.00 100.59 ? 5   DA  B N1    1 
ATOM   527 C  C2    . DA  B 2 5  ? -5.057  -5.912  -3.756  1.00 101.65 ? 5   DA  B C2    1 
ATOM   528 N  N3    . DA  B 2 5  ? -6.388  -5.834  -3.796  1.00 95.39  ? 5   DA  B N3    1 
ATOM   529 C  C4    . DA  B 2 5  ? -6.907  -5.910  -2.559  1.00 98.29  ? 5   DA  B C4    1 
ATOM   530 O  "O5'" . DT  C 3 1  ? 5.572   37.515  8.520   1.00 137.54 ? 1   DT  C "O5'" 1 
ATOM   531 C  "C5'" . DT  C 3 1  ? 4.656   36.425  8.433   1.00 133.99 ? 1   DT  C "C5'" 1 
ATOM   532 C  "C4'" . DT  C 3 1  ? 3.327   36.885  7.858   1.00 131.43 ? 1   DT  C "C4'" 1 
ATOM   533 O  "O4'" . DT  C 3 1  ? 3.536   37.428  6.526   1.00 127.06 ? 1   DT  C "O4'" 1 
ATOM   534 C  "C3'" . DT  C 3 1  ? 2.267   35.791  7.710   1.00 129.96 ? 1   DT  C "C3'" 1 
ATOM   535 O  "O3'" . DT  C 3 1  ? 0.975   36.305  8.098   1.00 136.66 ? 1   DT  C "O3'" 1 
ATOM   536 C  "C2'" . DT  C 3 1  ? 2.345   35.447  6.225   1.00 123.57 ? 1   DT  C "C2'" 1 
ATOM   537 C  "C1'" . DT  C 3 1  ? 2.663   36.797  5.615   1.00 123.25 ? 1   DT  C "C1'" 1 
ATOM   538 N  N1    . DT  C 3 1  ? 3.342   36.708  4.289   1.00 126.25 ? 1   DT  C N1    1 
ATOM   539 C  C2    . DT  C 3 1  ? 2.582   36.689  3.140   1.00 124.23 ? 1   DT  C C2    1 
ATOM   540 O  O2    . DT  C 3 1  ? 1.363   36.737  3.140   1.00 123.56 ? 1   DT  C O2    1 
ATOM   541 N  N3    . DT  C 3 1  ? 3.306   36.609  1.979   1.00 126.72 ? 1   DT  C N3    1 
ATOM   542 C  C4    . DT  C 3 1  ? 4.683   36.548  1.855   1.00 127.78 ? 1   DT  C C4    1 
ATOM   543 O  O4    . DT  C 3 1  ? 5.242   36.480  0.764   1.00 122.97 ? 1   DT  C O4    1 
ATOM   544 C  C5    . DT  C 3 1  ? 5.416   36.575  3.099   1.00 127.49 ? 1   DT  C C5    1 
ATOM   545 C  C7    . DT  C 3 1  ? 6.914   36.514  3.093   1.00 129.80 ? 1   DT  C C7    1 
ATOM   546 C  C6    . DT  C 3 1  ? 4.719   36.652  4.241   1.00 128.53 ? 1   DT  C C6    1 
ATOM   547 P  P     . DC  C 3 2  ? -0.397  35.784  7.426   1.00 145.76 ? 2   DC  C P     1 
ATOM   548 O  OP1   . DC  C 3 2  ? -0.547  36.471  6.123   1.00 124.71 ? 2   DC  C OP1   1 
ATOM   549 O  OP2   . DC  C 3 2  ? -1.463  35.926  8.441   1.00 149.17 ? 2   DC  C OP2   1 
ATOM   550 O  "O5'" . DC  C 3 2  ? -0.189  34.208  7.212   1.00 135.16 ? 2   DC  C "O5'" 1 
ATOM   551 C  "C5'" . DC  C 3 2  ? -1.317  33.338  7.082   1.00 130.84 ? 2   DC  C "C5'" 1 
ATOM   552 C  "C4'" . DC  C 3 2  ? -2.176  33.719  5.887   1.00 130.93 ? 2   DC  C "C4'" 1 
ATOM   553 O  "O4'" . DC  C 3 2  ? -1.336  34.292  4.844   1.00 122.05 ? 2   DC  C "O4'" 1 
ATOM   554 C  "C3'" . DC  C 3 2  ? -2.893  32.551  5.221   1.00 129.78 ? 2   DC  C "C3'" 1 
ATOM   555 O  "O3'" . DC  C 3 2  ? -4.091  33.010  4.586   1.00 123.87 ? 2   DC  C "O3'" 1 
ATOM   556 C  "C2'" . DC  C 3 2  ? -1.858  32.116  4.200   1.00 127.23 ? 2   DC  C "C2'" 1 
ATOM   557 C  "C1'" . DC  C 3 2  ? -1.395  33.473  3.697   1.00 121.44 ? 2   DC  C "C1'" 1 
ATOM   558 N  N1    . DC  C 3 2  ? -0.053  33.449  3.053   1.00 122.42 ? 2   DC  C N1    1 
ATOM   559 C  C2    . DC  C 3 2  ? 0.044   33.450  1.656   1.00 124.07 ? 2   DC  C C2    1 
ATOM   560 O  O2    . DC  C 3 2  ? -0.990  33.473  0.979   1.00 118.77 ? 2   DC  C O2    1 
ATOM   561 N  N3    . DC  C 3 2  ? 1.273   33.426  1.084   1.00 124.14 ? 2   DC  C N3    1 
ATOM   562 C  C4    . DC  C 3 2  ? 2.366   33.402  1.850   1.00 117.76 ? 2   DC  C C4    1 
ATOM   563 N  N4    . DC  C 3 2  ? 3.556   33.378  1.242   1.00 115.70 ? 2   DC  C N4    1 
ATOM   564 C  C5    . DC  C 3 2  ? 2.285   33.399  3.274   1.00 115.71 ? 2   DC  C C5    1 
ATOM   565 C  C6    . DC  C 3 2  ? 1.067   33.423  3.825   1.00 121.59 ? 2   DC  C C6    1 
ATOM   566 P  P     . DT  C 3 3  ? -4.804  32.122  3.446   1.00 137.22 ? 3   DT  C P     1 
ATOM   567 O  OP1   . DT  C 3 3  ? -6.174  32.650  3.273   1.00 141.88 ? 3   DT  C OP1   1 
ATOM   568 O  OP2   . DT  C 3 3  ? -4.621  30.691  3.784   1.00 132.73 ? 3   DT  C OP2   1 
ATOM   569 O  "O5'" . DT  C 3 3  ? -3.959  32.443  2.120   1.00 127.49 ? 3   DT  C "O5'" 1 
ATOM   570 C  "C5'" . DT  C 3 3  ? -4.572  32.412  0.845   1.00 127.58 ? 3   DT  C "C5'" 1 
ATOM   571 C  "C4'" . DT  C 3 3  ? -4.025  31.273  0.000   1.00 131.04 ? 3   DT  C "C4'" 1 
ATOM   572 O  "O4'" . DT  C 3 3  ? -2.568  31.320  -0.043  1.00 131.98 ? 3   DT  C "O4'" 1 
ATOM   573 C  "C3'" . DT  C 3 3  ? -4.379  29.864  0.492   1.00 129.61 ? 3   DT  C "C3'" 1 
ATOM   574 O  "O3'" . DT  C 3 3  ? -4.749  29.069  -0.609  1.00 134.66 ? 3   DT  C "O3'" 1 
ATOM   575 C  "C2'" . DT  C 3 3  ? -3.061  29.376  1.080   1.00 126.35 ? 3   DT  C "C2'" 1 
ATOM   576 C  "C1'" . DT  C 3 3  ? -2.096  30.005  0.100   1.00 126.87 ? 3   DT  C "C1'" 1 
ATOM   577 N  N1    . DT  C 3 3  ? -0.680  30.012  0.568   1.00 121.92 ? 3   DT  C N1    1 
ATOM   578 C  C2    . DT  C 3 3  ? 0.337   29.988  -0.361  1.00 118.90 ? 3   DT  C C2    1 
ATOM   579 O  O2    . DT  C 3 3  ? 0.145   29.991  -1.565  1.00 114.13 ? 3   DT  C O2    1 
ATOM   580 N  N3    . DT  C 3 3  ? 1.599   29.974  0.176   1.00 122.22 ? 3   DT  C N3    1 
ATOM   581 C  C4    . DT  C 3 3  ? 1.936   29.969  1.518   1.00 119.91 ? 3   DT  C C4    1 
ATOM   582 O  O4    . DT  C 3 3  ? 3.103   29.955  1.902   1.00 109.42 ? 3   DT  C O4    1 
ATOM   583 C  C5    . DT  C 3 3  ? 0.822   29.979  2.436   1.00 120.91 ? 3   DT  C C5    1 
ATOM   584 C  C7    . DT  C 3 3  ? 1.063   29.970  3.915   1.00 119.29 ? 3   DT  C C7    1 
ATOM   585 C  C6    . DT  C 3 3  ? -0.417  29.991  1.921   1.00 119.21 ? 3   DT  C C6    1 
ATOM   586 P  P     . DG  C 3 4  ? -6.294  28.764  -0.906  1.00 145.09 ? 4   DG  C P     1 
ATOM   587 O  OP1   . DG  C 3 4  ? -6.933  30.044  -1.289  1.00 140.28 ? 4   DG  C OP1   1 
ATOM   588 O  OP2   . DG  C 3 4  ? -6.825  27.988  0.237   1.00 140.82 ? 4   DG  C OP2   1 
ATOM   589 O  "O5'" . DG  C 3 4  ? -6.236  27.821  -2.195  1.00 140.94 ? 4   DG  C "O5'" 1 
ATOM   590 C  "C5'" . DG  C 3 4  ? -5.689  28.324  -3.405  1.00 135.83 ? 4   DG  C "C5'" 1 
ATOM   591 C  "C4'" . DG  C 3 4  ? -4.539  27.460  -3.888  1.00 129.56 ? 4   DG  C "C4'" 1 
ATOM   592 O  "O4'" . DG  C 3 4  ? -3.400  27.594  -2.994  1.00 131.83 ? 4   DG  C "O4'" 1 
ATOM   593 C  "C3'" . DG  C 3 4  ? -4.838  25.958  -3.962  1.00 122.73 ? 4   DG  C "C3'" 1 
ATOM   594 O  "O3'" . DG  C 3 4  ? -4.341  25.446  -5.178  1.00 126.70 ? 4   DG  C "O3'" 1 
ATOM   595 C  "C2'" . DG  C 3 4  ? -4.062  25.393  -2.775  1.00 123.45 ? 4   DG  C "C2'" 1 
ATOM   596 C  "C1'" . DG  C 3 4  ? -2.863  26.312  -2.789  1.00 124.97 ? 4   DG  C "C1'" 1 
ATOM   597 N  N9    . DG  C 3 4  ? -2.087  26.302  -1.559  1.00 119.32 ? 4   DG  C N9    1 
ATOM   598 C  C8    . DG  C 3 4  ? -2.557  26.308  -0.268  1.00 118.56 ? 4   DG  C C8    1 
ATOM   599 N  N7    . DG  C 3 4  ? -1.606  26.288  0.628   1.00 117.95 ? 4   DG  C N7    1 
ATOM   600 C  C5    . DG  C 3 4  ? -0.435  26.261  -0.123  1.00 120.36 ? 4   DG  C C5    1 
ATOM   601 C  C6    . DG  C 3 4  ? 0.921   26.231  0.289   1.00 114.37 ? 4   DG  C C6    1 
ATOM   602 O  O6    . DG  C 3 4  ? 1.377   26.223  1.443   1.00 108.59 ? 4   DG  C O6    1 
ATOM   603 N  N1    . DG  C 3 4  ? 1.790   26.210  -0.803  1.00 113.03 ? 4   DG  C N1    1 
ATOM   604 C  C2    . DG  C 3 4  ? 1.397   26.218  -2.123  1.00 115.70 ? 4   DG  C C2    1 
ATOM   605 N  N2    . DG  C 3 4  ? 2.370   26.194  -3.045  1.00 109.50 ? 4   DG  C N2    1 
ATOM   606 N  N3    . DG  C 3 4  ? 0.134   26.246  -2.516  1.00 115.56 ? 4   DG  C N3    1 
ATOM   607 C  C4    . DG  C 3 4  ? -0.721  26.266  -1.469  1.00 117.55 ? 4   DG  C C4    1 
ATOM   608 P  P     . DA  C 3 5  ? -5.150  24.307  -5.969  1.00 144.66 ? 5   DA  C P     1 
ATOM   609 O  OP1   . DA  C 3 5  ? -6.557  24.758  -6.081  1.00 145.17 ? 5   DA  C OP1   1 
ATOM   610 O  OP2   . DA  C 3 5  ? -4.835  23.008  -5.333  1.00 134.60 ? 5   DA  C OP2   1 
ATOM   611 O  "O5'" . DA  C 3 5  ? -4.476  24.307  -7.419  1.00 143.76 ? 5   DA  C "O5'" 1 
ATOM   612 C  "C5'" . DA  C 3 5  ? -3.963  23.099  -7.958  1.00 138.41 ? 5   DA  C "C5'" 1 
ATOM   613 C  "C4'" . DA  C 3 5  ? -2.445  23.073  -7.900  1.00 130.72 ? 5   DA  C "C4'" 1 
ATOM   614 O  "O4'" . DA  C 3 5  ? -1.988  23.515  -6.594  1.00 121.01 ? 5   DA  C "O4'" 1 
ATOM   615 C  "C3'" . DA  C 3 5  ? -1.824  21.692  -8.125  1.00 129.39 ? 5   DA  C "C3'" 1 
ATOM   616 O  "O3'" . DA  C 3 5  ? -0.741  21.790  -9.039  1.00 138.23 ? 5   DA  C "O3'" 1 
ATOM   617 C  "C2'" . DA  C 3 5  ? -1.349  21.288  -6.731  1.00 122.48 ? 5   DA  C "C2'" 1 
ATOM   618 C  "C1'" . DA  C 3 5  ? -0.989  22.635  -6.137  1.00 118.63 ? 5   DA  C "C1'" 1 
ATOM   619 N  N9    . DA  C 3 5  ? -0.987  22.648  -4.678  1.00 115.01 ? 5   DA  C N9    1 
ATOM   620 C  C8    . DA  C 3 5  ? -2.078  22.662  -3.855  1.00 113.15 ? 5   DA  C C8    1 
ATOM   621 N  N7    . DA  C 3 5  ? -1.778  22.667  -2.580  1.00 111.56 ? 5   DA  C N7    1 
ATOM   622 C  C5    . DA  C 3 5  ? -0.393  22.653  -2.562  1.00 109.76 ? 5   DA  C C5    1 
ATOM   623 C  C6    . DA  C 3 5  ? 0.538   22.650  -1.509  1.00 105.87 ? 5   DA  C C6    1 
ATOM   624 N  N6    . DA  C 3 5  ? 0.184   22.661  -0.222  1.00 102.86 ? 5   DA  C N6    1 
ATOM   625 N  N1    . DA  C 3 5  ? 1.852   22.633  -1.829  1.00 107.57 ? 5   DA  C N1    1 
ATOM   626 C  C2    . DA  C 3 5  ? 2.199   22.622  -3.124  1.00 106.27 ? 5   DA  C C2    1 
ATOM   627 N  N3    . DA  C 3 5  ? 1.411   22.623  -4.202  1.00 107.08 ? 5   DA  C N3    1 
ATOM   628 C  C4    . DA  C 3 5  ? 0.113   22.638  -3.847  1.00 110.94 ? 5   DA  C C4    1 
ATOM   629 P  P     . DG  C 3 6  ? -0.694  20.846  -10.340 1.00 150.85 ? 6   DG  C P     1 
ATOM   630 O  OP1   . DG  C 3 6  ? -0.293  21.690  -11.490 1.00 153.25 ? 6   DG  C OP1   1 
ATOM   631 O  OP2   . DG  C 3 6  ? -1.968  20.090  -10.385 1.00 148.47 ? 6   DG  C OP2   1 
ATOM   632 O  "O5'" . DG  C 3 6  ? 0.490   19.813  -10.024 1.00 140.66 ? 6   DG  C "O5'" 1 
ATOM   633 C  "C5'" . DG  C 3 6  ? 0.448   19.013  -8.841  1.00 127.80 ? 6   DG  C "C5'" 1 
ATOM   634 C  "C4'" . DG  C 3 6  ? 1.728   19.160  -8.038  1.00 117.12 ? 6   DG  C "C4'" 1 
ATOM   635 O  "O4'" . DG  C 3 6  ? 1.425   19.759  -6.759  1.00 107.95 ? 6   DG  C "O4'" 1 
ATOM   636 C  "C3'" . DG  C 3 6  ? 2.442   17.844  -7.749  1.00 113.03 ? 6   DG  C "C3'" 1 
ATOM   637 O  "O3'" . DG  C 3 6  ? 3.711   17.833  -8.378  1.00 122.34 ? 6   DG  C "O3'" 1 
ATOM   638 C  "C2'" . DG  C 3 6  ? 2.562   17.773  -6.220  1.00 106.32 ? 6   DG  C "C2'" 1 
ATOM   639 C  "C1'" . DG  C 3 6  ? 2.216   19.181  -5.752  1.00 103.52 ? 6   DG  C "C1'" 1 
ATOM   640 N  N9    . DG  C 3 6  ? 1.438   19.206  -4.512  1.00 100.46 ? 6   DG  C N9    1 
ATOM   641 C  C8    . DG  C 3 6  ? 0.069   19.199  -4.407  1.00 99.84  ? 6   DG  C C8    1 
ATOM   642 N  N7    . DG  C 3 6  ? -0.360  19.231  -3.178  1.00 95.57  ? 6   DG  C N7    1 
ATOM   643 C  C5    . DG  C 3 6  ? 0.796   19.263  -2.412  1.00 95.07  ? 6   DG  C C5    1 
ATOM   644 C  C6    . DG  C 3 6  ? 0.954   19.305  -1.007  1.00 93.37  ? 6   DG  C C6    1 
ATOM   645 O  O6    . DG  C 3 6  ? 0.070   19.322  -0.140  1.00 83.56  ? 6   DG  C O6    1 
ATOM   646 N  N1    . DG  C 3 6  ? 2.296   19.327  -0.634  1.00 98.74  ? 6   DG  C N1    1 
ATOM   647 C  C2    . DG  C 3 6  ? 3.357   19.312  -1.513  1.00 94.23  ? 6   DG  C C2    1 
ATOM   648 N  N2    . DG  C 3 6  ? 4.586   19.338  -0.965  1.00 90.29  ? 6   DG  C N2    1 
ATOM   649 N  N3    . DG  C 3 6  ? 3.222   19.271  -2.839  1.00 90.54  ? 6   DG  C N3    1 
ATOM   650 C  C4    . DG  C 3 6  ? 1.918   19.249  -3.215  1.00 99.79  ? 6   DG  C C4    1 
ATOM   651 P  P     . DT  C 3 7  ? 4.400   16.434  -8.761  1.00 130.41 ? 7   DT  C P     1 
ATOM   652 O  OP1   . DT  C 3 7  ? 5.383   16.697  -9.834  1.00 119.16 ? 7   DT  C OP1   1 
ATOM   653 O  OP2   . DT  C 3 7  ? 3.318   15.445  -8.974  1.00 119.77 ? 7   DT  C OP2   1 
ATOM   654 O  "O5'" . DT  C 3 7  ? 5.175   16.022  -7.425  1.00 118.28 ? 7   DT  C "O5'" 1 
ATOM   655 C  "C5'" . DT  C 3 7  ? 6.117   16.920  -6.857  1.00 110.57 ? 7   DT  C "C5'" 1 
ATOM   656 C  "C4'" . DT  C 3 7  ? 6.558   16.455  -5.481  1.00 105.69 ? 7   DT  C "C4'" 1 
ATOM   657 O  "O4'" . DT  C 3 7  ? 5.538   16.769  -4.500  1.00 105.89 ? 7   DT  C "O4'" 1 
ATOM   658 C  "C3'" . DT  C 3 7  ? 6.830   14.951  -5.348  1.00 106.09 ? 7   DT  C "C3'" 1 
ATOM   659 O  "O3'" . DT  C 3 7  ? 8.155   14.754  -4.856  1.00 114.08 ? 7   DT  C "O3'" 1 
ATOM   660 C  "C2'" . DT  C 3 7  ? 5.770   14.476  -4.341  1.00 99.65  ? 7   DT  C "C2'" 1 
ATOM   661 C  "C1'" . DT  C 3 7  ? 5.513   15.741  -3.546  1.00 94.75  ? 7   DT  C "C1'" 1 
ATOM   662 N  N1    . DT  C 3 7  ? 4.191   15.774  -2.855  1.00 93.44  ? 7   DT  C N1    1 
ATOM   663 C  C2    . DT  C 3 7  ? 4.146   15.858  -1.480  1.00 91.91  ? 7   DT  C C2    1 
ATOM   664 O  O2    . DT  C 3 7  ? 5.142   15.894  -0.779  1.00 87.09  ? 7   DT  C O2    1 
ATOM   665 N  N3    . DT  C 3 7  ? 2.877   15.891  -0.953  1.00 89.83  ? 7   DT  C N3    1 
ATOM   666 C  C4    . DT  C 3 7  ? 1.682   15.856  -1.653  1.00 85.27  ? 7   DT  C C4    1 
ATOM   667 O  O4    . DT  C 3 7  ? 0.591   15.890  -1.100  1.00 79.24  ? 7   DT  C O4    1 
ATOM   668 C  C5    . DT  C 3 7  ? 1.808   15.772  -3.085  1.00 86.93  ? 7   DT  C C5    1 
ATOM   669 C  C7    . DT  C 3 7  ? 0.584   15.726  -3.943  1.00 93.98  ? 7   DT  C C7    1 
ATOM   670 C  C6    . DT  C 3 7  ? 3.039   15.734  -3.609  1.00 92.51  ? 7   DT  C C6    1 
ATOM   671 P  P     . DG  C 3 8  ? 8.832   13.293  -4.848  1.00 116.90 ? 8   DG  C P     1 
ATOM   672 O  OP1   . DG  C 3 8  ? 10.071  13.376  -5.658  1.00 109.19 ? 8   DG  C OP1   1 
ATOM   673 O  OP2   . DG  C 3 8  ? 7.794   12.285  -5.168  1.00 113.10 ? 8   DG  C OP2   1 
ATOM   674 O  "O5'" . DG  C 3 8  ? 9.253   13.096  -3.320  1.00 94.95  ? 8   DG  C "O5'" 1 
ATOM   675 C  "C5'" . DG  C 3 8  ? 8.757   13.994  -2.344  1.00 92.75  ? 8   DG  C "C5'" 1 
ATOM   676 C  "C4'" . DG  C 3 8  ? 9.243   13.625  -0.959  1.00 93.82  ? 8   DG  C "C4'" 1 
ATOM   677 O  "O4'" . DG  C 3 8  ? 8.128   13.656  -0.046  1.00 99.79  ? 8   DG  C "O4'" 1 
ATOM   678 C  "C3'" . DG  C 3 8  ? 9.787   12.223  -0.823  1.00 88.42  ? 8   DG  C "C3'" 1 
ATOM   679 O  "O3'" . DG  C 3 8  ? 10.555  12.142  0.362   1.00 95.15  ? 8   DG  C "O3'" 1 
ATOM   680 C  "C2'" . DG  C 3 8  ? 8.503   11.408  -0.706  1.00 89.21  ? 8   DG  C "C2'" 1 
ATOM   681 C  "C1'" . DG  C 3 8  ? 7.583   12.355  0.076   1.00 85.19  ? 8   DG  C "C1'" 1 
ATOM   682 N  N9    . DG  C 3 8  ? 6.210   12.393  -0.432  1.00 83.90  ? 8   DG  C N9    1 
ATOM   683 C  C8    . DG  C 3 8  ? 5.813   12.325  -1.744  1.00 80.79  ? 8   DG  C C8    1 
ATOM   684 N  N7    . DG  C 3 8  ? 4.520   12.395  -1.901  1.00 87.68  ? 8   DG  C N7    1 
ATOM   685 C  C5    . DG  C 3 8  ? 4.025   12.516  -0.610  1.00 86.94  ? 8   DG  C C5    1 
ATOM   686 C  C6    . DG  C 3 8  ? 2.689   12.631  -0.149  1.00 78.85  ? 8   DG  C C6    1 
ATOM   687 O  O6    . DG  C 3 8  ? 1.646   12.649  -0.820  1.00 70.86  ? 8   DG  C O6    1 
ATOM   688 N  N1    . DG  C 3 8  ? 2.624   12.734  1.239   1.00 78.72  ? 8   DG  C N1    1 
ATOM   689 C  C2    . DG  C 3 8  ? 3.716   12.727  2.078   1.00 77.48  ? 8   DG  C C2    1 
ATOM   690 N  N2    . DG  C 3 8  ? 3.460   12.835  3.392   1.00 73.24  ? 8   DG  C N2    1 
ATOM   691 N  N3    . DG  C 3 8  ? 4.973   12.619  1.659   1.00 78.87  ? 8   DG  C N3    1 
ATOM   692 C  C4    . DG  C 3 8  ? 5.052   12.518  0.311   1.00 73.94  ? 8   DG  C C4    1 
ATOM   693 P  P     . DG  C 3 9  ? 11.733  11.060  0.495   1.00 112.09 ? 9   DG  C P     1 
ATOM   694 O  OP1   . DG  C 3 9  ? 12.990  11.785  0.769   1.00 111.99 ? 9   DG  C OP1   1 
ATOM   695 O  OP2   . DG  C 3 9  ? 11.658  10.177  -0.687  1.00 115.19 ? 9   DG  C OP2   1 
ATOM   696 O  "O5'" . DG  C 3 9  ? 11.321  10.214  1.787   1.00 100.55 ? 9   DG  C "O5'" 1 
ATOM   697 C  "C5'" . DG  C 3 9  ? 10.221  9.324   1.724   1.00 90.54  ? 9   DG  C "C5'" 1 
ATOM   698 C  "C4'" . DG  C 3 9  ? 9.266   9.563   2.873   1.00 95.28  ? 9   DG  C "C4'" 1 
ATOM   699 O  "O4'" . DG  C 3 9  ? 8.014   10.090  2.350   1.00 99.26  ? 9   DG  C "O4'" 1 
ATOM   700 C  "C3'" . DG  C 3 9  ? 8.878   8.309   3.639   1.00 91.65  ? 9   DG  C "C3'" 1 
ATOM   701 O  "O3'" . DG  C 3 9  ? 8.514   8.651   4.966   1.00 87.12  ? 9   DG  C "O3'" 1 
ATOM   702 C  "C2'" . DG  C 3 9  ? 7.671   7.840   2.850   1.00 93.63  ? 9   DG  C "C2'" 1 
ATOM   703 C  "C1'" . DG  C 3 9  ? 6.978   9.168   2.622   1.00 83.87  ? 9   DG  C "C1'" 1 
ATOM   704 N  N9    . DG  C 3 9  ? 6.028   9.163   1.510   1.00 77.09  ? 9   DG  C N9    1 
ATOM   705 C  C8    . DG  C 3 9  ? 6.306   9.032   0.172   1.00 74.75  ? 9   DG  C C8    1 
ATOM   706 N  N7    . DG  C 3 9  ? 5.241   9.071   -0.584  1.00 80.31  ? 9   DG  C N7    1 
ATOM   707 C  C5    . DG  C 3 9  ? 4.193   9.237   0.312   1.00 90.93  ? 9   DG  C C5    1 
ATOM   708 C  C6    . DG  C 3 9  ? 2.796   9.345   0.085   1.00 67.56  ? 9   DG  C C6    1 
ATOM   709 O  O6    . DG  C 3 9  ? 2.193   9.315   -0.997  1.00 65.07  ? 9   DG  C O6    1 
ATOM   710 N  N1    . DG  C 3 9  ? 2.089   9.505   1.276   1.00 65.43  ? 9   DG  C N1    1 
ATOM   711 C  C2    . DG  C 3 9  ? 2.659   9.552   2.529   1.00 78.12  ? 9   DG  C C2    1 
ATOM   712 N  N2    . DG  C 3 9  ? 1.824   9.711   3.569   1.00 87.32  ? 9   DG  C N2    1 
ATOM   713 N  N3    . DG  C 3 9  ? 3.962   9.451   2.752   1.00 73.51  ? 9   DG  C N3    1 
ATOM   714 C  C4    . DG  C 3 9  ? 4.663   9.297   1.606   1.00 87.72  ? 9   DG  C C4    1 
ATOM   715 P  P     . DC  D 4 1  ? -10.913 -12.352 -2.808  1.00 110.01 ? 10  DC  D P     1 
ATOM   716 O  OP1   . DC  D 4 1  ? -12.150 -12.571 -3.590  1.00 99.41  ? 10  DC  D OP1   1 
ATOM   717 O  OP2   . DC  D 4 1  ? -10.901 -12.657 -1.360  1.00 101.34 ? 10  DC  D OP2   1 
ATOM   718 O  "O5'" . DC  D 4 1  ? -10.450 -10.834 -3.006  1.00 105.96 ? 10  DC  D "O5'" 1 
ATOM   719 C  "C5'" . DC  D 4 1  ? -10.776 -10.141 -4.211  1.00 101.67 ? 10  DC  D "C5'" 1 
ATOM   720 C  "C4'" . DC  D 4 1  ? -9.534  -9.887  -5.051  1.00 103.43 ? 10  DC  D "C4'" 1 
ATOM   721 O  "O4'" . DC  D 4 1  ? -8.683  -8.934  -4.373  1.00 100.18 ? 10  DC  D "O4'" 1 
ATOM   722 C  "C3'" . DC  D 4 1  ? -8.658  -11.105 -5.293  1.00 98.24  ? 10  DC  D "C3'" 1 
ATOM   723 O  "O3'" . DC  D 4 1  ? -9.089  -11.784 -6.470  1.00 98.52  ? 10  DC  D "O3'" 1 
ATOM   724 C  "C2'" . DC  D 4 1  ? -7.273  -10.493 -5.490  1.00 98.23  ? 10  DC  D "C2'" 1 
ATOM   725 C  "C1'" . DC  D 4 1  ? -7.323  -9.225  -4.634  1.00 92.63  ? 10  DC  D "C1'" 1 
ATOM   726 N  N1    . DC  D 4 1  ? -6.597  -9.340  -3.326  1.00 101.00 ? 10  DC  D N1    1 
ATOM   727 C  C2    . DC  D 4 1  ? -5.196  -9.403  -3.313  1.00 98.86  ? 10  DC  D C2    1 
ATOM   728 O  O2    . DC  D 4 1  ? -4.583  -9.373  -4.390  1.00 94.49  ? 10  DC  D O2    1 
ATOM   729 N  N3    . DC  D 4 1  ? -4.552  -9.500  -2.119  1.00 96.49  ? 10  DC  D N3    1 
ATOM   730 C  C4    . DC  D 4 1  ? -5.256  -9.528  -0.981  1.00 96.02  ? 10  DC  D C4    1 
ATOM   731 N  N4    . DC  D 4 1  ? -4.583  -9.624  0.172   1.00 88.14  ? 10  DC  D N4    1 
ATOM   732 C  C5    . DC  D 4 1  ? -6.682  -9.461  -0.976  1.00 102.56 ? 10  DC  D C5    1 
ATOM   733 C  C6    . DC  D 4 1  ? -7.303  -9.365  -2.158  1.00 97.70  ? 10  DC  D C6    1 
ATOM   734 P  P     . DG  D 4 2  ? -9.074  -13.389 -6.537  1.00 100.08 ? 11  DG  D P     1 
ATOM   735 O  OP1   . DG  D 4 2  ? -9.754  -13.784 -7.791  1.00 102.88 ? 11  DG  D OP1   1 
ATOM   736 O  OP2   . DG  D 4 2  ? -9.560  -13.901 -5.238  1.00 106.55 ? 11  DG  D OP2   1 
ATOM   737 O  "O5'" . DG  D 4 2  ? -7.524  -13.761 -6.650  1.00 100.20 ? 11  DG  D "O5'" 1 
ATOM   738 C  "C5'" . DG  D 4 2  ? -6.823  -13.516 -7.860  1.00 101.18 ? 11  DG  D "C5'" 1 
ATOM   739 C  "C4'" . DG  D 4 2  ? -5.330  -13.497 -7.610  1.00 95.61  ? 11  DG  D "C4'" 1 
ATOM   740 O  "O4'" . DG  D 4 2  ? -5.060  -12.672 -6.469  1.00 79.57  ? 11  DG  D "O4'" 1 
ATOM   741 C  "C3'" . DG  D 4 2  ? -4.725  -14.845 -7.267  1.00 112.59 ? 11  DG  D "C3'" 1 
ATOM   742 O  "O3'" . DG  D 4 2  ? -4.285  -15.481 -8.465  1.00 121.64 ? 11  DG  D "O3'" 1 
ATOM   743 C  "C2'" . DG  D 4 2  ? -3.544  -14.492 -6.350  1.00 109.90 ? 11  DG  D "C2'" 1 
ATOM   744 C  "C1'" . DG  D 4 2  ? -3.855  -13.079 -5.867  1.00 98.24  ? 11  DG  D "C1'" 1 
ATOM   745 N  N9    . DG  D 4 2  ? -4.009  -12.958 -4.422  1.00 103.83 ? 11  DG  D N9    1 
ATOM   746 C  C8    . DG  D 4 2  ? -5.189  -12.905 -3.721  1.00 98.39  ? 11  DG  D C8    1 
ATOM   747 N  N7    . DG  D 4 2  ? -5.023  -12.768 -2.435  1.00 96.21  ? 11  DG  D N7    1 
ATOM   748 C  C5    . DG  D 4 2  ? -3.644  -12.717 -2.273  1.00 103.78 ? 11  DG  D C5    1 
ATOM   749 C  C6    . DG  D 4 2  ? -2.869  -12.574 -1.098  1.00 107.79 ? 11  DG  D C6    1 
ATOM   750 O  O6    . DG  D 4 2  ? -3.260  -12.462 0.074   1.00 109.32 ? 11  DG  D O6    1 
ATOM   751 N  N1    . DG  D 4 2  ? -1.504  -12.571 -1.380  1.00 107.94 ? 11  DG  D N1    1 
ATOM   752 C  C2    . DG  D 4 2  ? -0.959  -12.691 -2.640  1.00 108.77 ? 11  DG  D C2    1 
ATOM   753 N  N2    . DG  D 4 2  ? 0.378   -12.665 -2.721  1.00 115.09 ? 11  DG  D N2    1 
ATOM   754 N  N3    . DG  D 4 2  ? -1.677  -12.820 -3.748  1.00 96.53  ? 11  DG  D N3    1 
ATOM   755 C  C4    . DG  D 4 2  ? -3.007  -12.826 -3.490  1.00 103.79 ? 11  DG  D C4    1 
ATOM   756 P  P     . DT  D 4 3  ? -3.299  -16.750 -8.409  1.00 112.48 ? 12  DT  D P     1 
ATOM   757 O  OP1   . DT  D 4 3  ? -3.486  -17.486 -9.677  1.00 125.11 ? 12  DT  D OP1   1 
ATOM   758 O  OP2   . DT  D 4 3  ? -3.479  -17.454 -7.120  1.00 104.67 ? 12  DT  D OP2   1 
ATOM   759 O  "O5'" . DT  D 4 3  ? -1.835  -16.107 -8.418  1.00 115.85 ? 12  DT  D "O5'" 1 
ATOM   760 C  "C5'" . DT  D 4 3  ? -0.708  -16.936 -8.654  1.00 115.25 ? 12  DT  D "C5'" 1 
ATOM   761 C  "C4'" . DT  D 4 3  ? 0.384   -16.676 -7.632  1.00 111.08 ? 12  DT  D "C4'" 1 
ATOM   762 O  "O4'" . DT  D 4 3  ? -0.182  -16.044 -6.458  1.00 113.49 ? 12  DT  D "O4'" 1 
ATOM   763 C  "C3'" . DT  D 4 3  ? 1.116   -17.927 -7.138  1.00 119.92 ? 12  DT  D "C3'" 1 
ATOM   764 O  "O3'" . DT  D 4 3  ? 2.515   -17.759 -7.289  1.00 128.90 ? 12  DT  D "O3'" 1 
ATOM   765 C  "C2'" . DT  D 4 3  ? 0.717   -18.034 -5.663  1.00 119.65 ? 12  DT  D "C2'" 1 
ATOM   766 C  "C1'" . DT  D 4 3  ? 0.426   -16.586 -5.314  1.00 114.88 ? 12  DT  D "C1'" 1 
ATOM   767 N  N1    . DT  D 4 3  ? -0.507  -16.426 -4.171  1.00 115.14 ? 12  DT  D N1    1 
ATOM   768 C  C2    . DT  D 4 3  ? -0.012  -16.042 -2.948  1.00 117.29 ? 12  DT  D C2    1 
ATOM   769 O  O2    . DT  D 4 3  ? 1.169   -15.822 -2.744  1.00 116.97 ? 12  DT  D O2    1 
ATOM   770 N  N3    . DT  D 4 3  ? -0.957  -15.922 -1.962  1.00 115.57 ? 12  DT  D N3    1 
ATOM   771 C  C4    . DT  D 4 3  ? -2.319  -16.144 -2.079  1.00 112.18 ? 12  DT  D C4    1 
ATOM   772 O  O4    . DT  D 4 3  ? -3.090  -16.009 -1.134  1.00 111.04 ? 12  DT  D O4    1 
ATOM   773 C  C5    . DT  D 4 3  ? -2.770  -16.546 -3.390  1.00 110.50 ? 12  DT  D C5    1 
ATOM   774 C  C7    . DT  D 4 3  ? -4.225  -16.816 -3.636  1.00 104.11 ? 12  DT  D C7    1 
ATOM   775 C  C6    . DT  D 4 3  ? -1.852  -16.669 -4.360  1.00 113.01 ? 12  DT  D C6    1 
ATOM   776 P  P     . DC  D 4 4  ? 3.479   -19.043 -7.316  1.00 128.64 ? 13  DC  D P     1 
ATOM   777 O  OP1   . DC  D 4 4  ? 4.666   -18.693 -8.127  1.00 131.34 ? 13  DC  D OP1   1 
ATOM   778 O  OP2   . DC  D 4 4  ? 2.650   -20.212 -7.686  1.00 126.18 ? 13  DC  D OP2   1 
ATOM   779 O  "O5'" . DC  D 4 4  ? 3.919   -19.219 -5.792  1.00 120.64 ? 13  DC  D "O5'" 1 
ATOM   780 C  "C5'" . DC  D 4 4  ? 4.601   -18.169 -5.132  1.00 127.89 ? 13  DC  D "C5'" 1 
ATOM   781 C  "C4'" . DC  D 4 4  ? 4.924   -18.552 -3.701  1.00 135.30 ? 13  DC  D "C4'" 1 
ATOM   782 O  "O4'" . DC  D 4 4  ? 3.758   -18.339 -2.863  1.00 132.09 ? 13  DC  D "O4'" 1 
ATOM   783 C  "C3'" . DC  D 4 4  ? 5.332   -20.014 -3.494  1.00 139.56 ? 13  DC  D "C3'" 1 
ATOM   784 O  "O3'" . DC  D 4 4  ? 6.432   -20.089 -2.586  1.00 145.06 ? 13  DC  D "O3'" 1 
ATOM   785 C  "C2'" . DC  D 4 4  ? 4.072   -20.640 -2.902  1.00 135.58 ? 13  DC  D "C2'" 1 
ATOM   786 C  "C1'" . DC  D 4 4  ? 3.545   -19.484 -2.074  1.00 130.67 ? 13  DC  D "C1'" 1 
ATOM   787 N  N1    . DC  D 4 4  ? 2.103   -19.572 -1.766  1.00 130.01 ? 13  DC  D N1    1 
ATOM   788 C  C2    . DC  D 4 4  ? 1.653   -19.242 -0.485  1.00 131.73 ? 13  DC  D C2    1 
ATOM   789 O  O2    . DC  D 4 4  ? 2.476   -18.890 0.368   1.00 128.74 ? 13  DC  D O2    1 
ATOM   790 N  N3    . DC  D 4 4  ? 0.326   -19.323 -0.214  1.00 130.35 ? 13  DC  D N3    1 
ATOM   791 C  C4    . DC  D 4 4  ? -0.525  -19.711 -1.166  1.00 125.12 ? 13  DC  D C4    1 
ATOM   792 N  N4    . DC  D 4 4  ? -1.825  -19.779 -0.858  1.00 123.26 ? 13  DC  D N4    1 
ATOM   793 C  C5    . DC  D 4 4  ? -0.080  -20.050 -2.480  1.00 122.52 ? 13  DC  D C5    1 
ATOM   794 C  C6    . DC  D 4 4  ? 1.228   -19.966 -2.732  1.00 127.27 ? 13  DC  D C6    1 
ATOM   795 P  P     . DT  D 4 5  ? 7.574   -21.203 -2.784  1.00 153.07 ? 14  DT  D P     1 
ATOM   796 O  OP1   . DT  D 4 5  ? 8.721   -20.845 -1.916  1.00 147.32 ? 14  DT  D OP1   1 
ATOM   797 O  OP2   . DT  D 4 5  ? 7.780   -21.365 -4.242  1.00 148.51 ? 14  DT  D OP2   1 
ATOM   798 O  "O5'" . DT  D 4 5  ? 6.904   -22.550 -2.231  1.00 150.03 ? 14  DT  D "O5'" 1 
ATOM   799 C  "C5'" . DT  D 4 5  ? 7.389   -23.158 -1.033  1.00 147.84 ? 14  DT  D "C5'" 1 
ATOM   800 C  "C4'" . DT  D 4 5  ? 6.709   -22.569 0.192   1.00 147.01 ? 14  DT  D "C4'" 1 
ATOM   801 O  "O4'" . DT  D 4 5  ? 5.363   -22.201 -0.137  1.00 141.36 ? 14  DT  D "O4'" 1 
ATOM   802 C  "C3'" . DT  D 4 5  ? 6.581   -23.526 1.372   1.00 148.64 ? 14  DT  D "C3'" 1 
ATOM   803 O  "O3'" . DT  D 4 5  ? 7.648   -23.314 2.287   1.00 151.46 ? 14  DT  D "O3'" 1 
ATOM   804 C  "C2'" . DT  D 4 5  ? 5.216   -23.186 2.002   1.00 142.27 ? 14  DT  D "C2'" 1 
ATOM   805 C  "C1'" . DT  D 4 5  ? 4.609   -22.162 1.048   1.00 140.39 ? 14  DT  D "C1'" 1 
ATOM   806 N  N1    . DT  D 4 5  ? 3.183   -22.419 0.704   1.00 139.04 ? 14  DT  D N1    1 
ATOM   807 C  C2    . DT  D 4 5  ? 2.201   -22.182 1.645   1.00 135.27 ? 14  DT  D C2    1 
ATOM   808 O  O2    . DT  D 4 5  ? 2.431   -21.784 2.775   1.00 134.34 ? 14  DT  D O2    1 
ATOM   809 N  N3    . DT  D 4 5  ? 0.924   -22.434 1.212   1.00 133.45 ? 14  DT  D N3    1 
ATOM   810 C  C4    . DT  D 4 5  ? 0.538   -22.886 -0.040  1.00 133.39 ? 14  DT  D C4    1 
ATOM   811 O  O4    . DT  D 4 5  ? -0.639  -23.083 -0.335  1.00 131.96 ? 14  DT  D O4    1 
ATOM   812 C  C5    . DT  D 4 5  ? 1.616   -23.108 -0.975  1.00 134.87 ? 14  DT  D C5    1 
ATOM   813 C  C7    . DT  D 4 5  ? 1.320   -23.597 -2.363  1.00 129.31 ? 14  DT  D C7    1 
ATOM   814 C  C6    . DT  D 4 5  ? 2.871   -22.867 -0.563  1.00 137.24 ? 14  DT  D C6    1 
ATOM   815 P  P     . DG  D 4 6  ? 8.750   -24.462 2.508   1.00 153.10 ? 15  DG  D P     1 
ATOM   816 O  OP1   . DG  D 4 6  ? 9.962   -24.066 1.753   1.00 147.45 ? 15  DG  D OP1   1 
ATOM   817 O  OP2   . DG  D 4 6  ? 8.095   -25.763 2.232   1.00 147.42 ? 15  DG  D OP2   1 
ATOM   818 O  "O5'" . DG  D 4 6  ? 9.072   -24.388 4.075   1.00 149.06 ? 15  DG  D "O5'" 1 
ATOM   819 C  "C5'" . DG  D 4 6  ? 8.237   -23.620 4.944   1.00 148.40 ? 15  DG  D "C5'" 1 
ATOM   820 C  "C4'" . DG  D 4 6  ? 7.159   -24.485 5.583   1.00 149.22 ? 15  DG  D "C4'" 1 
ATOM   821 O  "O4'" . DG  D 4 6  ? 5.984   -24.505 4.745   1.00 147.81 ? 15  DG  D "O4'" 1 
ATOM   822 C  "C3'" . DG  D 4 6  ? 7.541   -25.953 5.794   1.00 149.55 ? 15  DG  D "C3'" 1 
ATOM   823 O  "O3'" . DG  D 4 6  ? 7.809   -26.232 7.197   1.00 154.57 ? 15  DG  D "O3'" 1 
ATOM   824 C  "C2'" . DG  D 4 6  ? 6.349   -26.756 5.236   1.00 145.53 ? 15  DG  D "C2'" 1 
ATOM   825 C  "C1'" . DG  D 4 6  ? 5.282   -25.690 5.001   1.00 146.17 ? 15  DG  D "C1'" 1 
ATOM   826 N  N9    . DG  D 4 6  ? 4.411   -25.978 3.865   1.00 142.47 ? 15  DG  D N9    1 
ATOM   827 C  C8    . DG  D 4 6  ? 4.800   -26.374 2.608   1.00 140.33 ? 15  DG  D C8    1 
ATOM   828 N  N7    . DG  D 4 6  ? 3.805   -26.566 1.790   1.00 138.65 ? 15  DG  D N7    1 
ATOM   829 C  C5    . DG  D 4 6  ? 2.677   -26.285 2.553   1.00 141.30 ? 15  DG  D C5    1 
ATOM   830 C  C6    . DG  D 4 6  ? 1.309   -26.324 2.197   1.00 136.49 ? 15  DG  D C6    1 
ATOM   831 O  O6    . DG  D 4 6  ? 0.817   -26.626 1.104   1.00 131.65 ? 15  DG  D O6    1 
ATOM   832 N  N1    . DG  D 4 6  ? 0.484   -25.969 3.263   1.00 132.31 ? 15  DG  D N1    1 
ATOM   833 C  C2    . DG  D 4 6  ? 0.930   -25.616 4.518   1.00 135.58 ? 15  DG  D C2    1 
ATOM   834 N  N2    . DG  D 4 6  ? -0.012  -25.304 5.421   1.00 131.94 ? 15  DG  D N2    1 
ATOM   835 N  N3    . DG  D 4 6  ? 2.216   -25.576 4.866   1.00 138.54 ? 15  DG  D N3    1 
ATOM   836 C  C4    . DG  D 4 6  ? 3.030   -25.919 3.833   1.00 140.91 ? 15  DG  D C4    1 
ATOM   837 P  P     . DC  D 4 7  ? 6.631   -26.441 8.281   1.00 154.97 ? 16  DC  D P     1 
ATOM   838 O  OP1   . DC  D 4 7  ? 5.591   -25.403 8.095   1.00 153.27 ? 16  DC  D OP1   1 
ATOM   839 O  OP2   . DC  D 4 7  ? 7.309   -26.540 9.591   1.00 153.08 ? 16  DC  D OP2   1 
ATOM   840 O  "O5'" . DC  D 4 7  ? 6.031   -27.894 7.955   1.00 145.69 ? 16  DC  D "O5'" 1 
ATOM   841 C  "C5'" . DC  D 4 7  ? 5.246   -28.596 8.930   1.00 146.27 ? 16  DC  D "C5'" 1 
ATOM   842 C  "C4'" . DC  D 4 7  ? 3.946   -27.864 9.220   1.00 144.64 ? 16  DC  D "C4'" 1 
ATOM   843 O  "O4'" . DC  D 4 7  ? 3.353   -27.415 7.973   1.00 142.80 ? 16  DC  D "O4'" 1 
ATOM   844 C  "C3'" . DC  D 4 7  ? 2.872   -28.699 9.898   1.00 141.10 ? 16  DC  D "C3'" 1 
ATOM   845 O  "O3'" . DC  D 4 7  ? 2.018   -27.860 10.662  1.00 144.27 ? 16  DC  D "O3'" 1 
ATOM   846 C  "C2'" . DC  D 4 7  ? 2.135   -29.295 8.706   1.00 137.66 ? 16  DC  D "C2'" 1 
ATOM   847 C  "C1'" . DC  D 4 7  ? 2.157   -28.129 7.723   1.00 139.03 ? 16  DC  D "C1'" 1 
ATOM   848 N  N1    . DC  D 4 7  ? 2.159   -28.553 6.293   1.00 139.19 ? 16  DC  D N1    1 
ATOM   849 C  C2    . DC  D 4 7  ? 0.941   -28.746 5.622   1.00 135.04 ? 16  DC  D C2    1 
ATOM   850 O  O2    . DC  D 4 7  ? -0.117  -28.564 6.237   1.00 131.40 ? 16  DC  D O2    1 
ATOM   851 N  N3    . DC  D 4 7  ? 0.961   -29.129 4.319   1.00 133.54 ? 16  DC  D N3    1 
ATOM   852 C  C4    . DC  D 4 7  ? 2.131   -29.318 3.698   1.00 137.05 ? 16  DC  D C4    1 
ATOM   853 N  N4    . DC  D 4 7  ? 2.107   -29.695 2.416   1.00 136.61 ? 16  DC  D N4    1 
ATOM   854 C  C5    . DC  D 4 7  ? 3.380   -29.127 4.368   1.00 140.33 ? 16  DC  D C5    1 
ATOM   855 C  C6    . DC  D 4 7  ? 3.348   -28.749 5.649   1.00 140.74 ? 16  DC  D C6    1 
HETATM 856 AS AS    . CAC E 5 .  ? 4.029   -0.268  -0.882  1.00 212.47 ? 101 CAC B AS    1 
HETATM 857 AS AS    . CAC F 5 .  ? 4.433   9.127   -4.955  1.00 187.44 ? 101 CAC C AS    1 
HETATM 858 AS AS    . CAC G 5 .  ? -7.089  -15.147 1.634   1.00 187.23 ? 101 CAC D AS    1 
# 
loop_
_pdbx_poly_seq_scheme.asym_id 
_pdbx_poly_seq_scheme.entity_id 
_pdbx_poly_seq_scheme.seq_id 
_pdbx_poly_seq_scheme.mon_id 
_pdbx_poly_seq_scheme.ndb_seq_num 
_pdbx_poly_seq_scheme.pdb_seq_num 
_pdbx_poly_seq_scheme.auth_seq_num 
_pdbx_poly_seq_scheme.pdb_mon_id 
_pdbx_poly_seq_scheme.auth_mon_id 
_pdbx_poly_seq_scheme.pdb_strand_id 
_pdbx_poly_seq_scheme.pdb_ins_code 
_pdbx_poly_seq_scheme.hetero 
A 1 1  DG 1  1  1  DG DG A . n 
A 1 2  DA 2  2  2  DA DA A . n 
A 1 3  DG 3  3  3  DG DG A . n 
A 1 4  DC 4  4  4  DC DC A . n 
A 1 5  DA 5  5  5  DA DA A . n 
A 1 6  DG 6  6  6  DG DG A . n 
A 1 7  DA 7  7  7  DA DA A . n 
A 1 8  DC 8  8  8  DC DC A . n 
A 1 9  DG 9  9  9  DG DG A . n 
A 1 10 DT 10 10 10 DT DT A . n 
A 1 11 DG 11 11 11 DG DG A . n 
A 1 12 DA 12 12 12 DA DA A . n 
A 1 13 DC 13 13 13 DC DC A . n 
A 1 14 DA 14 14 14 DA DA A . n 
A 1 15 DC 15 15 15 DC DC A . n 
A 1 16 DC 16 16 16 DC DC A . n 
A 1 17 DA 17 17 17 DA DA A . n 
A 1 18 DC 18 18 18 DC DC A . n 
A 1 19 DT 19 19 19 DT DT A . n 
A 1 20 DC 20 20 20 DC DC A . n 
A 1 21 DA 21 21 21 DA DA A . n 
B 2 1  DT 1  1  1  DT DT B . n 
B 2 2  DG 2  2  2  DG DG B . n 
B 2 3  DT 3  3  3  DT DT B . n 
B 2 4  DC 4  4  4  DC DC B . n 
B 2 5  DA 5  5  5  DA DA B . n 
C 3 1  DT 1  1  1  DT DT C . n 
C 3 2  DC 2  2  2  DC DC C . n 
C 3 3  DT 3  3  3  DT DT C . n 
C 3 4  DG 4  4  4  DG DG C . n 
C 3 5  DA 5  5  5  DA DA C . n 
C 3 6  DG 6  6  6  DG DG C . n 
C 3 7  DT 7  7  7  DT DT C . n 
C 3 8  DG 8  8  8  DG DG C . n 
C 3 9  DG 9  9  9  DG DG C . n 
D 4 1  DC 1  10 10 DC DC D . n 
D 4 2  DG 2  11 11 DG DG D . n 
D 4 3  DT 3  12 12 DT DT D . n 
D 4 4  DC 4  13 13 DC DC D . n 
D 4 5  DT 5  14 14 DT DT D . n 
D 4 6  DG 6  15 15 DG DG D . n 
D 4 7  DC 7  16 16 DC DC D . n 
# 
loop_
_pdbx_nonpoly_scheme.asym_id 
_pdbx_nonpoly_scheme.entity_id 
_pdbx_nonpoly_scheme.mon_id 
_pdbx_nonpoly_scheme.ndb_seq_num 
_pdbx_nonpoly_scheme.pdb_seq_num 
_pdbx_nonpoly_scheme.auth_seq_num 
_pdbx_nonpoly_scheme.pdb_mon_id 
_pdbx_nonpoly_scheme.auth_mon_id 
_pdbx_nonpoly_scheme.pdb_strand_id 
_pdbx_nonpoly_scheme.pdb_ins_code 
E 5 CAC 1 101 1 CAC AS B . 
F 5 CAC 1 101 2 CAC AS C . 
G 5 CAC 1 101 3 CAC AS D . 
# 
_pdbx_struct_assembly.id                   1 
_pdbx_struct_assembly.details              author_defined_assembly 
_pdbx_struct_assembly.method_details       ? 
_pdbx_struct_assembly.oligomeric_details   tetrameric 
_pdbx_struct_assembly.oligomeric_count     4 
# 
_pdbx_struct_assembly_gen.assembly_id       1 
_pdbx_struct_assembly_gen.oper_expression   1 
_pdbx_struct_assembly_gen.asym_id_list      A,B,C,D,E,F,G 
# 
_pdbx_struct_oper_list.id                   1 
_pdbx_struct_oper_list.type                 'identity operation' 
_pdbx_struct_oper_list.name                 1_555 
_pdbx_struct_oper_list.symmetry_operation   x,y,z 
_pdbx_struct_oper_list.matrix[1][1]         1.0000000000 
_pdbx_struct_oper_list.matrix[1][2]         0.0000000000 
_pdbx_struct_oper_list.matrix[1][3]         0.0000000000 
_pdbx_struct_oper_list.vector[1]            0.0000000000 
_pdbx_struct_oper_list.matrix[2][1]         0.0000000000 
_pdbx_struct_oper_list.matrix[2][2]         1.0000000000 
_pdbx_struct_oper_list.matrix[2][3]         0.0000000000 
_pdbx_struct_oper_list.vector[2]            0.0000000000 
_pdbx_struct_oper_list.matrix[3][1]         0.0000000000 
_pdbx_struct_oper_list.matrix[3][2]         0.0000000000 
_pdbx_struct_oper_list.matrix[3][3]         1.0000000000 
_pdbx_struct_oper_list.vector[3]            0.0000000000 
# 
loop_
_pdbx_audit_revision_history.ordinal 
_pdbx_audit_revision_history.data_content_type 
_pdbx_audit_revision_history.major_revision 
_pdbx_audit_revision_history.minor_revision 
_pdbx_audit_revision_history.revision_date 
1 'Structure model' 1 0 2021-07-14 
2 'Structure model' 1 1 2022-07-06 
3 'Structure model' 1 2 2023-10-18 
# 
_pdbx_audit_revision_details.ordinal             1 
_pdbx_audit_revision_details.revision_ordinal    1 
_pdbx_audit_revision_details.data_content_type   'Structure model' 
_pdbx_audit_revision_details.provider            repository 
_pdbx_audit_revision_details.type                'Initial release' 
_pdbx_audit_revision_details.description         ? 
_pdbx_audit_revision_details.details             ? 
# 
loop_
_pdbx_audit_revision_group.ordinal 
_pdbx_audit_revision_group.revision_ordinal 
_pdbx_audit_revision_group.data_content_type 
_pdbx_audit_revision_group.group 
1 2 'Structure model' 'Database references'    
2 3 'Structure model' 'Data collection'        
3 3 'Structure model' 'Refinement description' 
# 
loop_
_pdbx_audit_revision_category.ordinal 
_pdbx_audit_revision_category.revision_ordinal 
_pdbx_audit_revision_category.data_content_type 
_pdbx_audit_revision_category.category 
1 2 'Structure model' citation                      
2 2 'Structure model' citation_author               
3 2 'Structure model' database_2                    
4 3 'Structure model' chem_comp_atom                
5 3 'Structure model' chem_comp_bond                
6 3 'Structure model' pdbx_initial_refinement_model 
# 
loop_
_pdbx_audit_revision_item.ordinal 
_pdbx_audit_revision_item.revision_ordinal 
_pdbx_audit_revision_item.data_content_type 
_pdbx_audit_revision_item.item 
1  2 'Structure model' '_citation.country'                   
2  2 'Structure model' '_citation.journal_abbrev'            
3  2 'Structure model' '_citation.journal_id_CSD'            
4  2 'Structure model' '_citation.journal_id_ISSN'           
5  2 'Structure model' '_citation.journal_volume'            
6  2 'Structure model' '_citation.page_first'                
7  2 'Structure model' '_citation.page_last'                 
8  2 'Structure model' '_citation.pdbx_database_id_DOI'      
9  2 'Structure model' '_citation.pdbx_database_id_PubMed'   
10 2 'Structure model' '_citation.title'                     
11 2 'Structure model' '_citation.year'                      
12 2 'Structure model' '_database_2.pdbx_DOI'                
13 2 'Structure model' '_database_2.pdbx_database_accession' 
# 
loop_
_software.citation_id 
_software.classification 
_software.compiler_name 
_software.compiler_version 
_software.contact_author 
_software.contact_author_email 
_software.date 
_software.description 
_software.dependencies 
_software.hardware 
_software.language 
_software.location 
_software.mods 
_software.name 
_software.os 
_software.os_version 
_software.type 
_software.version 
_software.pdbx_ordinal 
? 'data reduction'  ? ? ? ? ? ? ? ? ? ? ? HKL-2000    ? ? ? .           1 
? 'data scaling'    ? ? ? ? ? ? ? ? ? ? ? HKL-2000    ? ? ? .           2 
? refinement        ? ? ? ? ? ? ? ? ? ? ? PHENIX      ? ? ? 1.11.1_2575 3 
? 'data extraction' ? ? ? ? ? ? ? ? ? ? ? PDB_EXTRACT ? ? ? 3.25        4 
? phasing           ? ? ? ? ? ? ? ? ? ? ? PHASER      ? ? ? .           5 
# 
_pdbx_entry_details.entry_id                 6WR3 
_pdbx_entry_details.has_ligand_of_interest   N 
_pdbx_entry_details.compound_details         ? 
_pdbx_entry_details.source_details           ? 
_pdbx_entry_details.nonpolymer_details       ? 
_pdbx_entry_details.sequence_details         ? 
# 
_pdbx_validate_rmsd_angle.id                         1 
_pdbx_validate_rmsd_angle.PDB_model_num              1 
_pdbx_validate_rmsd_angle.auth_atom_id_1             "O4'" 
_pdbx_validate_rmsd_angle.auth_asym_id_1             C 
_pdbx_validate_rmsd_angle.auth_comp_id_1             DT 
_pdbx_validate_rmsd_angle.auth_seq_id_1              3 
_pdbx_validate_rmsd_angle.PDB_ins_code_1             ? 
_pdbx_validate_rmsd_angle.label_alt_id_1             ? 
_pdbx_validate_rmsd_angle.auth_atom_id_2             "C1'" 
_pdbx_validate_rmsd_angle.auth_asym_id_2             C 
_pdbx_validate_rmsd_angle.auth_comp_id_2             DT 
_pdbx_validate_rmsd_angle.auth_seq_id_2              3 
_pdbx_validate_rmsd_angle.PDB_ins_code_2             ? 
_pdbx_validate_rmsd_angle.label_alt_id_2             ? 
_pdbx_validate_rmsd_angle.auth_atom_id_3             N1 
_pdbx_validate_rmsd_angle.auth_asym_id_3             C 
_pdbx_validate_rmsd_angle.auth_comp_id_3             DT 
_pdbx_validate_rmsd_angle.auth_seq_id_3              3 
_pdbx_validate_rmsd_angle.PDB_ins_code_3             ? 
_pdbx_validate_rmsd_angle.label_alt_id_3             ? 
_pdbx_validate_rmsd_angle.angle_value                110.23 
_pdbx_validate_rmsd_angle.angle_target_value         108.30 
_pdbx_validate_rmsd_angle.angle_deviation            1.93 
_pdbx_validate_rmsd_angle.angle_standard_deviation   0.30 
_pdbx_validate_rmsd_angle.linker_flag                N 
# 
loop_
_pdbx_unobs_or_zero_occ_atoms.id 
_pdbx_unobs_or_zero_occ_atoms.PDB_model_num 
_pdbx_unobs_or_zero_occ_atoms.polymer_flag 
_pdbx_unobs_or_zero_occ_atoms.occupancy_flag 
_pdbx_unobs_or_zero_occ_atoms.auth_asym_id 
_pdbx_unobs_or_zero_occ_atoms.auth_comp_id 
_pdbx_unobs_or_zero_occ_atoms.auth_seq_id 
_pdbx_unobs_or_zero_occ_atoms.PDB_ins_code 
_pdbx_unobs_or_zero_occ_atoms.auth_atom_id 
_pdbx_unobs_or_zero_occ_atoms.label_alt_id 
_pdbx_unobs_or_zero_occ_atoms.label_asym_id 
_pdbx_unobs_or_zero_occ_atoms.label_comp_id 
_pdbx_unobs_or_zero_occ_atoms.label_seq_id 
_pdbx_unobs_or_zero_occ_atoms.label_atom_id 
1  1 N 1 B CAC 101 ? O1 ? E CAC 1 O1 
2  1 N 1 B CAC 101 ? O2 ? E CAC 1 O2 
3  1 N 1 B CAC 101 ? C1 ? E CAC 1 C1 
4  1 N 1 B CAC 101 ? C2 ? E CAC 1 C2 
5  1 N 1 C CAC 101 ? O1 ? F CAC 1 O1 
6  1 N 1 C CAC 101 ? O2 ? F CAC 1 O2 
7  1 N 1 C CAC 101 ? C1 ? F CAC 1 C1 
8  1 N 1 C CAC 101 ? C2 ? F CAC 1 C2 
9  1 N 1 D CAC 101 ? O1 ? G CAC 1 O1 
10 1 N 1 D CAC 101 ? O2 ? G CAC 1 O2 
11 1 N 1 D CAC 101 ? C1 ? G CAC 1 C1 
12 1 N 1 D CAC 101 ? C2 ? G CAC 1 C2 
# 
loop_
_chem_comp_atom.comp_id 
_chem_comp_atom.atom_id 
_chem_comp_atom.type_symbol 
_chem_comp_atom.pdbx_aromatic_flag 
_chem_comp_atom.pdbx_stereo_config 
_chem_comp_atom.pdbx_ordinal 
CAC AS     AS N N 1   
CAC O1     O  N N 2   
CAC O2     O  N N 3   
CAC C1     C  N N 4   
CAC C2     C  N N 5   
CAC H11    H  N N 6   
CAC H12    H  N N 7   
CAC H13    H  N N 8   
CAC H21    H  N N 9   
CAC H22    H  N N 10  
CAC H23    H  N N 11  
DA  OP3    O  N N 12  
DA  P      P  N N 13  
DA  OP1    O  N N 14  
DA  OP2    O  N N 15  
DA  "O5'"  O  N N 16  
DA  "C5'"  C  N N 17  
DA  "C4'"  C  N R 18  
DA  "O4'"  O  N N 19  
DA  "C3'"  C  N S 20  
DA  "O3'"  O  N N 21  
DA  "C2'"  C  N N 22  
DA  "C1'"  C  N R 23  
DA  N9     N  Y N 24  
DA  C8     C  Y N 25  
DA  N7     N  Y N 26  
DA  C5     C  Y N 27  
DA  C6     C  Y N 28  
DA  N6     N  N N 29  
DA  N1     N  Y N 30  
DA  C2     C  Y N 31  
DA  N3     N  Y N 32  
DA  C4     C  Y N 33  
DA  HOP3   H  N N 34  
DA  HOP2   H  N N 35  
DA  "H5'"  H  N N 36  
DA  "H5''" H  N N 37  
DA  "H4'"  H  N N 38  
DA  "H3'"  H  N N 39  
DA  "HO3'" H  N N 40  
DA  "H2'"  H  N N 41  
DA  "H2''" H  N N 42  
DA  "H1'"  H  N N 43  
DA  H8     H  N N 44  
DA  H61    H  N N 45  
DA  H62    H  N N 46  
DA  H2     H  N N 47  
DC  OP3    O  N N 48  
DC  P      P  N N 49  
DC  OP1    O  N N 50  
DC  OP2    O  N N 51  
DC  "O5'"  O  N N 52  
DC  "C5'"  C  N N 53  
DC  "C4'"  C  N R 54  
DC  "O4'"  O  N N 55  
DC  "C3'"  C  N S 56  
DC  "O3'"  O  N N 57  
DC  "C2'"  C  N N 58  
DC  "C1'"  C  N R 59  
DC  N1     N  N N 60  
DC  C2     C  N N 61  
DC  O2     O  N N 62  
DC  N3     N  N N 63  
DC  C4     C  N N 64  
DC  N4     N  N N 65  
DC  C5     C  N N 66  
DC  C6     C  N N 67  
DC  HOP3   H  N N 68  
DC  HOP2   H  N N 69  
DC  "H5'"  H  N N 70  
DC  "H5''" H  N N 71  
DC  "H4'"  H  N N 72  
DC  "H3'"  H  N N 73  
DC  "HO3'" H  N N 74  
DC  "H2'"  H  N N 75  
DC  "H2''" H  N N 76  
DC  "H1'"  H  N N 77  
DC  H41    H  N N 78  
DC  H42    H  N N 79  
DC  H5     H  N N 80  
DC  H6     H  N N 81  
DG  OP3    O  N N 82  
DG  P      P  N N 83  
DG  OP1    O  N N 84  
DG  OP2    O  N N 85  
DG  "O5'"  O  N N 86  
DG  "C5'"  C  N N 87  
DG  "C4'"  C  N R 88  
DG  "O4'"  O  N N 89  
DG  "C3'"  C  N S 90  
DG  "O3'"  O  N N 91  
DG  "C2'"  C  N N 92  
DG  "C1'"  C  N R 93  
DG  N9     N  Y N 94  
DG  C8     C  Y N 95  
DG  N7     N  Y N 96  
DG  C5     C  Y N 97  
DG  C6     C  N N 98  
DG  O6     O  N N 99  
DG  N1     N  N N 100 
DG  C2     C  N N 101 
DG  N2     N  N N 102 
DG  N3     N  N N 103 
DG  C4     C  Y N 104 
DG  HOP3   H  N N 105 
DG  HOP2   H  N N 106 
DG  "H5'"  H  N N 107 
DG  "H5''" H  N N 108 
DG  "H4'"  H  N N 109 
DG  "H3'"  H  N N 110 
DG  "HO3'" H  N N 111 
DG  "H2'"  H  N N 112 
DG  "H2''" H  N N 113 
DG  "H1'"  H  N N 114 
DG  H8     H  N N 115 
DG  H1     H  N N 116 
DG  H21    H  N N 117 
DG  H22    H  N N 118 
DT  OP3    O  N N 119 
DT  P      P  N N 120 
DT  OP1    O  N N 121 
DT  OP2    O  N N 122 
DT  "O5'"  O  N N 123 
DT  "C5'"  C  N N 124 
DT  "C4'"  C  N R 125 
DT  "O4'"  O  N N 126 
DT  "C3'"  C  N S 127 
DT  "O3'"  O  N N 128 
DT  "C2'"  C  N N 129 
DT  "C1'"  C  N R 130 
DT  N1     N  N N 131 
DT  C2     C  N N 132 
DT  O2     O  N N 133 
DT  N3     N  N N 134 
DT  C4     C  N N 135 
DT  O4     O  N N 136 
DT  C5     C  N N 137 
DT  C7     C  N N 138 
DT  C6     C  N N 139 
DT  HOP3   H  N N 140 
DT  HOP2   H  N N 141 
DT  "H5'"  H  N N 142 
DT  "H5''" H  N N 143 
DT  "H4'"  H  N N 144 
DT  "H3'"  H  N N 145 
DT  "HO3'" H  N N 146 
DT  "H2'"  H  N N 147 
DT  "H2''" H  N N 148 
DT  "H1'"  H  N N 149 
DT  H3     H  N N 150 
DT  H71    H  N N 151 
DT  H72    H  N N 152 
DT  H73    H  N N 153 
DT  H6     H  N N 154 
# 
loop_
_chem_comp_bond.comp_id 
_chem_comp_bond.atom_id_1 
_chem_comp_bond.atom_id_2 
_chem_comp_bond.value_order 
_chem_comp_bond.pdbx_aromatic_flag 
_chem_comp_bond.pdbx_stereo_config 
_chem_comp_bond.pdbx_ordinal 
CAC AS    O1     doub N N 1   
CAC AS    O2     sing N N 2   
CAC AS    C1     sing N N 3   
CAC AS    C2     sing N N 4   
CAC C1    H11    sing N N 5   
CAC C1    H12    sing N N 6   
CAC C1    H13    sing N N 7   
CAC C2    H21    sing N N 8   
CAC C2    H22    sing N N 9   
CAC C2    H23    sing N N 10  
DA  OP3   P      sing N N 11  
DA  OP3   HOP3   sing N N 12  
DA  P     OP1    doub N N 13  
DA  P     OP2    sing N N 14  
DA  P     "O5'"  sing N N 15  
DA  OP2   HOP2   sing N N 16  
DA  "O5'" "C5'"  sing N N 17  
DA  "C5'" "C4'"  sing N N 18  
DA  "C5'" "H5'"  sing N N 19  
DA  "C5'" "H5''" sing N N 20  
DA  "C4'" "O4'"  sing N N 21  
DA  "C4'" "C3'"  sing N N 22  
DA  "C4'" "H4'"  sing N N 23  
DA  "O4'" "C1'"  sing N N 24  
DA  "C3'" "O3'"  sing N N 25  
DA  "C3'" "C2'"  sing N N 26  
DA  "C3'" "H3'"  sing N N 27  
DA  "O3'" "HO3'" sing N N 28  
DA  "C2'" "C1'"  sing N N 29  
DA  "C2'" "H2'"  sing N N 30  
DA  "C2'" "H2''" sing N N 31  
DA  "C1'" N9     sing N N 32  
DA  "C1'" "H1'"  sing N N 33  
DA  N9    C8     sing Y N 34  
DA  N9    C4     sing Y N 35  
DA  C8    N7     doub Y N 36  
DA  C8    H8     sing N N 37  
DA  N7    C5     sing Y N 38  
DA  C5    C6     sing Y N 39  
DA  C5    C4     doub Y N 40  
DA  C6    N6     sing N N 41  
DA  C6    N1     doub Y N 42  
DA  N6    H61    sing N N 43  
DA  N6    H62    sing N N 44  
DA  N1    C2     sing Y N 45  
DA  C2    N3     doub Y N 46  
DA  C2    H2     sing N N 47  
DA  N3    C4     sing Y N 48  
DC  OP3   P      sing N N 49  
DC  OP3   HOP3   sing N N 50  
DC  P     OP1    doub N N 51  
DC  P     OP2    sing N N 52  
DC  P     "O5'"  sing N N 53  
DC  OP2   HOP2   sing N N 54  
DC  "O5'" "C5'"  sing N N 55  
DC  "C5'" "C4'"  sing N N 56  
DC  "C5'" "H5'"  sing N N 57  
DC  "C5'" "H5''" sing N N 58  
DC  "C4'" "O4'"  sing N N 59  
DC  "C4'" "C3'"  sing N N 60  
DC  "C4'" "H4'"  sing N N 61  
DC  "O4'" "C1'"  sing N N 62  
DC  "C3'" "O3'"  sing N N 63  
DC  "C3'" "C2'"  sing N N 64  
DC  "C3'" "H3'"  sing N N 65  
DC  "O3'" "HO3'" sing N N 66  
DC  "C2'" "C1'"  sing N N 67  
DC  "C2'" "H2'"  sing N N 68  
DC  "C2'" "H2''" sing N N 69  
DC  "C1'" N1     sing N N 70  
DC  "C1'" "H1'"  sing N N 71  
DC  N1    C2     sing N N 72  
DC  N1    C6     sing N N 73  
DC  C2    O2     doub N N 74  
DC  C2    N3     sing N N 75  
DC  N3    C4     doub N N 76  
DC  C4    N4     sing N N 77  
DC  C4    C5     sing N N 78  
DC  N4    H41    sing N N 79  
DC  N4    H42    sing N N 80  
DC  C5    C6     doub N N 81  
DC  C5    H5     sing N N 82  
DC  C6    H6     sing N N 83  
DG  OP3   P      sing N N 84  
DG  OP3   HOP3   sing N N 85  
DG  P     OP1    doub N N 86  
DG  P     OP2    sing N N 87  
DG  P     "O5'"  sing N N 88  
DG  OP2   HOP2   sing N N 89  
DG  "O5'" "C5'"  sing N N 90  
DG  "C5'" "C4'"  sing N N 91  
DG  "C5'" "H5'"  sing N N 92  
DG  "C5'" "H5''" sing N N 93  
DG  "C4'" "O4'"  sing N N 94  
DG  "C4'" "C3'"  sing N N 95  
DG  "C4'" "H4'"  sing N N 96  
DG  "O4'" "C1'"  sing N N 97  
DG  "C3'" "O3'"  sing N N 98  
DG  "C3'" "C2'"  sing N N 99  
DG  "C3'" "H3'"  sing N N 100 
DG  "O3'" "HO3'" sing N N 101 
DG  "C2'" "C1'"  sing N N 102 
DG  "C2'" "H2'"  sing N N 103 
DG  "C2'" "H2''" sing N N 104 
DG  "C1'" N9     sing N N 105 
DG  "C1'" "H1'"  sing N N 106 
DG  N9    C8     sing Y N 107 
DG  N9    C4     sing Y N 108 
DG  C8    N7     doub Y N 109 
DG  C8    H8     sing N N 110 
DG  N7    C5     sing Y N 111 
DG  C5    C6     sing N N 112 
DG  C5    C4     doub Y N 113 
DG  C6    O6     doub N N 114 
DG  C6    N1     sing N N 115 
DG  N1    C2     sing N N 116 
DG  N1    H1     sing N N 117 
DG  C2    N2     sing N N 118 
DG  C2    N3     doub N N 119 
DG  N2    H21    sing N N 120 
DG  N2    H22    sing N N 121 
DG  N3    C4     sing N N 122 
DT  OP3   P      sing N N 123 
DT  OP3   HOP3   sing N N 124 
DT  P     OP1    doub N N 125 
DT  P     OP2    sing N N 126 
DT  P     "O5'"  sing N N 127 
DT  OP2   HOP2   sing N N 128 
DT  "O5'" "C5'"  sing N N 129 
DT  "C5'" "C4'"  sing N N 130 
DT  "C5'" "H5'"  sing N N 131 
DT  "C5'" "H5''" sing N N 132 
DT  "C4'" "O4'"  sing N N 133 
DT  "C4'" "C3'"  sing N N 134 
DT  "C4'" "H4'"  sing N N 135 
DT  "O4'" "C1'"  sing N N 136 
DT  "C3'" "O3'"  sing N N 137 
DT  "C3'" "C2'"  sing N N 138 
DT  "C3'" "H3'"  sing N N 139 
DT  "O3'" "HO3'" sing N N 140 
DT  "C2'" "C1'"  sing N N 141 
DT  "C2'" "H2'"  sing N N 142 
DT  "C2'" "H2''" sing N N 143 
DT  "C1'" N1     sing N N 144 
DT  "C1'" "H1'"  sing N N 145 
DT  N1    C2     sing N N 146 
DT  N1    C6     sing N N 147 
DT  C2    O2     doub N N 148 
DT  C2    N3     sing N N 149 
DT  N3    C4     sing N N 150 
DT  N3    H3     sing N N 151 
DT  C4    O4     doub N N 152 
DT  C4    C5     sing N N 153 
DT  C5    C7     sing N N 154 
DT  C5    C6     doub N N 155 
DT  C7    H71    sing N N 156 
DT  C7    H72    sing N N 157 
DT  C7    H73    sing N N 158 
DT  C6    H6     sing N N 159 
# 
loop_
_ndb_struct_conf_na.entry_id 
_ndb_struct_conf_na.feature 
6WR3 'double helix'        
6WR3 'a-form double helix' 
6WR3 'b-form double helix' 
# 
loop_
_ndb_struct_na_base_pair.model_number 
_ndb_struct_na_base_pair.i_label_asym_id 
_ndb_struct_na_base_pair.i_label_comp_id 
_ndb_struct_na_base_pair.i_label_seq_id 
_ndb_struct_na_base_pair.i_symmetry 
_ndb_struct_na_base_pair.j_label_asym_id 
_ndb_struct_na_base_pair.j_label_comp_id 
_ndb_struct_na_base_pair.j_label_seq_id 
_ndb_struct_na_base_pair.j_symmetry 
_ndb_struct_na_base_pair.shear 
_ndb_struct_na_base_pair.stretch 
_ndb_struct_na_base_pair.stagger 
_ndb_struct_na_base_pair.buckle 
_ndb_struct_na_base_pair.propeller 
_ndb_struct_na_base_pair.opening 
_ndb_struct_na_base_pair.pair_number 
_ndb_struct_na_base_pair.pair_name 
_ndb_struct_na_base_pair.i_auth_asym_id 
_ndb_struct_na_base_pair.i_auth_seq_id 
_ndb_struct_na_base_pair.i_PDB_ins_code 
_ndb_struct_na_base_pair.j_auth_asym_id 
_ndb_struct_na_base_pair.j_auth_seq_id 
_ndb_struct_na_base_pair.j_PDB_ins_code 
_ndb_struct_na_base_pair.hbond_type_28 
_ndb_struct_na_base_pair.hbond_type_12 
1 A DG 3  1_555 D DC 7 1_555 -0.140 -0.220 0.712  0.370  -6.462 -1.709 1  A_DG3:DC16_D A 3  ? D 16 ? 19 1 
1 A DC 4  1_555 D DG 6 1_555 0.122  -0.082 0.442  -4.561 -5.913 -4.900 2  A_DC4:DG15_D A 4  ? D 15 ? 19 1 
1 A DA 5  1_555 D DT 5 1_555 0.058  -0.117 -0.184 -2.893 -7.395 -1.452 3  A_DA5:DT14_D A 5  ? D 14 ? 20 1 
1 A DG 6  1_555 D DC 4 1_555 -0.199 -0.156 -0.461 -2.354 -6.058 1.690  4  A_DG6:DC13_D A 6  ? D 13 ? 19 1 
1 A DA 7  1_555 D DT 3 1_555 0.131  -0.197 -0.933 -8.194 -5.167 -0.042 5  A_DA7:DT12_D A 7  ? D 12 ? 20 1 
1 A DC 8  1_555 D DG 2 1_555 0.199  -0.143 -0.424 -2.516 -1.996 1.626  6  A_DC8:DG11_D A 8  ? D 11 ? 19 1 
1 A DG 9  1_555 D DC 1 1_555 -0.213 -0.118 0.123  -2.104 -3.850 -0.355 7  A_DG9:DC10_D A 9  ? D 10 ? 19 1 
1 A DT 10 1_555 B DA 5 1_555 -0.079 -0.148 -0.195 -1.091 -3.800 0.485  8  A_DT10:DA5_B A 10 ? B 5  ? 20 1 
1 A DG 11 1_555 B DC 4 1_555 -0.209 -0.149 0.007  1.443  -4.602 0.289  9  A_DG11:DC4_B A 11 ? B 4  ? 19 1 
1 A DA 12 1_555 B DT 3 1_555 0.138  -0.051 0.264  2.659  -3.506 -3.966 10 A_DA12:DT3_B A 12 ? B 3  ? 20 1 
1 A DC 13 1_555 B DG 2 1_555 0.111  -0.227 0.684  1.318  -9.235 -3.256 11 A_DC13:DG2_B A 13 ? B 2  ? 19 1 
1 A DA 14 1_555 B DT 1 1_555 0.127  -0.113 0.036  1.018  -3.051 -3.378 12 A_DA14:DT1_B A 14 ? B 1  ? 20 1 
1 A DC 15 1_555 C DG 9 1_555 0.186  -0.112 -0.014 -1.998 -1.253 0.748  13 A_DC15:DG9_C A 15 ? C 9  ? 19 1 
1 A DC 16 1_555 C DG 8 1_555 0.162  -0.208 0.883  -3.049 -2.125 -1.053 14 A_DC16:DG8_C A 16 ? C 8  ? 19 1 
1 A DA 17 1_555 C DT 7 1_555 0.110  -0.124 0.474  3.991  -3.576 -7.627 15 A_DA17:DT7_C A 17 ? C 7  ? 20 1 
1 A DC 18 1_555 C DG 6 1_555 0.147  -0.127 0.416  0.593  -5.961 -3.083 16 A_DC18:DG6_C A 18 ? C 6  ? 19 1 
1 A DT 19 1_555 C DA 5 1_555 -0.214 -0.072 0.238  -0.303 -8.179 -6.504 17 A_DT19:DA5_C A 19 ? C 5  ? 20 1 
1 A DC 20 1_555 C DG 4 1_555 0.181  -0.118 0.229  3.134  -3.693 1.733  18 A_DC20:DG4_C A 20 ? C 4  ? 19 1 
1 A DA 21 1_555 C DT 3 1_555 0.078  -0.103 -0.360 -0.956 -6.220 1.243  19 A_DA21:DT3_C A 21 ? C 3  ? 20 1 
# 
loop_
_ndb_struct_na_base_pair_step.model_number 
_ndb_struct_na_base_pair_step.i_label_asym_id_1 
_ndb_struct_na_base_pair_step.i_label_comp_id_1 
_ndb_struct_na_base_pair_step.i_label_seq_id_1 
_ndb_struct_na_base_pair_step.i_symmetry_1 
_ndb_struct_na_base_pair_step.j_label_asym_id_1 
_ndb_struct_na_base_pair_step.j_label_comp_id_1 
_ndb_struct_na_base_pair_step.j_label_seq_id_1 
_ndb_struct_na_base_pair_step.j_symmetry_1 
_ndb_struct_na_base_pair_step.i_label_asym_id_2 
_ndb_struct_na_base_pair_step.i_label_comp_id_2 
_ndb_struct_na_base_pair_step.i_label_seq_id_2 
_ndb_struct_na_base_pair_step.i_symmetry_2 
_ndb_struct_na_base_pair_step.j_label_asym_id_2 
_ndb_struct_na_base_pair_step.j_label_comp_id_2 
_ndb_struct_na_base_pair_step.j_label_seq_id_2 
_ndb_struct_na_base_pair_step.j_symmetry_2 
_ndb_struct_na_base_pair_step.shift 
_ndb_struct_na_base_pair_step.slide 
_ndb_struct_na_base_pair_step.rise 
_ndb_struct_na_base_pair_step.tilt 
_ndb_struct_na_base_pair_step.roll 
_ndb_struct_na_base_pair_step.twist 
_ndb_struct_na_base_pair_step.x_displacement 
_ndb_struct_na_base_pair_step.y_displacement 
_ndb_struct_na_base_pair_step.helical_rise 
_ndb_struct_na_base_pair_step.inclination 
_ndb_struct_na_base_pair_step.tip 
_ndb_struct_na_base_pair_step.helical_twist 
_ndb_struct_na_base_pair_step.step_number 
_ndb_struct_na_base_pair_step.step_name 
_ndb_struct_na_base_pair_step.i_auth_asym_id_1 
_ndb_struct_na_base_pair_step.i_auth_seq_id_1 
_ndb_struct_na_base_pair_step.i_PDB_ins_code_1 
_ndb_struct_na_base_pair_step.j_auth_asym_id_1 
_ndb_struct_na_base_pair_step.j_auth_seq_id_1 
_ndb_struct_na_base_pair_step.j_PDB_ins_code_1 
_ndb_struct_na_base_pair_step.i_auth_asym_id_2 
_ndb_struct_na_base_pair_step.i_auth_seq_id_2 
_ndb_struct_na_base_pair_step.i_PDB_ins_code_2 
_ndb_struct_na_base_pair_step.j_auth_asym_id_2 
_ndb_struct_na_base_pair_step.j_auth_seq_id_2 
_ndb_struct_na_base_pair_step.j_PDB_ins_code_2 
1 A DG 3  1_555 D DC 7 1_555 A DC 4  1_555 D DG 6 1_555 -0.363 -0.716 3.249 1.788  0.586  36.350 -1.227 0.827  3.217 0.939  -2.864 
36.397 1  AA_DG3DC4:DG15DC16_DD A 3  ? D 16 ? A 4  ? D 15 ? 
1 A DC 4  1_555 D DG 6 1_555 A DA 5  1_555 D DT 5 1_555 -0.479 1.118  3.571 -3.260 2.022  38.863 1.403  0.282  3.649 3.030  4.885  
39.045 2  AA_DC4DA5:DT14DG15_DD A 4  ? D 15 ? A 5  ? D 14 ? 
1 A DA 5  1_555 D DT 5 1_555 A DG 6  1_555 D DC 4 1_555 -0.407 -0.175 3.204 -0.966 0.488  27.533 -0.484 0.622  3.213 1.024  2.030  
27.554 3  AA_DA5DG6:DC13DT14_DD A 5  ? D 14 ? A 6  ? D 13 ? 
1 A DG 6  1_555 D DC 4 1_555 A DA 7  1_555 D DT 3 1_555 -0.420 -0.589 3.573 -3.087 -0.446 39.785 -0.806 0.224  3.601 -0.654 4.528  
39.902 4  AA_DG6DA7:DT12DC13_DD A 6  ? D 13 ? A 7  ? D 12 ? 
1 A DA 7  1_555 D DT 3 1_555 A DC 8  1_555 D DG 2 1_555 0.504  -0.659 3.191 -6.770 -1.139 34.326 -0.931 -1.824 3.059 -1.906 11.331 
34.986 5  AA_DA7DC8:DG11DT12_DD A 7  ? D 12 ? A 8  ? D 11 ? 
1 A DC 8  1_555 D DG 2 1_555 A DG 9  1_555 D DC 1 1_555 -0.542 -1.174 3.112 -6.558 4.952  32.905 -2.765 -0.064 2.960 8.576  11.357 
33.888 6  AA_DC8DG9:DC10DG11_DD A 8  ? D 11 ? A 9  ? D 10 ? 
1 A DG 9  1_555 D DC 1 1_555 A DT 10 1_555 B DA 5 1_555 -0.939 -1.463 3.240 0.925  1.481  24.779 -3.835 2.453  3.112 3.446  -2.153 
24.839 7  AA_DG9DT10:DA5DC10_BD A 9  ? D 10 ? A 10 ? B 5  ? 
1 A DT 10 1_555 B DA 5 1_555 A DG 11 1_555 B DC 4 1_555 -0.813 1.156  3.364 -1.742 6.079  34.309 0.947  1.075  3.547 10.197 2.923  
34.870 8  AA_DT10DG11:DC4DA5_BB A 10 ? B 5  ? A 11 ? B 4  ? 
1 A DG 11 1_555 B DC 4 1_555 A DA 12 1_555 B DT 3 1_555 0.482  -0.563 3.132 -3.255 -2.962 38.390 -0.502 -1.113 3.115 -4.487 4.930  
38.632 9  AA_DG11DA12:DT3DC4_BB A 11 ? B 4  ? A 12 ? B 3  ? 
1 A DA 12 1_555 B DT 3 1_555 A DC 13 1_555 B DG 2 1_555 0.818  -1.114 3.258 -4.037 -2.292 30.409 -1.654 -2.327 3.199 -4.338 7.640  
30.753 10 AA_DA12DC13:DG2DT3_BB A 12 ? B 3  ? A 13 ? B 2  ? 
1 A DC 13 1_555 B DG 2 1_555 A DA 14 1_555 B DT 1 1_555 -0.468 -1.212 2.974 0.246  3.287  37.788 -2.241 0.748  2.860 5.064  -0.379 
37.927 11 AA_DC13DA14:DT1DG2_BB A 13 ? B 2  ? A 14 ? B 1  ? 
1 A DA 14 1_555 B DT 1 1_555 A DC 15 1_555 C DG 9 1_555 -0.808 -1.290 3.290 -1.390 0.867  28.346 -2.831 1.325  3.285 1.769  2.836  
28.392 12 AA_DA14DC15:DG9DT1_CB A 14 ? B 1  ? A 15 ? C 9  ? 
1 A DC 15 1_555 C DG 9 1_555 A DC 16 1_555 C DG 8 1_555 -0.531 0.071  3.697 -1.846 -0.899 27.333 0.401  0.602  3.720 -1.899 3.900  
27.408 13 AA_DC15DC16:DG8DG9_CC A 15 ? C 9  ? A 16 ? C 8  ? 
1 A DC 16 1_555 C DG 8 1_555 A DA 17 1_555 C DT 7 1_555 -0.544 0.350  3.039 1.879  1.802  43.548 0.311  0.900  3.026 2.427  -2.530 
43.622 14 AA_DC16DA17:DT7DG8_CC A 16 ? C 8  ? A 17 ? C 7  ? 
1 A DA 17 1_555 C DT 7 1_555 A DC 18 1_555 C DG 6 1_555 0.452  -0.909 3.345 -1.948 0.316  32.804 -1.661 -1.137 3.305 0.558  3.445  
32.862 15 AA_DA17DC18:DG6DT7_CC A 17 ? C 7  ? A 18 ? C 6  ? 
1 A DC 18 1_555 C DG 6 1_555 A DT 19 1_555 C DA 5 1_555 -0.600 -0.890 3.257 -0.255 -1.163 31.062 -1.438 1.071  3.293 -2.171 0.477  
31.084 16 AA_DC18DT19:DA5DG6_CC A 18 ? C 6  ? A 19 ? C 5  ? 
1 A DT 19 1_555 C DA 5 1_555 A DC 20 1_555 C DG 4 1_555 1.076  0.732  3.520 2.777  2.645  37.875 0.755  -1.265 3.629 4.062  -4.265 
38.061 17 AA_DT19DC20:DG4DA5_CC A 19 ? C 5  ? A 20 ? C 4  ? 
1 A DC 20 1_555 C DG 4 1_555 A DA 21 1_555 C DT 3 1_555 -0.313 1.575  3.480 0.202  -0.842 37.133 2.591  0.519  3.443 -1.322 -0.317 
37.143 18 AA_DC20DA21:DT3DG4_CC A 20 ? C 4  ? A 21 ? C 3  ? 
# 
loop_
_pdbx_audit_support.funding_organization 
_pdbx_audit_support.country 
_pdbx_audit_support.grant_number 
_pdbx_audit_support.ordinal 
'National Science Foundation (NSF, United States)'                                         'United States' 1360635     1 
'National Institutes of Health/National Institute of General Medical Sciences (NIH/NIGMS)' 'United States' R01GM104960 2 
'National Science Foundation (NSF, United States)'                                         'United States' NSF2004250  3 
# 
_pdbx_entity_nonpoly.entity_id   5 
_pdbx_entity_nonpoly.name        'CACODYLATE ION' 
_pdbx_entity_nonpoly.comp_id     CAC 
# 
_pdbx_initial_refinement_model.id               1 
_pdbx_initial_refinement_model.entity_id_list   ? 
_pdbx_initial_refinement_model.type             'experimental model' 
_pdbx_initial_refinement_model.source_name      PDB 
_pdbx_initial_refinement_model.accession_code   5KEK 
_pdbx_initial_refinement_model.details          ? 
# 
_pdbx_struct_assembly_auth_evidence.id                     1 
_pdbx_struct_assembly_auth_evidence.assembly_id            1 
_pdbx_struct_assembly_auth_evidence.experimental_support   none 
_pdbx_struct_assembly_auth_evidence.details                ? 
# 
